data_3UE9
#
_entry.id   3UE9
#
_cell.length_a   61.880
_cell.length_b   74.590
_cell.length_c   112.660
_cell.angle_alpha   109.350
_cell.angle_beta   90.010
_cell.angle_gamma   103.190
#
_symmetry.space_group_name_H-M   'P 1'
#
loop_
_entity.id
_entity.type
_entity.pdbx_description
1 polymer 'Adenylosuccinate synthetase'
2 non-polymer 'SODIUM ION'
3 non-polymer 'ACETATE ION'
4 non-polymer 'CALCIUM ION'
5 water water
#
_entity_poly.entity_id   1
_entity_poly.type   'polypeptide(L)'
_entity_poly.pdbx_seq_one_letter_code
;GPGSMSASAVNVTPGRNVVVVGTQWGDEGKGKIVDWLTDHAQGVVRFQGGHNAGHTLIIGGKKTILRLIPSGIMREGVAC
YIGNGVVLSPEALFKEIGELEEAGLSVRERLFISEATTLILPYHIAIDQAREARKGAGKIGTTGRGIGPAYEDKVGRRAL
RVQDLFDARTFADRLRENLDFHNFVLTQYLGGAAVDFQATLDTMLGYADRLRPMVADVSRRLYEENHAGRNLLFEGAQGT
LLDIDHGTYPFVTSSNCVAGAAAAGAGVGPQKLNYILGITKAYCTRVGSGPFPSELYDADNPSRQDQIGITLANVGKEFG
SVTGRPRRTGWLDAAALRRSIQINGVSGLCMTKLDVLDGLDEVKLCVGYKIDGEDADLLPRGAAEVARCEPVYETFGGWK
ESTVGINSWDALPANARAYLTRVQEVAGVPIDMVSTGPDRDETILLRHPFKV
;
_entity_poly.pdbx_strand_id   A,B,C,D
#
# COMPACT_ATOMS: atom_id res chain seq x y z
N THR A 13 -48.91 25.74 10.41
CA THR A 13 -47.90 26.79 10.74
C THR A 13 -47.08 27.10 9.51
N PRO A 14 -47.07 28.37 9.07
CA PRO A 14 -46.28 28.69 7.87
C PRO A 14 -44.82 28.16 7.93
N GLY A 15 -44.36 27.52 6.85
CA GLY A 15 -42.96 27.17 6.67
C GLY A 15 -42.54 25.96 7.48
N ARG A 16 -43.50 25.17 7.95
CA ARG A 16 -43.27 24.03 8.83
C ARG A 16 -43.29 22.73 8.03
N ASN A 17 -42.32 21.86 8.29
CA ASN A 17 -42.27 20.57 7.58
C ASN A 17 -42.41 19.39 8.52
N VAL A 18 -42.93 18.27 8.00
CA VAL A 18 -42.98 17.02 8.72
C VAL A 18 -42.15 15.97 7.95
N VAL A 19 -41.42 15.16 8.70
CA VAL A 19 -40.83 13.92 8.16
C VAL A 19 -41.63 12.71 8.64
N VAL A 20 -42.11 11.88 7.72
CA VAL A 20 -42.87 10.67 8.10
C VAL A 20 -41.95 9.48 7.85
N VAL A 21 -41.61 8.75 8.92
CA VAL A 21 -40.74 7.56 8.83
C VAL A 21 -41.38 6.38 9.52
N GLY A 22 -41.05 5.21 9.04
CA GLY A 22 -41.40 4.00 9.77
C GLY A 22 -40.40 3.74 10.89
N THR A 23 -40.88 3.43 12.09
CA THR A 23 -39.95 3.35 13.25
C THR A 23 -39.34 1.97 13.42
N GLN A 24 -39.82 1.00 12.61
CA GLN A 24 -39.47 -0.41 12.78
C GLN A 24 -38.71 -0.88 11.53
N TRP A 25 -39.02 -2.07 10.99
CA TRP A 25 -38.31 -2.53 9.80
C TRP A 25 -39.17 -2.52 8.56
N GLY A 26 -40.00 -1.53 8.37
CA GLY A 26 -40.83 -1.45 7.19
C GLY A 26 -42.21 -2.02 7.41
N ASP A 27 -43.10 -1.76 6.45
CA ASP A 27 -44.46 -2.32 6.47
C ASP A 27 -45.28 -1.85 7.66
N GLU A 28 -44.92 -0.70 8.20
CA GLU A 28 -45.62 -0.14 9.36
C GLU A 28 -47.00 0.39 9.01
N GLY A 29 -47.26 0.63 7.72
CA GLY A 29 -48.59 1.08 7.24
C GLY A 29 -48.61 2.60 7.03
N LYS A 30 -47.61 3.10 6.33
CA LYS A 30 -47.42 4.55 6.23
C LYS A 30 -48.49 5.19 5.31
N GLY A 31 -49.09 4.39 4.40
CA GLY A 31 -49.88 4.90 3.26
C GLY A 31 -51.03 5.83 3.65
N LYS A 32 -51.97 5.33 4.42
CA LYS A 32 -53.09 6.14 4.85
C LYS A 32 -52.61 7.48 5.42
N ILE A 33 -51.58 7.41 6.26
CA ILE A 33 -51.06 8.60 6.99
C ILE A 33 -50.37 9.63 6.12
N VAL A 34 -49.56 9.15 5.17
CA VAL A 34 -48.93 10.05 4.22
C VAL A 34 -50.01 10.83 3.46
N ASP A 35 -51.03 10.11 2.96
CA ASP A 35 -52.15 10.76 2.29
C ASP A 35 -52.80 11.78 3.23
N TRP A 36 -53.02 11.40 4.49
CA TRP A 36 -53.67 12.25 5.51
C TRP A 36 -52.89 13.53 5.74
N LEU A 37 -51.57 13.44 5.76
CA LEU A 37 -50.73 14.62 5.96
C LEU A 37 -50.56 15.45 4.67
N THR A 38 -50.67 14.77 3.52
CA THR A 38 -50.47 15.42 2.23
C THR A 38 -51.51 16.47 1.99
N ASP A 39 -52.66 16.36 2.66
CA ASP A 39 -53.70 17.42 2.63
C ASP A 39 -53.21 18.75 3.22
N HIS A 40 -52.11 18.75 3.96
CA HIS A 40 -51.60 20.02 4.52
C HIS A 40 -50.27 20.44 3.93
N ALA A 41 -49.81 19.73 2.90
CA ALA A 41 -48.47 20.00 2.36
C ALA A 41 -48.58 20.50 0.94
N GLN A 42 -47.69 21.40 0.56
CA GLN A 42 -47.61 21.87 -0.80
C GLN A 42 -46.52 21.14 -1.58
N GLY A 43 -45.68 20.37 -0.88
CA GLY A 43 -44.63 19.61 -1.53
C GLY A 43 -44.38 18.31 -0.80
N VAL A 44 -44.21 17.22 -1.53
CA VAL A 44 -43.87 15.93 -0.95
C VAL A 44 -42.53 15.43 -1.55
N VAL A 45 -41.61 14.97 -0.69
CA VAL A 45 -40.20 14.80 -1.04
C VAL A 45 -39.75 13.41 -0.65
N ARG A 46 -39.15 12.69 -1.60
CA ARG A 46 -38.48 11.42 -1.35
C ARG A 46 -37.02 11.80 -1.24
N PHE A 47 -36.32 11.23 -0.25
CA PHE A 47 -34.94 11.67 0.08
C PHE A 47 -33.95 10.51 0.15
N GLN A 48 -34.46 9.27 0.02
CA GLN A 48 -33.68 8.08 0.14
C GLN A 48 -34.37 6.89 -0.52
N GLY A 49 -33.59 5.88 -0.83
CA GLY A 49 -34.10 4.63 -1.35
C GLY A 49 -34.39 4.66 -2.83
N GLY A 50 -34.97 3.57 -3.32
CA GLY A 50 -35.33 3.46 -4.72
C GLY A 50 -36.79 3.21 -4.91
N HIS A 51 -37.07 2.22 -5.78
CA HIS A 51 -38.43 1.83 -6.08
C HIS A 51 -38.75 0.55 -5.35
N ASN A 52 -38.59 0.60 -4.05
CA ASN A 52 -38.66 -0.59 -3.19
C ASN A 52 -39.95 -0.55 -2.36
N HIS A 55 -47.32 1.82 -2.16
CA HIS A 55 -48.40 2.77 -1.92
C HIS A 55 -49.42 2.61 -3.00
N THR A 56 -50.65 2.26 -2.64
CA THR A 56 -51.72 2.02 -3.63
C THR A 56 -52.76 3.14 -3.64
N GLY A 61 -60.73 6.20 -11.86
CA GLY A 61 -60.94 5.23 -10.77
C GLY A 61 -60.26 3.89 -11.03
N LYS A 62 -58.97 3.95 -11.34
CA LYS A 62 -58.15 2.78 -11.65
C LYS A 62 -57.11 2.57 -10.55
N LYS A 63 -56.89 1.31 -10.14
CA LYS A 63 -55.91 0.97 -9.10
C LYS A 63 -54.50 1.12 -9.62
N THR A 64 -53.69 1.91 -8.93
CA THR A 64 -52.31 2.23 -9.35
C THR A 64 -51.35 2.08 -8.15
N ILE A 65 -50.21 1.39 -8.34
CA ILE A 65 -49.21 1.21 -7.27
C ILE A 65 -47.91 2.05 -7.52
N LEU A 66 -47.56 2.90 -6.55
CA LEU A 66 -46.41 3.81 -6.66
C LEU A 66 -45.29 3.37 -5.73
N ARG A 67 -44.10 3.29 -6.28
CA ARG A 67 -42.95 2.89 -5.51
C ARG A 67 -41.91 3.97 -5.48
N LEU A 68 -41.95 4.88 -6.46
CA LEU A 68 -40.89 5.86 -6.64
C LEU A 68 -41.46 7.24 -6.52
N ILE A 69 -42.50 7.51 -7.27
CA ILE A 69 -43.11 8.82 -7.23
C ILE A 69 -43.78 9.10 -5.89
N PRO A 70 -43.40 10.23 -5.25
CA PRO A 70 -44.05 10.63 -4.01
C PRO A 70 -45.54 10.56 -4.09
N SER A 71 -46.13 10.28 -2.93
CA SER A 71 -47.51 9.86 -2.84
C SER A 71 -48.44 11.09 -3.01
N GLY A 72 -47.86 12.28 -2.80
CA GLY A 72 -48.55 13.56 -3.03
C GLY A 72 -49.13 13.79 -4.42
N ILE A 73 -48.60 13.05 -5.39
CA ILE A 73 -49.04 13.15 -6.75
C ILE A 73 -50.56 12.84 -6.83
N MET A 74 -51.12 12.16 -5.82
CA MET A 74 -52.58 11.86 -5.82
C MET A 74 -53.45 13.10 -5.59
N ARG A 75 -52.86 14.20 -5.13
CA ARG A 75 -53.58 15.43 -4.85
C ARG A 75 -53.18 16.56 -5.83
N GLU A 76 -54.18 17.11 -6.52
CA GLU A 76 -53.94 18.11 -7.57
C GLU A 76 -53.18 19.29 -6.99
N GLY A 77 -52.26 19.84 -7.76
CA GLY A 77 -51.54 21.03 -7.31
C GLY A 77 -50.47 20.81 -6.22
N VAL A 78 -50.16 19.55 -5.91
CA VAL A 78 -49.06 19.25 -5.01
C VAL A 78 -47.80 18.88 -5.81
N ALA A 79 -46.70 19.59 -5.56
CA ALA A 79 -45.41 19.32 -6.18
C ALA A 79 -44.75 18.09 -5.54
N CYS A 80 -44.15 17.25 -6.36
CA CYS A 80 -43.49 16.05 -5.91
C CYS A 80 -42.02 16.11 -6.30
N TYR A 81 -41.15 15.78 -5.34
CA TYR A 81 -39.72 15.99 -5.48
C TYR A 81 -39.03 14.68 -5.24
N ILE A 82 -38.15 14.32 -6.18
CA ILE A 82 -37.27 13.18 -6.02
C ILE A 82 -35.91 13.77 -5.70
N GLY A 83 -35.52 13.64 -4.43
CA GLY A 83 -34.29 14.24 -3.95
C GLY A 83 -33.01 13.59 -4.46
N ASN A 84 -31.91 14.30 -4.23
CA ASN A 84 -30.61 13.82 -4.66
C ASN A 84 -30.22 12.46 -4.04
N GLY A 85 -30.84 12.14 -2.90
CA GLY A 85 -30.45 10.97 -2.11
C GLY A 85 -31.09 9.68 -2.60
N VAL A 86 -32.03 9.83 -3.53
CA VAL A 86 -32.70 8.67 -4.16
C VAL A 86 -31.80 7.95 -5.20
N VAL A 87 -32.01 6.66 -5.41
CA VAL A 87 -31.45 6.00 -6.57
C VAL A 87 -32.60 5.67 -7.56
N LEU A 88 -32.44 6.14 -8.81
CA LEU A 88 -33.55 6.19 -9.76
C LEU A 88 -33.39 5.24 -10.95
N SER A 89 -34.29 4.29 -11.09
CA SER A 89 -34.44 3.52 -12.35
C SER A 89 -35.37 4.28 -13.30
N PRO A 90 -34.86 4.82 -14.42
CA PRO A 90 -35.76 5.50 -15.35
C PRO A 90 -36.88 4.59 -15.89
N GLU A 91 -36.60 3.33 -16.17
CA GLU A 91 -37.67 2.41 -16.56
C GLU A 91 -38.84 2.34 -15.54
N ALA A 92 -38.53 2.15 -14.25
CA ALA A 92 -39.58 2.11 -13.21
C ALA A 92 -40.32 3.44 -13.14
N LEU A 93 -39.56 4.55 -13.22
CA LEU A 93 -40.15 5.88 -13.25
C LEU A 93 -41.20 6.03 -14.35
N PHE A 94 -40.82 5.73 -15.59
CA PHE A 94 -41.69 5.94 -16.73
C PHE A 94 -42.83 4.98 -16.79
N LYS A 95 -42.64 3.81 -16.18
CA LYS A 95 -43.76 2.88 -16.03
C LYS A 95 -44.82 3.52 -15.11
N GLU A 96 -44.39 4.13 -13.99
CA GLU A 96 -45.34 4.74 -13.04
C GLU A 96 -46.02 5.95 -13.65
N ILE A 97 -45.23 6.82 -14.28
CA ILE A 97 -45.77 7.99 -14.94
C ILE A 97 -46.86 7.59 -15.93
N GLY A 98 -46.56 6.56 -16.73
CA GLY A 98 -47.48 6.05 -17.71
C GLY A 98 -48.78 5.60 -17.12
N GLU A 99 -48.72 4.80 -16.05
CA GLU A 99 -49.97 4.38 -15.34
C GLU A 99 -50.75 5.59 -14.80
N LEU A 100 -50.03 6.51 -14.15
CA LEU A 100 -50.63 7.74 -13.64
C LEU A 100 -51.38 8.50 -14.75
N GLU A 101 -50.72 8.73 -15.88
CA GLU A 101 -51.30 9.48 -17.00
C GLU A 101 -52.52 8.78 -17.58
N GLU A 102 -52.42 7.45 -17.71
CA GLU A 102 -53.55 6.61 -18.19
C GLU A 102 -54.77 6.73 -17.26
N ALA A 103 -54.55 7.01 -15.97
CA ALA A 103 -55.63 7.19 -15.00
C ALA A 103 -56.10 8.65 -14.94
N GLY A 104 -55.53 9.51 -15.78
CA GLY A 104 -56.04 10.88 -15.96
C GLY A 104 -55.29 11.96 -15.21
N LEU A 105 -54.25 11.61 -14.46
CA LEU A 105 -53.52 12.59 -13.64
C LEU A 105 -52.52 13.41 -14.48
N SER A 106 -52.30 14.66 -14.08
CA SER A 106 -51.24 15.50 -14.69
C SER A 106 -50.04 15.46 -13.78
N VAL A 107 -48.93 14.90 -14.28
CA VAL A 107 -47.83 14.53 -13.40
C VAL A 107 -46.54 15.28 -13.73
N ARG A 108 -46.18 15.30 -15.01
CA ARG A 108 -44.82 15.67 -15.36
C ARG A 108 -44.49 17.12 -15.04
N GLU A 109 -45.46 18.02 -15.12
CA GLU A 109 -45.16 19.41 -14.81
C GLU A 109 -44.98 19.69 -13.33
N ARG A 110 -45.35 18.74 -12.46
CA ARG A 110 -45.20 18.94 -11.03
C ARG A 110 -44.36 17.86 -10.34
N LEU A 111 -43.57 17.16 -11.13
CA LEU A 111 -42.62 16.18 -10.63
C LEU A 111 -41.21 16.74 -10.90
N PHE A 112 -40.44 16.87 -9.86
CA PHE A 112 -39.14 17.55 -9.97
C PHE A 112 -38.08 16.59 -9.52
N ILE A 113 -37.08 16.37 -10.37
CA ILE A 113 -36.12 15.30 -10.14
C ILE A 113 -34.76 15.92 -10.06
N SER A 114 -34.09 15.70 -8.95
CA SER A 114 -32.75 16.27 -8.71
C SER A 114 -31.79 15.92 -9.80
N GLU A 115 -31.04 16.92 -10.23
CA GLU A 115 -29.97 16.81 -11.20
CA GLU A 115 -30.04 16.71 -11.23
C GLU A 115 -28.93 15.82 -10.65
N ALA A 116 -28.86 15.73 -9.31
CA ALA A 116 -27.83 14.90 -8.68
C ALA A 116 -28.34 13.53 -8.20
N THR A 117 -29.61 13.19 -8.46
CA THR A 117 -30.09 11.80 -8.20
C THR A 117 -29.26 10.73 -8.92
N THR A 118 -28.91 9.66 -8.20
CA THR A 118 -28.02 8.64 -8.68
C THR A 118 -28.85 7.75 -9.57
N LEU A 119 -28.35 7.34 -10.73
CA LEU A 119 -29.09 6.40 -11.59
C LEU A 119 -28.85 4.96 -11.22
N ILE A 120 -29.89 4.13 -11.37
CA ILE A 120 -29.77 2.68 -11.48
C ILE A 120 -29.69 2.30 -12.97
N LEU A 121 -28.60 1.60 -13.29
CA LEU A 121 -28.31 1.13 -14.60
C LEU A 121 -28.50 -0.37 -14.67
N PRO A 122 -28.67 -0.89 -15.88
CA PRO A 122 -28.80 -2.32 -16.13
C PRO A 122 -27.72 -3.19 -15.45
N TYR A 123 -26.49 -2.71 -15.39
CA TYR A 123 -25.46 -3.55 -14.78
C TYR A 123 -25.60 -3.69 -13.27
N HIS A 124 -26.28 -2.74 -12.61
CA HIS A 124 -26.56 -2.88 -11.16
C HIS A 124 -27.49 -4.02 -10.92
N ILE A 125 -28.52 -4.13 -11.74
CA ILE A 125 -29.44 -5.29 -11.66
C ILE A 125 -28.70 -6.59 -11.93
N ALA A 126 -27.80 -6.59 -12.90
CA ALA A 126 -27.03 -7.81 -13.20
C ALA A 126 -26.10 -8.18 -12.07
N ILE A 127 -25.50 -7.17 -11.40
CA ILE A 127 -24.67 -7.42 -10.24
C ILE A 127 -25.48 -8.07 -9.11
N ASP A 128 -26.68 -7.57 -8.83
CA ASP A 128 -27.54 -8.22 -7.84
C ASP A 128 -27.81 -9.68 -8.24
N GLN A 129 -28.14 -9.90 -9.49
CA GLN A 129 -28.50 -11.27 -9.92
C GLN A 129 -27.29 -12.24 -9.81
N ALA A 130 -26.11 -11.76 -10.19
CA ALA A 130 -24.86 -12.57 -10.13
C ALA A 130 -24.48 -12.90 -8.69
N ARG A 131 -24.57 -11.91 -7.81
CA ARG A 131 -24.38 -12.16 -6.39
C ARG A 131 -25.37 -13.21 -5.85
N GLU A 132 -26.66 -13.01 -6.12
CA GLU A 132 -27.72 -13.97 -5.73
C GLU A 132 -27.48 -15.38 -6.26
N ALA A 133 -26.97 -15.48 -7.49
CA ALA A 133 -26.83 -16.78 -8.15
C ALA A 133 -25.82 -17.65 -7.40
N ARG A 134 -24.82 -16.98 -6.83
CA ARG A 134 -23.78 -17.64 -6.09
C ARG A 134 -24.19 -17.71 -4.63
N ARG A 145 -33.19 -5.29 -7.25
CA ARG A 145 -33.56 -4.24 -8.18
C ARG A 145 -32.42 -3.26 -8.49
N GLY A 146 -31.19 -3.64 -8.10
CA GLY A 146 -30.01 -2.85 -8.41
C GLY A 146 -29.72 -1.69 -7.46
N ILE A 147 -30.54 -1.54 -6.41
CA ILE A 147 -30.39 -0.42 -5.43
C ILE A 147 -29.01 -0.41 -4.69
N GLY A 148 -28.60 -1.54 -4.11
CA GLY A 148 -27.30 -1.65 -3.43
C GLY A 148 -26.12 -1.29 -4.34
N PRO A 149 -26.03 -1.96 -5.50
CA PRO A 149 -24.98 -1.64 -6.44
C PRO A 149 -24.96 -0.15 -6.87
N ALA A 150 -26.14 0.50 -7.00
CA ALA A 150 -26.14 1.91 -7.34
C ALA A 150 -25.49 2.75 -6.20
N TYR A 151 -25.91 2.50 -4.96
CA TYR A 151 -25.33 3.20 -3.79
C TYR A 151 -23.85 2.84 -3.65
N GLU A 152 -23.50 1.62 -4.02
CA GLU A 152 -22.07 1.23 -4.07
C GLU A 152 -21.24 2.06 -5.07
N ASP A 153 -21.79 2.26 -6.27
CA ASP A 153 -21.13 3.18 -7.24
C ASP A 153 -21.05 4.62 -6.74
N LYS A 154 -22.13 5.07 -6.07
CA LYS A 154 -22.15 6.40 -5.49
C LYS A 154 -20.98 6.61 -4.53
N VAL A 155 -20.93 5.79 -3.48
CA VAL A 155 -19.85 5.89 -2.52
CA VAL A 155 -19.85 5.89 -2.52
C VAL A 155 -18.48 5.68 -3.20
N GLY A 156 -18.44 4.79 -4.21
CA GLY A 156 -17.23 4.59 -4.97
C GLY A 156 -16.80 5.82 -5.82
N ARG A 157 -17.64 6.86 -5.84
CA ARG A 157 -17.43 8.05 -6.68
C ARG A 157 -17.28 7.79 -8.19
N ARG A 158 -17.96 6.77 -8.69
CA ARG A 158 -17.99 6.50 -10.12
C ARG A 158 -19.42 6.51 -10.65
N ALA A 159 -20.40 6.82 -9.78
CA ALA A 159 -21.80 6.83 -10.17
C ALA A 159 -22.12 7.88 -11.25
N LEU A 160 -23.02 7.46 -12.13
CA LEU A 160 -23.67 8.31 -13.12
C LEU A 160 -24.96 8.80 -12.49
N ARG A 161 -25.17 10.10 -12.59
CA ARG A 161 -26.30 10.76 -12.02
C ARG A 161 -27.20 11.30 -13.14
N VAL A 162 -28.39 11.75 -12.76
CA VAL A 162 -29.37 12.22 -13.73
C VAL A 162 -28.76 13.23 -14.69
N GLN A 163 -28.10 14.27 -14.19
CA GLN A 163 -27.61 15.31 -15.06
C GLN A 163 -26.66 14.82 -16.12
N ASP A 164 -25.95 13.72 -15.84
CA ASP A 164 -24.94 13.20 -16.77
C ASP A 164 -25.53 12.68 -18.07
N LEU A 165 -26.82 12.39 -18.06
CA LEU A 165 -27.52 11.84 -19.26
C LEU A 165 -27.49 12.87 -20.44
N PHE A 166 -27.18 14.13 -20.12
CA PHE A 166 -27.36 15.22 -21.05
C PHE A 166 -26.06 15.65 -21.73
N ASP A 167 -24.97 14.93 -21.46
CA ASP A 167 -23.76 14.98 -22.29
C ASP A 167 -23.42 13.56 -22.72
N ALA A 168 -23.80 13.20 -23.94
CA ALA A 168 -23.70 11.83 -24.43
C ALA A 168 -22.29 11.31 -24.41
N ARG A 169 -21.33 12.17 -24.75
CA ARG A 169 -19.93 11.76 -24.90
C ARG A 169 -19.33 11.39 -23.55
N THR A 170 -19.49 12.25 -22.55
CA THR A 170 -18.91 11.99 -21.22
C THR A 170 -19.70 10.93 -20.42
N PHE A 171 -21.02 10.86 -20.61
CA PHE A 171 -21.78 9.66 -20.15
C PHE A 171 -21.16 8.34 -20.68
N ALA A 172 -20.92 8.29 -21.99
CA ALA A 172 -20.37 7.05 -22.59
C ALA A 172 -18.98 6.75 -21.97
N ASP A 173 -18.20 7.79 -21.74
CA ASP A 173 -16.83 7.62 -21.23
C ASP A 173 -16.79 7.07 -19.81
N ARG A 174 -17.64 7.61 -18.93
CA ARG A 174 -17.76 7.10 -17.57
C ARG A 174 -18.37 5.70 -17.55
N LEU A 175 -19.39 5.49 -18.39
CA LEU A 175 -20.05 4.18 -18.48
C LEU A 175 -19.00 3.16 -18.82
N ARG A 176 -18.20 3.46 -19.85
CA ARG A 176 -17.13 2.58 -20.31
C ARG A 176 -16.16 2.18 -19.18
N GLU A 177 -15.66 3.17 -18.45
CA GLU A 177 -14.83 2.92 -17.27
C GLU A 177 -15.55 2.04 -16.23
N ASN A 178 -16.81 2.31 -15.95
CA ASN A 178 -17.55 1.56 -14.94
C ASN A 178 -17.71 0.12 -15.40
N LEU A 179 -17.95 -0.08 -16.68
CA LEU A 179 -18.22 -1.46 -17.15
C LEU A 179 -16.91 -2.28 -17.20
N ASP A 180 -15.80 -1.62 -17.44
CA ASP A 180 -14.48 -2.30 -17.35
C ASP A 180 -14.31 -2.94 -15.97
N PHE A 181 -14.56 -2.19 -14.90
CA PHE A 181 -14.50 -2.76 -13.59
C PHE A 181 -15.61 -3.80 -13.35
N HIS A 182 -16.85 -3.44 -13.57
CA HIS A 182 -17.96 -4.31 -13.14
C HIS A 182 -18.02 -5.57 -13.96
N ASN A 183 -17.64 -5.49 -15.24
CA ASN A 183 -17.53 -6.70 -16.06
C ASN A 183 -16.36 -7.60 -15.61
N PHE A 184 -15.28 -6.98 -15.10
CA PHE A 184 -14.19 -7.75 -14.50
C PHE A 184 -14.71 -8.53 -13.30
N VAL A 185 -15.43 -7.83 -12.40
CA VAL A 185 -16.02 -8.47 -11.23
C VAL A 185 -17.04 -9.54 -11.62
N LEU A 186 -17.95 -9.21 -12.54
CA LEU A 186 -19.01 -10.15 -12.98
C LEU A 186 -18.43 -11.41 -13.55
N THR A 187 -17.48 -11.29 -14.47
CA THR A 187 -16.97 -12.45 -15.21
C THR A 187 -15.83 -13.17 -14.49
N GLN A 188 -14.95 -12.42 -13.81
CA GLN A 188 -13.76 -13.03 -13.25
C GLN A 188 -13.97 -13.41 -11.78
N TYR A 189 -14.83 -12.70 -11.07
CA TYR A 189 -15.04 -13.00 -9.65
C TYR A 189 -16.33 -13.75 -9.40
N LEU A 190 -17.44 -13.27 -9.94
CA LEU A 190 -18.74 -13.91 -9.74
C LEU A 190 -19.03 -15.02 -10.73
N GLY A 191 -18.09 -15.27 -11.64
CA GLY A 191 -18.25 -16.27 -12.69
C GLY A 191 -19.42 -16.09 -13.67
N GLY A 192 -19.99 -14.88 -13.73
CA GLY A 192 -21.20 -14.65 -14.52
C GLY A 192 -20.97 -14.00 -15.88
N ALA A 193 -22.01 -13.35 -16.41
CA ALA A 193 -21.99 -12.83 -17.80
C ALA A 193 -21.69 -11.33 -17.87
N ALA A 194 -20.90 -10.93 -18.86
CA ALA A 194 -20.57 -9.52 -19.10
C ALA A 194 -21.82 -8.73 -19.54
N VAL A 195 -21.88 -7.46 -19.17
CA VAL A 195 -22.94 -6.54 -19.64
C VAL A 195 -22.42 -5.66 -20.80
N ASP A 196 -23.18 -5.63 -21.89
CA ASP A 196 -22.78 -4.94 -23.12
C ASP A 196 -22.82 -3.42 -22.96
N PHE A 197 -21.72 -2.77 -23.37
CA PHE A 197 -21.56 -1.33 -23.30
C PHE A 197 -22.56 -0.58 -24.18
N GLN A 198 -22.58 -0.89 -25.47
CA GLN A 198 -23.45 -0.16 -26.40
C GLN A 198 -24.96 -0.34 -26.09
N ALA A 199 -25.37 -1.53 -25.66
CA ALA A 199 -26.78 -1.76 -25.35
C ALA A 199 -27.20 -0.91 -24.15
N THR A 200 -26.31 -0.86 -23.15
CA THR A 200 -26.49 -0.11 -21.91
C THR A 200 -26.53 1.38 -22.21
N LEU A 201 -25.56 1.85 -23.01
CA LEU A 201 -25.54 3.25 -23.44
C LEU A 201 -26.81 3.62 -24.17
N ASP A 202 -27.26 2.79 -25.11
CA ASP A 202 -28.46 3.11 -25.87
C ASP A 202 -29.67 3.17 -24.98
N THR A 203 -29.82 2.20 -24.09
CA THR A 203 -30.95 2.19 -23.15
C THR A 203 -30.97 3.42 -22.28
N MET A 204 -29.86 3.75 -21.66
CA MET A 204 -29.82 4.96 -20.79
C MET A 204 -30.11 6.27 -21.52
N LEU A 205 -29.42 6.51 -22.64
CA LEU A 205 -29.55 7.78 -23.35
C LEU A 205 -30.91 7.91 -24.01
N GLY A 206 -31.62 6.78 -24.15
CA GLY A 206 -32.96 6.76 -24.65
C GLY A 206 -33.99 7.35 -23.70
N TYR A 207 -33.59 7.68 -22.46
CA TYR A 207 -34.46 8.32 -21.47
C TYR A 207 -34.25 9.83 -21.36
N ALA A 208 -33.25 10.35 -22.05
CA ALA A 208 -32.81 11.71 -21.80
C ALA A 208 -33.88 12.74 -22.17
N ASP A 209 -34.50 12.60 -23.34
CA ASP A 209 -35.46 13.61 -23.83
C ASP A 209 -36.69 13.67 -22.91
N ARG A 210 -37.19 12.49 -22.52
CA ARG A 210 -38.30 12.40 -21.56
C ARG A 210 -37.97 12.93 -20.16
N LEU A 211 -36.75 12.71 -19.68
CA LEU A 211 -36.38 13.12 -18.32
C LEU A 211 -36.14 14.64 -18.24
N ARG A 212 -35.58 15.20 -19.31
CA ARG A 212 -35.11 16.60 -19.33
C ARG A 212 -36.06 17.61 -18.70
N PRO A 213 -37.35 17.64 -19.09
CA PRO A 213 -38.17 18.74 -18.57
C PRO A 213 -38.47 18.66 -17.07
N MET A 214 -38.22 17.52 -16.46
CA MET A 214 -38.46 17.37 -15.00
C MET A 214 -37.19 17.55 -14.15
N VAL A 215 -36.04 17.65 -14.79
CA VAL A 215 -34.78 17.73 -14.04
C VAL A 215 -34.73 19.12 -13.42
N ALA A 216 -34.34 19.19 -12.15
CA ALA A 216 -34.48 20.38 -11.35
C ALA A 216 -33.42 20.47 -10.25
N ASP A 217 -33.25 21.70 -9.77
CA ASP A 217 -32.46 21.98 -8.56
C ASP A 217 -33.42 21.89 -7.37
N VAL A 218 -33.63 20.65 -6.91
CA VAL A 218 -34.57 20.38 -5.86
C VAL A 218 -34.20 21.11 -4.58
N SER A 219 -32.94 21.08 -4.23
CA SER A 219 -32.49 21.75 -3.00
C SER A 219 -32.90 23.21 -2.99
N ARG A 220 -32.67 23.90 -4.09
CA ARG A 220 -33.00 25.32 -4.16
C ARG A 220 -34.50 25.54 -4.07
N ARG A 221 -35.27 24.71 -4.77
CA ARG A 221 -36.71 24.82 -4.82
C ARG A 221 -37.29 24.60 -3.43
N LEU A 222 -36.72 23.67 -2.70
CA LEU A 222 -37.21 23.38 -1.35
C LEU A 222 -36.94 24.54 -0.41
N TYR A 223 -35.81 25.21 -0.58
CA TYR A 223 -35.53 26.40 0.24
C TYR A 223 -36.52 27.50 -0.08
N GLU A 224 -36.80 27.67 -1.38
CA GLU A 224 -37.76 28.69 -1.81
CA GLU A 224 -37.79 28.68 -1.83
C GLU A 224 -39.19 28.36 -1.34
N GLU A 225 -39.58 27.08 -1.42
CA GLU A 225 -40.93 26.65 -0.94
CA GLU A 225 -40.90 26.67 -0.94
C GLU A 225 -41.14 27.14 0.51
N ASN A 226 -40.17 26.81 1.39
CA ASN A 226 -40.25 27.21 2.78
C ASN A 226 -40.10 28.73 2.97
N HIS A 227 -39.18 29.36 2.27
CA HIS A 227 -39.08 30.85 2.31
C HIS A 227 -40.37 31.55 1.93
N ALA A 228 -41.19 30.91 1.08
CA ALA A 228 -42.51 31.45 0.72
C ALA A 228 -43.58 31.09 1.70
N GLY A 229 -43.23 30.35 2.76
CA GLY A 229 -44.20 29.99 3.80
C GLY A 229 -44.94 28.67 3.57
N ARG A 230 -44.55 27.93 2.54
CA ARG A 230 -45.23 26.67 2.20
CA ARG A 230 -45.25 26.69 2.25
C ARG A 230 -44.64 25.51 3.03
N ASN A 231 -45.42 24.44 3.15
CA ASN A 231 -45.09 23.31 3.99
C ASN A 231 -44.70 22.10 3.17
N LEU A 232 -43.70 21.35 3.64
CA LEU A 232 -43.21 20.17 2.96
C LEU A 232 -43.38 18.92 3.82
N LEU A 233 -43.65 17.80 3.16
CA LEU A 233 -43.67 16.50 3.80
C LEU A 233 -42.50 15.67 3.22
N PHE A 234 -41.62 15.23 4.09
CA PHE A 234 -40.49 14.39 3.67
C PHE A 234 -40.94 12.98 3.93
N GLU A 235 -41.11 12.21 2.85
CA GLU A 235 -41.72 10.87 2.92
C GLU A 235 -40.63 9.75 2.96
N GLY A 236 -40.58 9.05 4.07
CA GLY A 236 -39.60 7.99 4.25
C GLY A 236 -40.06 6.78 3.47
N ALA A 237 -39.14 5.98 2.98
CA ALA A 237 -39.60 4.82 2.20
C ALA A 237 -39.04 3.49 2.64
N GLN A 238 -38.23 3.48 3.67
CA GLN A 238 -37.82 2.25 4.29
C GLN A 238 -37.78 2.35 5.77
N GLY A 239 -38.10 1.26 6.43
CA GLY A 239 -38.13 1.24 7.90
C GLY A 239 -36.79 1.70 8.46
N THR A 240 -36.83 2.56 9.49
CA THR A 240 -35.61 3.22 10.01
C THR A 240 -34.68 2.27 10.76
N LEU A 241 -35.20 1.11 11.19
CA LEU A 241 -34.33 0.07 11.76
C LEU A 241 -33.53 -0.68 10.68
N LEU A 242 -33.79 -0.39 9.43
CA LEU A 242 -32.93 -0.87 8.34
C LEU A 242 -31.77 0.12 8.05
N ASP A 243 -31.64 1.19 8.86
CA ASP A 243 -30.60 2.21 8.65
C ASP A 243 -29.22 1.57 8.72
N ILE A 244 -28.33 1.91 7.79
CA ILE A 244 -27.07 1.23 7.64
C ILE A 244 -26.13 1.40 8.86
N ASP A 245 -26.22 2.53 9.54
CA ASP A 245 -25.50 2.67 10.81
C ASP A 245 -26.12 1.98 12.04
N HIS A 246 -27.43 2.12 12.23
CA HIS A 246 -28.08 1.79 13.51
C HIS A 246 -28.81 0.48 13.51
N GLY A 247 -29.01 -0.08 12.34
CA GLY A 247 -29.76 -1.38 12.19
C GLY A 247 -28.88 -2.56 12.49
N THR A 248 -29.42 -3.76 12.28
CA THR A 248 -28.74 -4.98 12.68
C THR A 248 -27.74 -5.38 11.56
N TYR A 249 -26.70 -4.54 11.39
CA TYR A 249 -25.67 -4.66 10.36
C TYR A 249 -25.09 -6.09 10.40
N PRO A 250 -24.97 -6.77 9.23
CA PRO A 250 -25.17 -6.30 7.84
C PRO A 250 -26.60 -6.47 7.26
N PHE A 251 -27.58 -6.78 8.11
CA PHE A 251 -28.93 -7.03 7.64
C PHE A 251 -29.75 -5.75 7.72
N VAL A 252 -29.40 -4.87 6.80
CA VAL A 252 -29.77 -3.48 6.80
C VAL A 252 -29.78 -3.12 5.32
N THR A 253 -30.29 -1.92 5.02
CA THR A 253 -30.23 -1.40 3.69
C THR A 253 -28.92 -0.70 3.41
N SER A 254 -28.72 -0.32 2.14
CA SER A 254 -27.42 0.15 1.63
CA SER A 254 -27.43 0.16 1.64
C SER A 254 -27.29 1.67 1.71
N SER A 255 -27.99 2.27 2.67
CA SER A 255 -27.90 3.71 2.90
C SER A 255 -28.47 4.05 4.29
N ASN A 256 -28.26 5.30 4.70
CA ASN A 256 -28.98 5.82 5.83
C ASN A 256 -30.42 6.15 5.53
N CYS A 257 -31.30 5.77 6.44
CA CYS A 257 -32.67 6.12 6.27
C CYS A 257 -33.32 6.61 7.55
N VAL A 258 -32.54 6.91 8.61
CA VAL A 258 -33.12 7.63 9.74
C VAL A 258 -33.63 8.99 9.28
N ALA A 259 -34.52 9.57 10.06
CA ALA A 259 -35.19 10.80 9.68
C ALA A 259 -34.23 11.94 9.39
N GLY A 260 -33.07 11.97 10.05
CA GLY A 260 -32.05 13.02 9.78
C GLY A 260 -31.44 12.91 8.38
N ALA A 261 -31.59 11.73 7.73
CA ALA A 261 -31.12 11.53 6.34
C ALA A 261 -31.85 12.43 5.36
N ALA A 262 -33.03 12.92 5.73
CA ALA A 262 -33.79 13.79 4.84
C ALA A 262 -33.04 15.10 4.55
N ALA A 263 -32.21 15.54 5.49
CA ALA A 263 -31.40 16.76 5.27
C ALA A 263 -30.47 16.55 4.07
N ALA A 264 -29.54 15.62 4.18
CA ALA A 264 -28.59 15.40 3.09
C ALA A 264 -29.29 14.91 1.82
N GLY A 265 -30.30 14.07 1.95
CA GLY A 265 -30.88 13.46 0.78
C GLY A 265 -31.82 14.36 -0.04
N ALA A 266 -32.23 15.47 0.54
CA ALA A 266 -33.06 16.49 -0.12
C ALA A 266 -32.35 17.84 -0.32
N GLY A 267 -31.18 18.01 0.27
CA GLY A 267 -30.48 19.26 0.12
C GLY A 267 -30.97 20.38 1.03
N VAL A 268 -31.43 20.03 2.22
CA VAL A 268 -31.86 20.99 3.22
C VAL A 268 -31.16 20.76 4.55
N GLY A 269 -31.30 21.77 5.41
CA GLY A 269 -30.66 21.76 6.70
C GLY A 269 -31.48 20.96 7.67
N PRO A 270 -30.85 20.52 8.77
CA PRO A 270 -31.60 19.75 9.77
C PRO A 270 -32.71 20.51 10.45
N GLN A 271 -32.57 21.83 10.55
CA GLN A 271 -33.60 22.70 11.11
C GLN A 271 -34.91 22.75 10.30
N LYS A 272 -34.91 22.26 9.05
CA LYS A 272 -36.14 22.19 8.30
C LYS A 272 -36.94 20.94 8.65
N LEU A 273 -36.35 20.04 9.40
CA LEU A 273 -36.97 18.80 9.75
C LEU A 273 -37.72 18.95 11.10
N ASN A 274 -38.87 19.63 11.02
CA ASN A 274 -39.48 20.25 12.21
C ASN A 274 -40.15 19.28 13.11
N TYR A 275 -40.90 18.33 12.55
CA TYR A 275 -41.63 17.37 13.38
C TYR A 275 -41.45 16.03 12.70
N ILE A 276 -41.11 15.02 13.49
CA ILE A 276 -40.86 13.71 12.96
C ILE A 276 -41.95 12.80 13.45
N LEU A 277 -42.77 12.33 12.53
CA LEU A 277 -43.85 11.42 12.85
C LEU A 277 -43.42 9.99 12.66
N GLY A 278 -43.46 9.24 13.75
CA GLY A 278 -42.95 7.91 13.73
C GLY A 278 -44.09 6.94 13.56
N ILE A 279 -44.19 6.34 12.39
CA ILE A 279 -45.28 5.37 12.10
C ILE A 279 -44.87 4.07 12.73
N THR A 280 -45.76 3.51 13.58
CA THR A 280 -45.44 2.36 14.42
C THR A 280 -46.55 1.36 14.43
N LYS A 281 -46.27 0.16 13.95
CA LYS A 281 -47.24 -0.91 13.98
C LYS A 281 -47.32 -1.41 15.42
N ALA A 282 -48.50 -1.90 15.79
CA ALA A 282 -48.85 -2.33 17.13
C ALA A 282 -48.20 -3.66 17.44
N TYR A 283 -47.52 -4.24 16.45
CA TYR A 283 -46.74 -5.47 16.62
C TYR A 283 -45.65 -5.37 15.54
N CYS A 284 -44.68 -6.27 15.54
CA CYS A 284 -43.51 -6.10 14.70
C CYS A 284 -43.46 -7.09 13.53
N THR A 285 -42.83 -6.67 12.43
CA THR A 285 -42.50 -7.58 11.34
C THR A 285 -41.12 -7.34 10.78
N ARG A 286 -40.59 -8.39 10.17
CA ARG A 286 -39.40 -8.28 9.33
C ARG A 286 -39.59 -9.10 8.06
N VAL A 287 -38.88 -8.72 7.00
CA VAL A 287 -38.93 -9.49 5.76
C VAL A 287 -37.50 -9.88 5.46
N GLY A 288 -37.26 -11.11 5.05
CA GLY A 288 -35.89 -11.57 4.82
C GLY A 288 -35.20 -12.05 6.09
N SER A 289 -33.89 -11.77 6.15
CA SER A 289 -33.03 -12.28 7.19
C SER A 289 -32.65 -11.11 8.10
N GLY A 290 -32.25 -11.45 9.31
CA GLY A 290 -31.84 -10.42 10.26
C GLY A 290 -32.52 -10.80 11.54
N PRO A 291 -31.84 -10.62 12.68
CA PRO A 291 -32.42 -11.01 13.92
C PRO A 291 -33.58 -10.12 14.38
N PHE A 292 -34.40 -10.71 15.24
CA PHE A 292 -35.66 -10.14 15.55
C PHE A 292 -36.04 -10.64 16.99
N PRO A 293 -35.62 -9.89 18.05
CA PRO A 293 -35.74 -10.42 19.43
C PRO A 293 -37.16 -10.87 19.82
N SER A 294 -38.19 -10.16 19.39
CA SER A 294 -39.56 -10.43 19.82
C SER A 294 -40.29 -11.35 18.85
N GLU A 295 -39.56 -11.99 17.96
CA GLU A 295 -40.17 -12.80 16.91
C GLU A 295 -40.96 -13.96 17.43
N LEU A 296 -42.12 -14.15 16.79
CA LEU A 296 -43.00 -15.25 17.14
C LEU A 296 -43.08 -16.26 16.02
N TYR A 297 -43.20 -15.79 14.79
CA TYR A 297 -43.44 -16.67 13.66
C TYR A 297 -42.63 -16.29 12.43
N ASP A 298 -41.99 -17.30 11.85
CA ASP A 298 -41.32 -17.19 10.56
C ASP A 298 -41.67 -18.47 9.76
N ALA A 299 -42.40 -18.33 8.66
CA ALA A 299 -42.87 -19.54 7.94
C ALA A 299 -41.69 -20.45 7.61
N ASP A 300 -40.50 -19.88 7.39
CA ASP A 300 -39.32 -20.67 6.99
C ASP A 300 -38.43 -21.13 8.16
N ASN A 301 -38.85 -20.92 9.42
CA ASN A 301 -38.04 -21.32 10.58
C ASN A 301 -38.83 -22.27 11.45
N PRO A 302 -38.50 -23.57 11.45
CA PRO A 302 -39.33 -24.51 12.20
C PRO A 302 -39.40 -24.24 13.68
N SER A 303 -38.42 -23.53 14.23
CA SER A 303 -38.40 -23.27 15.64
C SER A 303 -39.25 -22.02 16.00
N ARG A 304 -39.75 -21.28 15.00
CA ARG A 304 -40.61 -20.11 15.24
C ARG A 304 -41.94 -20.29 14.56
N GLN A 305 -42.79 -21.13 15.14
CA GLN A 305 -44.12 -21.39 14.60
C GLN A 305 -45.21 -21.04 15.62
N ASP A 306 -44.99 -19.99 16.43
CA ASP A 306 -45.97 -19.63 17.42
C ASP A 306 -47.33 -19.20 16.79
N GLN A 307 -48.41 -19.87 17.20
CA GLN A 307 -49.72 -19.64 16.61
C GLN A 307 -50.20 -18.19 16.78
N ILE A 308 -49.81 -17.51 17.86
CA ILE A 308 -50.13 -16.08 18.00
C ILE A 308 -49.45 -15.32 16.85
N GLY A 309 -48.22 -15.68 16.52
CA GLY A 309 -47.50 -15.10 15.37
C GLY A 309 -48.17 -15.40 14.01
N ILE A 310 -48.69 -16.61 13.87
CA ILE A 310 -49.43 -16.98 12.65
C ILE A 310 -50.70 -16.14 12.54
N THR A 311 -51.37 -15.94 13.69
CA THR A 311 -52.52 -15.03 13.79
C THR A 311 -52.22 -13.57 13.39
N LEU A 312 -51.18 -12.99 13.95
CA LEU A 312 -50.74 -11.68 13.54
C LEU A 312 -50.58 -11.61 12.02
N ALA A 313 -49.96 -12.63 11.43
CA ALA A 313 -49.70 -12.61 9.98
C ALA A 313 -50.96 -12.65 9.12
N ASN A 314 -51.89 -13.53 9.48
CA ASN A 314 -53.14 -13.67 8.77
C ASN A 314 -54.12 -12.49 9.00
N VAL A 315 -54.43 -12.22 10.26
CA VAL A 315 -55.30 -11.11 10.58
C VAL A 315 -54.67 -9.78 10.08
N GLY A 316 -53.36 -9.64 10.22
CA GLY A 316 -52.68 -8.43 9.75
C GLY A 316 -52.38 -8.35 8.24
N LYS A 317 -52.75 -9.40 7.50
CA LYS A 317 -52.46 -9.54 6.08
C LYS A 317 -50.99 -9.23 5.76
N GLU A 318 -50.10 -9.87 6.50
CA GLU A 318 -48.65 -9.60 6.42
C GLU A 318 -48.02 -10.49 5.36
N PHE A 319 -48.35 -10.20 4.10
CA PHE A 319 -47.86 -10.96 2.94
C PHE A 319 -47.37 -9.93 1.98
N GLY A 320 -46.27 -10.19 1.29
CA GLY A 320 -45.73 -9.25 0.31
C GLY A 320 -46.73 -8.82 -0.78
N SER A 321 -46.76 -7.52 -1.03
CA SER A 321 -47.59 -6.87 -2.07
C SER A 321 -47.42 -7.50 -3.43
N VAL A 322 -46.18 -7.88 -3.77
CA VAL A 322 -45.87 -8.47 -5.08
C VAL A 322 -45.77 -9.99 -5.03
N THR A 323 -44.94 -10.45 -4.09
CA THR A 323 -44.51 -11.86 -4.02
C THR A 323 -45.55 -12.74 -3.34
N GLY A 324 -46.36 -12.14 -2.47
CA GLY A 324 -47.28 -12.88 -1.63
C GLY A 324 -46.65 -13.69 -0.50
N ARG A 325 -45.32 -13.61 -0.35
CA ARG A 325 -44.57 -14.29 0.73
C ARG A 325 -44.97 -13.72 2.13
N PRO A 326 -45.21 -14.58 3.13
CA PRO A 326 -45.60 -14.07 4.44
C PRO A 326 -44.40 -13.40 5.10
N ARG A 327 -44.68 -12.37 5.87
CA ARG A 327 -43.62 -11.67 6.63
C ARG A 327 -43.41 -12.42 7.91
N ARG A 328 -42.30 -12.12 8.58
CA ARG A 328 -42.06 -12.60 9.93
C ARG A 328 -42.81 -11.74 10.92
N THR A 329 -43.39 -12.34 11.94
CA THR A 329 -44.16 -11.56 12.91
C THR A 329 -43.67 -11.74 14.31
N GLY A 330 -43.86 -10.70 15.14
CA GLY A 330 -43.55 -10.76 16.56
C GLY A 330 -44.31 -9.73 17.34
N TRP A 331 -44.20 -9.78 18.68
CA TRP A 331 -44.83 -8.77 19.51
C TRP A 331 -44.14 -7.44 19.31
N LEU A 332 -44.86 -6.36 19.58
CA LEU A 332 -44.24 -5.03 19.59
C LEU A 332 -43.02 -4.99 20.50
N ASP A 333 -41.95 -4.39 19.99
CA ASP A 333 -40.72 -4.27 20.72
C ASP A 333 -40.50 -2.83 21.11
N ALA A 334 -40.89 -2.50 22.35
CA ALA A 334 -40.73 -1.11 22.84
C ALA A 334 -39.30 -0.73 23.10
N ALA A 335 -38.41 -1.70 23.28
CA ALA A 335 -36.97 -1.38 23.49
C ALA A 335 -36.33 -0.98 22.15
N ALA A 336 -36.75 -1.67 21.11
CA ALA A 336 -36.46 -1.28 19.74
C ALA A 336 -37.11 0.05 19.40
N LEU A 337 -38.38 0.24 19.78
CA LEU A 337 -39.01 1.56 19.56
C LEU A 337 -38.21 2.69 20.24
N ARG A 338 -37.75 2.43 21.45
CA ARG A 338 -37.02 3.49 22.21
C ARG A 338 -35.73 3.90 21.48
N ARG A 339 -34.98 2.91 20.98
CA ARG A 339 -33.82 3.18 20.13
C ARG A 339 -34.21 3.99 18.90
N SER A 340 -35.32 3.58 18.28
CA SER A 340 -35.82 4.28 17.11
C SER A 340 -36.14 5.73 17.39
N ILE A 341 -36.70 6.02 18.58
CA ILE A 341 -37.12 7.35 18.95
C ILE A 341 -35.87 8.24 19.11
N GLN A 342 -34.84 7.67 19.69
CA GLN A 342 -33.61 8.40 19.88
C GLN A 342 -32.85 8.66 18.58
N ILE A 343 -32.74 7.65 17.71
CA ILE A 343 -31.92 7.80 16.51
C ILE A 343 -32.61 8.68 15.44
N ASN A 344 -33.94 8.79 15.48
CA ASN A 344 -34.74 9.53 14.49
C ASN A 344 -35.16 10.86 15.03
N GLY A 345 -35.13 10.99 16.35
CA GLY A 345 -35.66 12.18 17.01
C GLY A 345 -37.15 12.26 16.81
N VAL A 346 -37.83 11.13 16.91
CA VAL A 346 -39.26 11.08 16.73
C VAL A 346 -39.94 12.04 17.68
N SER A 347 -40.89 12.85 17.16
CA SER A 347 -41.62 13.89 17.94
C SER A 347 -42.85 13.25 18.54
N GLY A 348 -43.53 12.39 17.78
CA GLY A 348 -44.62 11.66 18.31
C GLY A 348 -44.88 10.45 17.44
N LEU A 349 -45.66 9.54 17.98
CA LEU A 349 -45.95 8.26 17.30
C LEU A 349 -47.29 8.30 16.64
N CYS A 350 -47.42 7.55 15.54
CA CYS A 350 -48.71 7.25 14.97
C CYS A 350 -48.82 5.74 15.01
N MET A 351 -49.73 5.20 15.82
CA MET A 351 -49.88 3.76 15.89
C MET A 351 -50.85 3.25 14.82
N THR A 352 -50.53 2.08 14.26
CA THR A 352 -51.30 1.44 13.19
C THR A 352 -51.55 -0.02 13.52
N LYS A 353 -52.62 -0.56 12.93
CA LYS A 353 -52.92 -1.97 13.04
C LYS A 353 -53.16 -2.46 14.46
N LEU A 354 -53.63 -1.56 15.33
CA LEU A 354 -54.11 -1.97 16.69
C LEU A 354 -55.15 -3.07 16.60
N ASP A 355 -56.02 -2.95 15.59
CA ASP A 355 -57.12 -3.85 15.45
C ASP A 355 -56.69 -5.27 15.27
N VAL A 356 -55.45 -5.49 14.83
CA VAL A 356 -54.96 -6.85 14.61
C VAL A 356 -54.89 -7.59 15.96
N LEU A 357 -54.77 -6.82 17.04
CA LEU A 357 -54.74 -7.39 18.38
C LEU A 357 -56.14 -7.63 19.01
N ASP A 358 -57.19 -7.06 18.41
CA ASP A 358 -58.54 -7.11 18.98
C ASP A 358 -58.88 -8.59 19.17
N GLY A 359 -59.54 -8.96 20.24
CA GLY A 359 -59.79 -10.43 20.42
C GLY A 359 -58.58 -11.35 20.74
N LEU A 360 -57.35 -10.84 20.90
CA LEU A 360 -56.35 -11.68 21.59
C LEU A 360 -56.74 -11.72 23.11
N ASP A 361 -56.61 -12.89 23.76
CA ASP A 361 -56.82 -13.00 25.23
C ASP A 361 -55.77 -12.14 26.04
N GLU A 362 -54.57 -12.05 25.52
CA GLU A 362 -53.54 -11.19 26.11
C GLU A 362 -52.57 -10.74 25.05
N VAL A 363 -51.89 -9.64 25.32
CA VAL A 363 -50.89 -9.11 24.43
C VAL A 363 -49.59 -8.84 25.24
N LYS A 364 -48.46 -9.01 24.61
CA LYS A 364 -47.18 -8.79 25.28
C LYS A 364 -46.46 -7.62 24.64
N LEU A 365 -45.66 -6.92 25.43
CA LEU A 365 -44.80 -5.88 24.93
C LEU A 365 -43.36 -6.22 25.36
N CYS A 366 -42.42 -6.24 24.41
CA CYS A 366 -41.05 -6.51 24.75
C CYS A 366 -40.54 -5.19 25.24
N VAL A 367 -40.05 -5.14 26.47
CA VAL A 367 -39.64 -3.86 27.07
C VAL A 367 -38.15 -3.73 27.33
N GLY A 368 -37.43 -4.78 27.00
CA GLY A 368 -35.98 -4.80 27.14
C GLY A 368 -35.48 -6.19 26.78
N TYR A 369 -34.17 -6.43 27.05
CA TYR A 369 -33.62 -7.73 26.72
C TYR A 369 -32.76 -8.25 27.84
N LYS A 370 -32.56 -9.56 27.88
CA LYS A 370 -31.35 -10.10 28.53
C LYS A 370 -30.31 -10.48 27.46
N ILE A 371 -29.10 -9.99 27.62
CA ILE A 371 -28.01 -10.31 26.71
C ILE A 371 -26.71 -10.57 27.50
N ASP A 372 -26.20 -11.79 27.35
CA ASP A 372 -25.01 -12.20 28.07
C ASP A 372 -25.28 -11.97 29.56
N GLY A 373 -26.50 -12.26 29.97
CA GLY A 373 -26.91 -12.17 31.36
C GLY A 373 -27.06 -10.76 31.93
N GLU A 374 -26.92 -9.72 31.09
CA GLU A 374 -27.05 -8.33 31.50
C GLU A 374 -28.40 -7.76 31.00
N ASP A 375 -28.98 -6.83 31.75
CA ASP A 375 -30.21 -6.18 31.25
C ASP A 375 -29.86 -5.09 30.26
N ALA A 376 -30.61 -5.02 29.16
CA ALA A 376 -30.44 -3.97 28.14
C ALA A 376 -31.80 -3.39 27.81
N ASP A 377 -31.90 -2.07 27.83
CA ASP A 377 -33.19 -1.43 27.60
C ASP A 377 -33.33 -0.78 26.21
N LEU A 378 -32.33 -0.91 25.36
CA LEU A 378 -32.34 -0.37 23.98
C LEU A 378 -31.86 -1.43 23.03
N LEU A 379 -32.41 -1.45 21.83
CA LEU A 379 -31.95 -2.42 20.84
C LEU A 379 -30.44 -2.21 20.62
N PRO A 380 -29.64 -3.30 20.74
CA PRO A 380 -28.24 -3.18 20.49
C PRO A 380 -27.89 -2.92 19.03
N ARG A 381 -26.61 -2.65 18.83
CA ARG A 381 -26.02 -2.42 17.51
C ARG A 381 -25.53 -3.74 16.93
N GLY A 382 -25.95 -4.05 15.72
CA GLY A 382 -25.28 -5.09 14.92
C GLY A 382 -26.03 -6.38 15.08
N ALA A 383 -25.97 -7.20 14.05
CA ALA A 383 -26.70 -8.48 14.03
C ALA A 383 -26.28 -9.39 15.20
N ALA A 384 -24.95 -9.57 15.39
CA ALA A 384 -24.42 -10.49 16.41
C ALA A 384 -25.07 -10.22 17.77
N GLU A 385 -24.94 -8.99 18.31
CA GLU A 385 -25.58 -8.70 19.60
C GLU A 385 -27.07 -8.87 19.59
N VAL A 386 -27.77 -8.38 18.54
CA VAL A 386 -29.26 -8.38 18.57
C VAL A 386 -29.75 -9.86 18.54
N ALA A 387 -29.03 -10.72 17.84
CA ALA A 387 -29.37 -12.19 17.85
C ALA A 387 -29.18 -12.82 19.25
N ARG A 388 -28.32 -12.23 20.08
CA ARG A 388 -28.11 -12.72 21.46
C ARG A 388 -29.21 -12.26 22.48
N CYS A 389 -30.07 -11.29 22.10
CA CYS A 389 -31.13 -10.78 22.95
C CYS A 389 -32.28 -11.74 23.14
N GLU A 390 -32.58 -12.03 24.41
CA GLU A 390 -33.81 -12.69 24.79
C GLU A 390 -34.77 -11.60 25.23
N PRO A 391 -35.98 -11.59 24.67
CA PRO A 391 -36.88 -10.54 25.04
C PRO A 391 -37.38 -10.66 26.51
N VAL A 392 -37.59 -9.51 27.16
CA VAL A 392 -38.19 -9.40 28.49
C VAL A 392 -39.54 -8.76 28.22
N TYR A 393 -40.61 -9.44 28.58
CA TYR A 393 -41.96 -9.05 28.24
C TYR A 393 -42.75 -8.58 29.44
N GLU A 394 -43.58 -7.56 29.22
CA GLU A 394 -44.68 -7.26 30.11
C GLU A 394 -45.97 -7.82 29.44
N THR A 395 -46.87 -8.31 30.26
CA THR A 395 -48.12 -8.93 29.76
C THR A 395 -49.34 -8.08 30.07
N PHE A 396 -50.28 -8.01 29.10
CA PHE A 396 -51.46 -7.19 29.21
C PHE A 396 -52.68 -8.02 28.86
N GLY A 397 -53.73 -7.80 29.62
CA GLY A 397 -55.01 -8.38 29.30
C GLY A 397 -55.52 -7.78 28.00
N GLY A 398 -56.05 -8.64 27.15
CA GLY A 398 -56.59 -8.17 25.87
C GLY A 398 -57.96 -7.54 26.03
N TRP A 399 -58.47 -7.00 24.94
CA TRP A 399 -59.79 -6.40 24.92
C TRP A 399 -60.54 -7.17 23.90
N LYS A 400 -61.86 -7.15 23.86
CA LYS A 400 -62.50 -7.90 22.74
C LYS A 400 -63.17 -7.03 21.73
N GLU A 401 -63.47 -5.81 22.11
CA GLU A 401 -64.13 -4.94 21.20
C GLU A 401 -63.26 -4.91 19.94
N SER A 402 -63.92 -4.80 18.82
CA SER A 402 -63.31 -4.24 17.64
C SER A 402 -62.89 -2.79 17.95
N THR A 403 -61.73 -2.40 17.48
CA THR A 403 -61.26 -1.02 17.61
C THR A 403 -61.18 -0.36 16.23
N VAL A 404 -61.71 -1.08 15.23
CA VAL A 404 -61.77 -0.59 13.87
C VAL A 404 -62.62 0.68 13.83
N GLY A 405 -62.03 1.78 13.37
CA GLY A 405 -62.78 2.99 13.05
C GLY A 405 -62.97 3.98 14.18
N ILE A 406 -62.60 3.57 15.39
CA ILE A 406 -62.70 4.46 16.55
C ILE A 406 -61.89 5.74 16.32
N ASN A 407 -62.45 6.89 16.69
CA ASN A 407 -61.83 8.19 16.39
C ASN A 407 -61.69 9.12 17.57
N SER A 408 -61.84 8.57 18.77
CA SER A 408 -61.50 9.27 19.97
C SER A 408 -60.80 8.31 20.95
N TRP A 409 -59.83 8.85 21.65
CA TRP A 409 -59.01 8.06 22.60
C TRP A 409 -59.88 7.44 23.65
N ASP A 410 -60.81 8.25 24.19
CA ASP A 410 -61.66 7.80 25.33
C ASP A 410 -62.56 6.64 24.93
N ALA A 411 -62.89 6.55 23.64
CA ALA A 411 -63.75 5.44 23.13
C ALA A 411 -62.99 4.13 22.95
N LEU A 412 -61.65 4.15 23.03
CA LEU A 412 -60.88 2.89 22.98
C LEU A 412 -61.20 2.05 24.21
N PRO A 413 -61.22 0.70 24.08
CA PRO A 413 -61.32 -0.14 25.28
C PRO A 413 -60.17 0.11 26.28
N ALA A 414 -60.50 0.03 27.57
CA ALA A 414 -59.61 0.31 28.66
C ALA A 414 -58.32 -0.47 28.48
N ASN A 415 -58.44 -1.74 28.09
CA ASN A 415 -57.27 -2.58 27.99
C ASN A 415 -56.40 -2.21 26.78
N ALA A 416 -56.98 -1.62 25.74
CA ALA A 416 -56.22 -1.10 24.63
C ALA A 416 -55.51 0.17 25.09
N ARG A 417 -56.23 1.01 25.85
CA ARG A 417 -55.64 2.25 26.34
C ARG A 417 -54.49 1.98 27.29
N ALA A 418 -54.59 0.92 28.09
CA ALA A 418 -53.51 0.57 29.01
C ALA A 418 -52.28 0.07 28.29
N TYR A 419 -52.47 -0.69 27.23
CA TYR A 419 -51.32 -1.16 26.43
C TYR A 419 -50.58 0.03 25.76
N LEU A 420 -51.35 0.91 25.12
CA LEU A 420 -50.76 2.05 24.47
C LEU A 420 -50.21 3.03 25.47
N THR A 421 -50.82 3.16 26.65
CA THR A 421 -50.22 4.02 27.69
C THR A 421 -48.82 3.48 28.02
N ARG A 422 -48.68 2.17 28.18
CA ARG A 422 -47.39 1.60 28.49
C ARG A 422 -46.39 1.79 27.33
N VAL A 423 -46.83 1.59 26.10
CA VAL A 423 -45.95 1.90 24.94
C VAL A 423 -45.38 3.33 25.03
N GLN A 424 -46.20 4.34 25.28
CA GLN A 424 -45.67 5.71 25.38
C GLN A 424 -44.60 5.86 26.43
N GLU A 425 -44.77 5.18 27.56
CA GLU A 425 -43.86 5.32 28.70
C GLU A 425 -42.50 4.77 28.36
N VAL A 426 -42.49 3.56 27.82
CA VAL A 426 -41.23 2.91 27.46
C VAL A 426 -40.55 3.66 26.31
N ALA A 427 -41.34 4.07 25.32
CA ALA A 427 -40.79 4.79 24.15
C ALA A 427 -40.18 6.15 24.51
N GLY A 428 -40.83 6.87 25.41
CA GLY A 428 -40.32 8.18 25.89
C GLY A 428 -40.93 9.34 25.11
N VAL A 429 -41.91 9.06 24.24
CA VAL A 429 -42.58 10.15 23.49
C VAL A 429 -44.07 9.87 23.34
N PRO A 430 -44.87 10.91 23.08
CA PRO A 430 -46.32 10.68 23.06
C PRO A 430 -46.78 9.99 21.79
N ILE A 431 -47.87 9.28 21.92
CA ILE A 431 -48.62 8.90 20.79
C ILE A 431 -49.41 10.14 20.35
N ASP A 432 -49.14 10.65 19.15
CA ASP A 432 -49.87 11.77 18.62
C ASP A 432 -51.07 11.38 17.72
N MET A 433 -51.10 10.13 17.25
CA MET A 433 -52.15 9.66 16.33
C MET A 433 -52.31 8.16 16.50
N VAL A 434 -53.52 7.68 16.30
CA VAL A 434 -53.77 6.25 16.15
C VAL A 434 -54.64 6.08 14.88
N SER A 435 -54.13 5.35 13.89
CA SER A 435 -54.93 5.13 12.69
C SER A 435 -55.72 3.85 12.87
N THR A 436 -57.04 3.94 12.84
CA THR A 436 -57.89 2.80 13.18
C THR A 436 -58.63 2.18 11.96
N GLY A 437 -58.22 2.53 10.74
CA GLY A 437 -58.89 2.13 9.50
C GLY A 437 -58.39 2.95 8.30
N PRO A 438 -58.73 2.51 7.06
CA PRO A 438 -58.20 3.12 5.85
C PRO A 438 -58.74 4.52 5.53
N ASP A 439 -59.89 4.92 6.09
CA ASP A 439 -60.50 6.21 5.72
C ASP A 439 -59.92 7.33 6.54
N ARG A 440 -59.92 8.54 5.96
CA ARG A 440 -59.29 9.71 6.63
C ARG A 440 -59.84 9.95 8.04
N ASP A 441 -61.14 9.75 8.25
CA ASP A 441 -61.76 9.97 9.57
C ASP A 441 -61.66 8.77 10.55
N GLU A 442 -61.05 7.66 10.14
CA GLU A 442 -60.78 6.55 11.05
C GLU A 442 -59.41 6.78 11.68
N THR A 443 -59.35 7.79 12.55
CA THR A 443 -58.11 8.33 13.06
C THR A 443 -58.35 9.01 14.40
N ILE A 444 -57.57 8.64 15.40
CA ILE A 444 -57.63 9.34 16.65
C ILE A 444 -56.53 10.38 16.54
N LEU A 445 -56.89 11.64 16.69
CA LEU A 445 -55.93 12.73 16.54
C LEU A 445 -55.68 13.40 17.88
N LEU A 446 -54.47 13.25 18.41
CA LEU A 446 -54.06 13.86 19.65
C LEU A 446 -53.22 15.11 19.45
N ARG A 447 -52.40 15.16 18.41
CA ARG A 447 -51.65 16.41 18.08
C ARG A 447 -51.39 16.43 16.59
N HIS A 448 -51.59 17.59 15.97
CA HIS A 448 -51.46 17.69 14.54
C HIS A 448 -50.03 17.96 14.19
N PRO A 449 -49.39 17.04 13.44
CA PRO A 449 -47.97 17.22 13.04
C PRO A 449 -47.64 18.57 12.44
N PHE A 450 -48.57 19.15 11.67
CA PHE A 450 -48.28 20.42 11.02
C PHE A 450 -48.67 21.68 11.82
N LYS A 451 -49.05 21.53 13.08
CA LYS A 451 -49.27 22.68 13.96
C LYS A 451 -48.15 22.78 14.99
N VAL A 452 -47.40 23.89 14.98
CA VAL A 452 -46.30 24.16 15.98
C VAL A 452 -46.79 24.10 17.42
N THR B 13 9.63 -8.48 14.14
CA THR B 13 9.07 -9.82 13.75
C THR B 13 10.14 -10.93 13.84
N PRO B 14 9.84 -12.04 14.55
CA PRO B 14 10.80 -13.15 14.62
C PRO B 14 11.42 -13.59 13.27
N GLY B 15 12.74 -13.80 13.27
CA GLY B 15 13.43 -14.34 12.12
C GLY B 15 13.46 -13.41 10.93
N ARG B 16 13.27 -12.10 11.18
CA ARG B 16 13.27 -11.07 10.14
C ARG B 16 14.57 -10.30 10.16
N ASN B 17 15.13 -10.08 8.97
CA ASN B 17 16.37 -9.35 8.84
C ASN B 17 16.23 -8.05 8.06
N VAL B 18 17.15 -7.14 8.33
CA VAL B 18 17.24 -5.86 7.64
C VAL B 18 18.63 -5.75 7.01
N VAL B 19 18.67 -5.30 5.75
CA VAL B 19 19.91 -4.90 5.10
C VAL B 19 19.97 -3.36 5.09
N VAL B 20 21.06 -2.78 5.60
CA VAL B 20 21.21 -1.32 5.58
C VAL B 20 22.35 -0.96 4.59
N VAL B 21 22.00 -0.23 3.54
CA VAL B 21 22.99 0.16 2.51
C VAL B 21 22.93 1.64 2.26
N GLY B 22 24.05 2.23 1.86
CA GLY B 22 24.00 3.60 1.34
C GLY B 22 23.48 3.61 -0.10
N THR B 23 22.51 4.47 -0.41
CA THR B 23 21.92 4.46 -1.76
C THR B 23 22.78 5.23 -2.80
N GLN B 24 23.81 5.96 -2.31
CA GLN B 24 24.55 6.84 -3.15
C GLN B 24 26.00 6.33 -3.31
N TRP B 25 27.01 7.23 -3.28
CA TRP B 25 28.40 6.81 -3.41
C TRP B 25 29.19 6.83 -2.12
N GLY B 26 28.56 6.62 -0.98
CA GLY B 26 29.28 6.61 0.30
C GLY B 26 28.95 7.81 1.16
N ASP B 27 29.35 7.77 2.44
CA ASP B 27 29.29 8.93 3.33
C ASP B 27 27.85 9.47 3.48
N GLU B 28 26.88 8.58 3.36
CA GLU B 28 25.46 8.91 3.50
C GLU B 28 25.05 9.06 4.98
N GLY B 29 25.86 8.55 5.89
CA GLY B 29 25.64 8.78 7.31
C GLY B 29 24.96 7.62 8.00
N LYS B 30 25.46 6.40 7.76
CA LYS B 30 24.77 5.19 8.23
C LYS B 30 24.97 5.00 9.72
N GLY B 31 26.04 5.56 10.29
CA GLY B 31 26.40 5.37 11.70
C GLY B 31 25.24 5.36 12.70
N LYS B 32 24.59 6.50 12.91
CA LYS B 32 23.51 6.54 13.86
C LYS B 32 22.43 5.48 13.58
N ILE B 33 22.10 5.28 12.31
CA ILE B 33 20.99 4.40 11.94
C ILE B 33 21.34 2.93 12.17
N VAL B 34 22.58 2.55 11.90
CA VAL B 34 23.05 1.21 12.19
C VAL B 34 22.93 0.95 13.70
N ASP B 35 23.46 1.87 14.52
CA ASP B 35 23.27 1.80 15.98
C ASP B 35 21.78 1.64 16.37
N TRP B 36 20.92 2.47 15.77
CA TRP B 36 19.49 2.50 16.06
C TRP B 36 18.84 1.13 15.78
N LEU B 37 19.22 0.52 14.66
CA LEU B 37 18.71 -0.79 14.27
C LEU B 37 19.31 -1.92 15.11
N THR B 38 20.59 -1.77 15.47
CA THR B 38 21.31 -2.78 16.22
C THR B 38 20.62 -3.01 17.56
N ASP B 39 19.89 -2.01 18.04
CA ASP B 39 18.98 -2.18 19.20
C ASP B 39 17.99 -3.33 19.04
N HIS B 40 17.65 -3.71 17.80
CA HIS B 40 16.63 -4.74 17.57
C HIS B 40 17.21 -6.00 16.92
N ALA B 41 18.53 -6.08 16.85
CA ALA B 41 19.18 -7.21 16.19
C ALA B 41 20.03 -8.00 17.16
N GLN B 42 20.07 -9.32 16.99
CA GLN B 42 20.95 -10.19 17.75
C GLN B 42 22.24 -10.58 17.01
N GLY B 43 22.33 -10.22 15.72
CA GLY B 43 23.55 -10.37 14.94
C GLY B 43 23.72 -9.27 13.91
N VAL B 44 24.96 -8.82 13.73
CA VAL B 44 25.29 -7.80 12.72
C VAL B 44 26.39 -8.34 11.81
N VAL B 45 26.18 -8.22 10.49
CA VAL B 45 26.94 -9.01 9.50
C VAL B 45 27.53 -8.10 8.43
N ARG B 46 28.86 -8.13 8.30
CA ARG B 46 29.54 -7.53 7.15
C ARG B 46 29.60 -8.59 6.08
N PHE B 47 29.32 -8.20 4.84
CA PHE B 47 29.19 -9.16 3.74
C PHE B 47 30.03 -8.78 2.51
N GLN B 48 30.69 -7.62 2.56
CA GLN B 48 31.40 -7.10 1.45
C GLN B 48 32.39 -6.04 1.93
N GLY B 49 33.39 -5.82 1.11
CA GLY B 49 34.38 -4.78 1.31
C GLY B 49 35.48 -5.18 2.27
N GLY B 50 36.31 -4.23 2.62
CA GLY B 50 37.28 -4.46 3.67
C GLY B 50 37.23 -3.45 4.79
N HIS B 51 38.38 -2.89 5.09
CA HIS B 51 38.57 -1.92 6.15
C HIS B 51 38.55 -0.52 5.57
N ASN B 52 37.62 -0.33 4.64
CA ASN B 52 37.31 0.98 4.07
C ASN B 52 36.03 1.55 4.69
N ALA B 53 35.27 0.72 5.43
CA ALA B 53 34.15 1.29 6.21
C ALA B 53 34.74 2.37 7.14
N GLY B 54 33.92 2.98 7.97
CA GLY B 54 34.40 4.01 8.89
C GLY B 54 33.29 4.52 9.78
N HIS B 55 33.06 3.83 10.90
CA HIS B 55 31.96 4.10 11.84
C HIS B 55 32.53 4.68 13.11
N THR B 56 32.24 5.93 13.41
CA THR B 56 32.82 6.57 14.61
C THR B 56 32.01 6.25 15.88
N ILE B 65 37.62 4.90 15.44
CA ILE B 65 36.87 4.48 14.25
C ILE B 65 36.91 2.96 14.17
N LEU B 66 35.80 2.36 13.72
CA LEU B 66 35.80 0.95 13.32
C LEU B 66 35.59 0.89 11.81
N ARG B 67 36.39 0.08 11.14
CA ARG B 67 36.28 -0.08 9.70
C ARG B 67 35.95 -1.53 9.28
N LEU B 68 36.26 -2.51 10.13
CA LEU B 68 36.12 -3.91 9.80
C LEU B 68 35.07 -4.57 10.68
N ILE B 69 35.24 -4.41 11.98
CA ILE B 69 34.35 -5.06 12.92
C ILE B 69 32.98 -4.43 12.86
N PRO B 70 31.94 -5.27 12.66
CA PRO B 70 30.59 -4.79 12.59
C PRO B 70 30.23 -3.91 13.74
N SER B 71 29.21 -3.11 13.51
CA SER B 71 28.94 -1.99 14.38
C SER B 71 28.15 -2.47 15.61
N GLY B 72 27.54 -3.66 15.49
CA GLY B 72 26.93 -4.31 16.65
C GLY B 72 27.84 -4.52 17.86
N ILE B 73 29.14 -4.49 17.65
CA ILE B 73 30.06 -4.72 18.76
C ILE B 73 29.89 -3.59 19.79
N MET B 74 29.38 -2.42 19.36
CA MET B 74 29.13 -1.29 20.30
C MET B 74 28.11 -1.63 21.38
N ARG B 75 27.37 -2.73 21.16
CA ARG B 75 26.27 -3.15 22.01
C ARG B 75 26.60 -4.50 22.67
N GLU B 76 26.66 -4.52 24.00
CA GLU B 76 26.94 -5.75 24.75
C GLU B 76 25.95 -6.84 24.33
N GLY B 77 26.43 -8.07 24.22
CA GLY B 77 25.55 -9.18 23.86
C GLY B 77 25.34 -9.48 22.37
N VAL B 78 25.67 -8.55 21.48
CA VAL B 78 25.39 -8.75 20.07
C VAL B 78 26.52 -9.52 19.38
N ALA B 79 26.17 -10.61 18.71
CA ALA B 79 27.11 -11.31 17.83
C ALA B 79 27.43 -10.51 16.58
N CYS B 80 28.73 -10.46 16.26
CA CYS B 80 29.24 -9.82 15.08
C CYS B 80 29.84 -10.87 14.10
N TYR B 81 29.43 -10.76 12.83
CA TYR B 81 29.90 -11.64 11.81
C TYR B 81 30.65 -10.95 10.67
N ILE B 82 31.82 -11.48 10.35
CA ILE B 82 32.56 -11.10 9.15
C ILE B 82 32.33 -12.19 8.12
N GLY B 83 31.50 -11.89 7.13
CA GLY B 83 31.09 -12.88 6.12
C GLY B 83 32.18 -13.22 5.12
N ASN B 84 31.95 -14.28 4.38
CA ASN B 84 32.91 -14.80 3.41
C ASN B 84 33.26 -13.77 2.30
N GLY B 85 32.37 -12.82 2.08
CA GLY B 85 32.51 -11.85 1.01
C GLY B 85 33.41 -10.70 1.34
N VAL B 86 33.85 -10.64 2.59
CA VAL B 86 34.78 -9.58 3.04
C VAL B 86 36.18 -9.93 2.60
N VAL B 87 37.03 -8.91 2.43
CA VAL B 87 38.45 -9.11 2.31
C VAL B 87 39.12 -8.57 3.58
N LEU B 88 39.87 -9.45 4.26
CA LEU B 88 40.31 -9.22 5.62
C LEU B 88 41.80 -9.03 5.76
N SER B 89 42.19 -7.85 6.23
CA SER B 89 43.56 -7.62 6.75
C SER B 89 43.69 -7.94 8.25
N PRO B 90 44.46 -8.98 8.61
CA PRO B 90 44.60 -9.30 10.02
C PRO B 90 45.24 -8.17 10.84
N GLU B 91 46.19 -7.44 10.26
CA GLU B 91 46.72 -6.27 10.94
C GLU B 91 45.60 -5.23 11.32
N ALA B 92 44.75 -4.88 10.35
CA ALA B 92 43.61 -3.98 10.60
C ALA B 92 42.73 -4.54 11.72
N LEU B 93 42.36 -5.80 11.60
CA LEU B 93 41.45 -6.45 12.55
C LEU B 93 41.99 -6.38 13.98
N PHE B 94 43.24 -6.78 14.21
CA PHE B 94 43.79 -6.80 15.54
C PHE B 94 44.13 -5.46 16.13
N LYS B 95 44.36 -4.45 15.30
CA LYS B 95 44.46 -3.10 15.80
C LYS B 95 43.10 -2.63 16.35
N GLU B 96 42.02 -2.92 15.61
CA GLU B 96 40.69 -2.58 16.07
C GLU B 96 40.36 -3.32 17.35
N ILE B 97 40.59 -4.64 17.37
CA ILE B 97 40.31 -5.45 18.56
C ILE B 97 41.04 -4.86 19.77
N GLY B 98 42.32 -4.51 19.60
CA GLY B 98 43.09 -3.84 20.65
C GLY B 98 42.39 -2.60 21.17
N GLU B 99 42.04 -1.67 20.28
CA GLU B 99 41.38 -0.43 20.72
C GLU B 99 40.12 -0.68 21.56
N LEU B 100 39.28 -1.58 21.10
CA LEU B 100 38.06 -1.92 21.80
C LEU B 100 38.32 -2.57 23.17
N GLU B 101 39.24 -3.55 23.21
CA GLU B 101 39.67 -4.20 24.47
C GLU B 101 40.27 -3.20 25.47
N GLU B 102 41.02 -2.21 24.98
CA GLU B 102 41.56 -1.12 25.82
C GLU B 102 40.43 -0.26 26.40
N ALA B 103 39.32 -0.13 25.66
CA ALA B 103 38.17 0.59 26.14
C ALA B 103 37.24 -0.31 26.96
N GLY B 104 37.72 -1.52 27.30
CA GLY B 104 37.02 -2.42 28.22
C GLY B 104 35.90 -3.27 27.63
N LEU B 105 35.76 -3.27 26.31
CA LEU B 105 34.72 -4.07 25.65
C LEU B 105 35.16 -5.54 25.52
N SER B 106 34.21 -6.46 25.60
CA SER B 106 34.46 -7.85 25.27
C SER B 106 34.02 -8.13 23.83
N VAL B 107 34.98 -8.63 23.04
CA VAL B 107 34.86 -8.71 21.59
C VAL B 107 34.97 -10.14 21.10
N ARG B 108 36.07 -10.80 21.45
CA ARG B 108 36.47 -11.99 20.72
C ARG B 108 35.54 -13.16 20.82
N GLU B 109 34.90 -13.32 21.97
CA GLU B 109 33.96 -14.41 22.14
C GLU B 109 32.74 -14.23 21.27
N ARG B 110 32.49 -13.00 20.80
CA ARG B 110 31.28 -12.76 20.01
C ARG B 110 31.53 -12.24 18.60
N LEU B 111 32.76 -12.43 18.15
CA LEU B 111 33.17 -12.06 16.81
C LEU B 111 33.47 -13.34 16.03
N PHE B 112 32.77 -13.50 14.93
CA PHE B 112 32.81 -14.73 14.15
C PHE B 112 33.26 -14.44 12.71
N ILE B 113 34.38 -15.06 12.33
CA ILE B 113 35.05 -14.72 11.08
C ILE B 113 34.99 -15.94 10.16
N SER B 114 34.35 -15.75 9.02
CA SER B 114 34.18 -16.81 8.03
C SER B 114 35.47 -17.49 7.67
N GLU B 115 35.44 -18.81 7.67
CA GLU B 115 36.59 -19.55 7.29
C GLU B 115 36.90 -19.28 5.79
N ALA B 116 35.91 -18.78 5.02
CA ALA B 116 36.13 -18.56 3.59
C ALA B 116 36.45 -17.09 3.27
N THR B 117 36.53 -16.23 4.28
CA THR B 117 36.93 -14.83 4.06
C THR B 117 38.28 -14.75 3.35
N THR B 118 38.39 -13.88 2.36
CA THR B 118 39.61 -13.70 1.62
C THR B 118 40.58 -12.82 2.40
N LEU B 119 41.84 -13.20 2.46
CA LEU B 119 42.84 -12.41 3.16
C LEU B 119 43.43 -11.30 2.28
N ILE B 120 43.76 -10.18 2.91
CA ILE B 120 44.60 -9.19 2.31
C ILE B 120 46.02 -9.41 2.88
N LEU B 121 46.96 -9.58 1.95
CA LEU B 121 48.35 -9.89 2.24
C LEU B 121 49.23 -8.70 1.90
N PRO B 122 50.44 -8.65 2.46
CA PRO B 122 51.29 -7.51 2.18
C PRO B 122 51.54 -7.25 0.65
N TYR B 123 51.57 -8.28 -0.20
CA TYR B 123 51.77 -8.01 -1.62
C TYR B 123 50.60 -7.28 -2.27
N HIS B 124 49.39 -7.47 -1.73
CA HIS B 124 48.23 -6.74 -2.24
C HIS B 124 48.42 -5.27 -2.01
N ILE B 125 48.96 -4.90 -0.85
CA ILE B 125 49.22 -3.47 -0.58
C ILE B 125 50.34 -2.98 -1.47
N ALA B 126 51.34 -3.84 -1.69
CA ALA B 126 52.46 -3.45 -2.54
C ALA B 126 51.99 -3.18 -3.98
N ILE B 127 51.11 -4.04 -4.50
CA ILE B 127 50.52 -3.87 -5.81
C ILE B 127 49.80 -2.53 -5.94
N ASP B 128 48.99 -2.19 -4.92
CA ASP B 128 48.34 -0.87 -4.86
C ASP B 128 49.35 0.26 -4.92
N GLN B 129 50.39 0.19 -4.09
CA GLN B 129 51.39 1.26 -4.07
C GLN B 129 52.10 1.39 -5.43
N ALA B 130 52.40 0.25 -6.07
CA ALA B 130 53.14 0.24 -7.36
C ALA B 130 52.30 0.81 -8.49
N ARG B 131 51.00 0.55 -8.46
CA ARG B 131 50.04 1.13 -9.40
C ARG B 131 49.84 2.63 -9.15
N GLU B 132 49.64 3.02 -7.89
CA GLU B 132 49.59 4.46 -7.53
C GLU B 132 50.79 5.25 -8.10
N ALA B 133 51.98 4.68 -8.01
CA ALA B 133 53.18 5.27 -8.59
C ALA B 133 53.17 5.04 -10.09
N ARG B 145 44.93 0.23 0.12
CA ARG B 145 44.87 -0.64 1.27
C ARG B 145 44.86 -2.10 0.89
N GLY B 146 45.06 -2.40 -0.40
CA GLY B 146 45.16 -3.78 -0.88
C GLY B 146 43.84 -4.49 -1.17
N ILE B 147 42.72 -3.77 -1.04
CA ILE B 147 41.37 -4.35 -1.25
C ILE B 147 41.11 -4.84 -2.69
N GLY B 148 41.35 -3.98 -3.70
CA GLY B 148 41.31 -4.38 -5.12
C GLY B 148 42.13 -5.64 -5.46
N PRO B 149 43.42 -5.61 -5.17
CA PRO B 149 44.27 -6.76 -5.45
C PRO B 149 43.82 -8.04 -4.77
N ALA B 150 43.30 -7.94 -3.55
CA ALA B 150 42.72 -9.09 -2.88
C ALA B 150 41.53 -9.69 -3.64
N TYR B 151 40.58 -8.84 -4.06
CA TYR B 151 39.42 -9.31 -4.86
C TYR B 151 39.90 -9.83 -6.24
N GLU B 152 40.95 -9.24 -6.77
CA GLU B 152 41.52 -9.74 -8.04
C GLU B 152 42.06 -11.17 -7.88
N ASP B 153 42.75 -11.44 -6.79
CA ASP B 153 43.21 -12.82 -6.51
C ASP B 153 42.07 -13.80 -6.31
N LYS B 154 41.02 -13.32 -5.64
CA LYS B 154 39.83 -14.13 -5.41
C LYS B 154 39.28 -14.58 -6.75
N VAL B 155 38.92 -13.63 -7.61
CA VAL B 155 38.36 -13.97 -8.91
C VAL B 155 39.37 -14.80 -9.76
N GLY B 156 40.65 -14.53 -9.57
CA GLY B 156 41.69 -15.29 -10.21
C GLY B 156 41.83 -16.70 -9.65
N ARG B 157 41.05 -17.04 -8.61
CA ARG B 157 41.09 -18.35 -8.02
C ARG B 157 42.47 -18.74 -7.48
N ARG B 158 43.21 -17.76 -6.97
CA ARG B 158 44.50 -18.00 -6.31
C ARG B 158 44.56 -17.42 -4.90
N ALA B 159 43.47 -16.81 -4.44
CA ALA B 159 43.39 -16.18 -3.13
C ALA B 159 43.58 -17.18 -1.97
N LEU B 160 44.38 -16.76 -1.01
CA LEU B 160 44.52 -17.45 0.29
C LEU B 160 43.38 -16.90 1.13
N ARG B 161 42.65 -17.79 1.76
CA ARG B 161 41.56 -17.46 2.62
C ARG B 161 41.91 -17.71 4.11
N VAL B 162 41.02 -17.29 4.99
CA VAL B 162 41.25 -17.42 6.42
C VAL B 162 41.62 -18.85 6.84
N GLN B 163 40.85 -19.83 6.39
CA GLN B 163 41.09 -21.22 6.78
C GLN B 163 42.48 -21.73 6.42
N ASP B 164 43.08 -21.16 5.36
CA ASP B 164 44.36 -21.63 4.84
C ASP B 164 45.53 -21.36 5.78
N LEU B 165 45.34 -20.43 6.71
CA LEU B 165 46.35 -20.09 7.73
C LEU B 165 46.69 -21.27 8.66
N PHE B 166 45.80 -22.28 8.72
CA PHE B 166 45.96 -23.37 9.68
C PHE B 166 46.62 -24.61 9.09
N ASP B 167 47.10 -24.51 7.85
CA ASP B 167 48.02 -25.51 7.29
C ASP B 167 49.21 -24.78 6.70
N ALA B 168 50.29 -24.70 7.47
CA ALA B 168 51.42 -23.82 7.16
C ALA B 168 52.12 -24.24 5.89
N ARG B 169 52.15 -25.55 5.68
CA ARG B 169 52.83 -26.14 4.53
C ARG B 169 52.14 -25.70 3.23
N THR B 170 50.84 -25.95 3.12
CA THR B 170 50.10 -25.57 1.90
C THR B 170 49.80 -24.07 1.75
N PHE B 171 49.74 -23.34 2.86
CA PHE B 171 49.72 -21.86 2.77
C PHE B 171 50.99 -21.35 2.07
N ALA B 172 52.15 -21.82 2.55
CA ALA B 172 53.44 -21.51 1.94
C ALA B 172 53.46 -21.81 0.44
N ASP B 173 52.97 -22.98 0.05
CA ASP B 173 53.07 -23.43 -1.35
C ASP B 173 52.19 -22.59 -2.27
N ARG B 174 51.00 -22.22 -1.81
CA ARG B 174 50.16 -21.31 -2.56
C ARG B 174 50.81 -19.92 -2.61
N LEU B 175 51.28 -19.46 -1.46
CA LEU B 175 51.88 -18.13 -1.38
C LEU B 175 53.06 -18.04 -2.36
N ARG B 176 53.91 -19.07 -2.38
CA ARG B 176 55.07 -19.08 -3.27
CA ARG B 176 55.07 -19.09 -3.26
C ARG B 176 54.66 -18.93 -4.73
N GLU B 177 53.67 -19.70 -5.15
CA GLU B 177 53.16 -19.61 -6.52
C GLU B 177 52.54 -18.22 -6.80
N ASN B 178 51.74 -17.68 -5.88
CA ASN B 178 51.22 -16.31 -6.00
C ASN B 178 52.30 -15.24 -6.16
N LEU B 179 53.28 -15.28 -5.27
CA LEU B 179 54.41 -14.39 -5.33
C LEU B 179 55.28 -14.55 -6.59
N ASP B 180 55.21 -15.69 -7.25
CA ASP B 180 56.01 -15.86 -8.46
C ASP B 180 55.37 -14.97 -9.53
N PHE B 181 54.06 -14.97 -9.57
CA PHE B 181 53.36 -14.13 -10.51
C PHE B 181 53.41 -12.66 -10.14
N HIS B 182 53.06 -12.33 -8.90
CA HIS B 182 52.90 -10.94 -8.51
C HIS B 182 54.25 -10.21 -8.50
N ASN B 183 55.32 -10.93 -8.16
CA ASN B 183 56.67 -10.34 -8.23
C ASN B 183 57.19 -10.16 -9.69
N PHE B 184 56.69 -11.00 -10.60
CA PHE B 184 56.88 -10.75 -12.01
C PHE B 184 56.22 -9.41 -12.40
N VAL B 185 54.93 -9.23 -12.06
CA VAL B 185 54.21 -7.99 -12.42
C VAL B 185 54.85 -6.79 -11.72
N LEU B 186 55.10 -6.92 -10.43
CA LEU B 186 55.64 -5.81 -9.67
C LEU B 186 56.92 -5.33 -10.29
N THR B 187 57.87 -6.26 -10.52
CA THR B 187 59.24 -5.90 -10.92
C THR B 187 59.37 -5.65 -12.43
N GLN B 188 58.70 -6.46 -13.24
CA GLN B 188 58.90 -6.44 -14.68
C GLN B 188 57.92 -5.51 -15.37
N TYR B 189 56.70 -5.38 -14.81
CA TYR B 189 55.68 -4.53 -15.44
C TYR B 189 55.45 -3.16 -14.78
N LEU B 190 55.20 -3.13 -13.48
CA LEU B 190 54.90 -1.88 -12.77
C LEU B 190 56.15 -1.20 -12.30
N GLY B 191 57.30 -1.79 -12.59
CA GLY B 191 58.58 -1.30 -12.10
C GLY B 191 58.62 -1.07 -10.60
N GLY B 192 58.04 -1.99 -9.84
CA GLY B 192 58.07 -1.95 -8.37
C GLY B 192 59.18 -2.82 -7.79
N ALA B 193 59.15 -2.98 -6.47
CA ALA B 193 60.09 -3.89 -5.78
C ALA B 193 59.45 -5.27 -5.58
N ALA B 194 60.28 -6.30 -5.53
CA ALA B 194 59.81 -7.66 -5.21
C ALA B 194 59.38 -7.71 -3.73
N VAL B 195 58.31 -8.42 -3.45
CA VAL B 195 57.92 -8.68 -2.05
C VAL B 195 58.54 -10.03 -1.56
N ASP B 196 59.18 -10.01 -0.39
CA ASP B 196 59.87 -11.21 0.12
C ASP B 196 58.91 -12.30 0.58
N PHE B 197 59.21 -13.53 0.15
CA PHE B 197 58.40 -14.70 0.47
C PHE B 197 58.40 -14.98 1.97
N GLN B 198 59.58 -15.14 2.55
CA GLN B 198 59.66 -15.60 3.94
C GLN B 198 59.06 -14.60 4.91
N ALA B 199 59.32 -13.31 4.67
CA ALA B 199 58.80 -12.27 5.54
C ALA B 199 57.27 -12.30 5.46
N THR B 200 56.76 -12.41 4.24
CA THR B 200 55.32 -12.47 4.05
C THR B 200 54.71 -13.70 4.73
N LEU B 201 55.36 -14.85 4.58
CA LEU B 201 54.91 -16.06 5.24
C LEU B 201 54.88 -15.88 6.76
N ASP B 202 55.98 -15.39 7.34
CA ASP B 202 56.08 -15.25 8.82
C ASP B 202 55.00 -14.31 9.36
N THR B 203 54.84 -13.16 8.69
CA THR B 203 53.82 -12.19 9.10
C THR B 203 52.46 -12.84 9.10
N MET B 204 52.14 -13.56 8.04
CA MET B 204 50.77 -14.09 7.89
C MET B 204 50.49 -15.23 8.88
N LEU B 205 51.41 -16.20 8.99
CA LEU B 205 51.25 -17.30 9.93
C LEU B 205 51.36 -16.77 11.37
N GLY B 206 52.01 -15.62 11.55
CA GLY B 206 52.01 -14.89 12.83
C GLY B 206 50.61 -14.56 13.38
N TYR B 207 49.56 -14.58 12.55
CA TYR B 207 48.20 -14.25 12.99
C TYR B 207 47.34 -15.47 13.31
N ALA B 208 47.86 -16.67 13.06
CA ALA B 208 47.05 -17.88 13.07
C ALA B 208 46.48 -18.20 14.46
N ASP B 209 47.32 -18.12 15.50
CA ASP B 209 46.90 -18.48 16.86
C ASP B 209 45.87 -17.49 17.40
N ARG B 210 46.08 -16.20 17.12
CA ARG B 210 45.08 -15.19 17.49
C ARG B 210 43.74 -15.31 16.72
N LEU B 211 43.78 -15.68 15.45
CA LEU B 211 42.56 -15.73 14.64
C LEU B 211 41.74 -16.97 14.93
N ARG B 212 42.43 -18.08 15.27
CA ARG B 212 41.79 -19.41 15.41
C ARG B 212 40.49 -19.45 16.21
N PRO B 213 40.45 -18.87 17.44
CA PRO B 213 39.20 -19.03 18.22
C PRO B 213 37.97 -18.31 17.62
N MET B 214 38.20 -17.38 16.71
CA MET B 214 37.10 -16.64 16.08
C MET B 214 36.64 -17.24 14.73
N VAL B 215 37.35 -18.21 14.20
CA VAL B 215 37.06 -18.72 12.85
C VAL B 215 35.78 -19.53 12.97
N ALA B 216 34.89 -19.35 12.01
CA ALA B 216 33.55 -19.86 12.13
C ALA B 216 32.91 -20.16 10.77
N ASP B 217 31.93 -21.06 10.80
CA ASP B 217 31.02 -21.33 9.67
C ASP B 217 29.85 -20.36 9.80
N VAL B 218 30.12 -19.14 9.37
CA VAL B 218 29.21 -18.03 9.50
C VAL B 218 27.86 -18.34 8.82
N SER B 219 27.95 -18.96 7.65
CA SER B 219 26.73 -19.24 6.88
C SER B 219 25.81 -20.08 7.71
N ARG B 220 26.34 -21.12 8.34
CA ARG B 220 25.55 -22.07 9.09
C ARG B 220 24.97 -21.41 10.33
N ARG B 221 25.77 -20.56 10.98
CA ARG B 221 25.36 -19.86 12.19
C ARG B 221 24.22 -18.90 11.86
N LEU B 222 24.32 -18.22 10.71
CA LEU B 222 23.25 -17.27 10.33
C LEU B 222 21.95 -18.02 10.01
N TYR B 223 22.05 -19.17 9.36
CA TYR B 223 20.86 -20.00 9.15
C TYR B 223 20.24 -20.36 10.50
N GLU B 224 21.08 -20.78 11.45
CA GLU B 224 20.59 -21.20 12.77
C GLU B 224 20.02 -20.04 13.60
N GLU B 225 20.67 -18.87 13.61
CA GLU B 225 20.11 -17.67 14.22
C GLU B 225 18.64 -17.41 13.75
N ASN B 226 18.41 -17.34 12.42
CA ASN B 226 17.04 -17.10 11.89
C ASN B 226 16.08 -18.26 12.22
N HIS B 227 16.58 -19.49 12.14
CA HIS B 227 15.77 -20.66 12.50
C HIS B 227 15.32 -20.62 13.97
N ALA B 228 16.12 -20.02 14.86
CA ALA B 228 15.73 -19.85 16.25
C ALA B 228 14.90 -18.58 16.51
N GLY B 229 14.52 -17.88 15.44
CA GLY B 229 13.66 -16.69 15.51
C GLY B 229 14.38 -15.36 15.75
N ARG B 230 15.71 -15.38 15.72
CA ARG B 230 16.48 -14.16 15.98
CA ARG B 230 16.47 -14.15 15.97
C ARG B 230 16.64 -13.34 14.68
N ASN B 231 16.93 -12.05 14.85
CA ASN B 231 17.00 -11.07 13.80
C ASN B 231 18.42 -10.66 13.49
N LEU B 232 18.71 -10.47 12.21
CA LEU B 232 20.00 -10.03 11.76
C LEU B 232 19.94 -8.68 11.04
N LEU B 233 21.02 -7.93 11.22
CA LEU B 233 21.29 -6.70 10.46
C LEU B 233 22.47 -6.99 9.53
N PHE B 234 22.25 -6.90 8.24
CA PHE B 234 23.34 -6.99 7.28
C PHE B 234 23.81 -5.59 6.99
N GLU B 235 25.06 -5.29 7.38
CA GLU B 235 25.57 -3.91 7.38
C GLU B 235 26.45 -3.65 6.12
N GLY B 236 25.96 -2.80 5.22
CA GLY B 236 26.71 -2.44 4.04
C GLY B 236 27.85 -1.50 4.39
N ALA B 237 28.91 -1.55 3.59
CA ALA B 237 30.13 -0.84 3.93
C ALA B 237 30.49 0.23 2.90
N GLN B 238 29.99 0.12 1.70
CA GLN B 238 30.30 1.03 0.63
C GLN B 238 29.03 1.45 -0.03
N GLY B 239 29.02 2.69 -0.49
CA GLY B 239 27.84 3.21 -1.21
C GLY B 239 27.49 2.32 -2.38
N THR B 240 26.19 2.05 -2.59
CA THR B 240 25.82 1.07 -3.61
C THR B 240 26.01 1.57 -5.05
N LEU B 241 26.19 2.87 -5.28
CA LEU B 241 26.48 3.36 -6.61
C LEU B 241 27.95 3.15 -6.97
N LEU B 242 28.71 2.62 -6.04
CA LEU B 242 30.05 2.15 -6.33
C LEU B 242 30.02 0.66 -6.74
N ASP B 243 28.84 0.09 -6.91
CA ASP B 243 28.77 -1.33 -7.28
C ASP B 243 29.49 -1.59 -8.60
N ILE B 244 30.29 -2.65 -8.66
CA ILE B 244 31.04 -2.98 -9.88
C ILE B 244 30.20 -3.17 -11.16
N ASP B 245 28.97 -3.69 -11.06
CA ASP B 245 28.09 -3.82 -12.25
C ASP B 245 27.36 -2.53 -12.61
N HIS B 246 26.77 -1.88 -11.61
CA HIS B 246 25.79 -0.82 -11.83
C HIS B 246 26.28 0.56 -11.69
N GLY B 247 27.46 0.73 -11.10
CA GLY B 247 28.05 2.08 -10.94
C GLY B 247 28.73 2.62 -12.18
N THR B 248 29.41 3.78 -12.05
CA THR B 248 29.94 4.49 -13.20
C THR B 248 31.31 3.86 -13.58
N TYR B 249 31.26 2.59 -14.02
CA TYR B 249 32.42 1.77 -14.36
C TYR B 249 33.32 2.56 -15.32
N PRO B 250 34.65 2.60 -15.05
CA PRO B 250 35.47 1.91 -14.04
C PRO B 250 35.66 2.61 -12.68
N PHE B 251 34.91 3.67 -12.41
CA PHE B 251 35.03 4.43 -11.16
C PHE B 251 34.03 3.83 -10.17
N VAL B 252 34.37 2.62 -9.76
CA VAL B 252 33.55 1.77 -8.96
C VAL B 252 34.53 1.03 -8.10
N THR B 253 34.00 0.34 -7.10
CA THR B 253 34.79 -0.54 -6.26
C THR B 253 34.92 -1.92 -6.91
N SER B 254 35.79 -2.76 -6.35
CA SER B 254 36.22 -4.02 -6.94
C SER B 254 35.36 -5.22 -6.60
N SER B 255 34.10 -4.96 -6.33
CA SER B 255 33.11 -6.01 -6.04
C SER B 255 31.70 -5.46 -6.14
N ASN B 256 30.74 -6.36 -6.07
CA ASN B 256 29.37 -5.97 -5.95
C ASN B 256 29.02 -5.54 -4.51
N CYS B 257 28.27 -4.43 -4.41
CA CYS B 257 27.83 -3.99 -3.11
C CYS B 257 26.36 -3.59 -3.02
N VAL B 258 25.58 -3.83 -4.08
CA VAL B 258 24.15 -3.70 -3.98
C VAL B 258 23.63 -4.64 -2.87
N ALA B 259 22.47 -4.34 -2.36
CA ALA B 259 21.91 -5.04 -1.19
C ALA B 259 21.84 -6.59 -1.40
N GLY B 260 21.56 -7.02 -2.61
CA GLY B 260 21.52 -8.46 -2.93
C GLY B 260 22.84 -9.20 -2.75
N ALA B 261 23.95 -8.46 -2.77
CA ALA B 261 25.32 -9.02 -2.48
C ALA B 261 25.46 -9.62 -1.07
N ALA B 262 24.61 -9.18 -0.14
CA ALA B 262 24.56 -9.77 1.21
C ALA B 262 24.31 -11.28 1.16
N ALA B 263 23.56 -11.74 0.16
CA ALA B 263 23.22 -13.14 0.06
C ALA B 263 24.48 -13.95 -0.15
N ALA B 264 25.15 -13.75 -1.28
CA ALA B 264 26.40 -14.45 -1.54
C ALA B 264 27.45 -14.17 -0.48
N GLY B 265 27.55 -12.91 -0.07
CA GLY B 265 28.63 -12.47 0.80
C GLY B 265 28.59 -12.98 2.25
N ALA B 266 27.40 -13.37 2.71
CA ALA B 266 27.16 -13.91 4.06
C ALA B 266 26.78 -15.39 4.01
N GLY B 267 26.49 -15.92 2.83
CA GLY B 267 26.09 -17.33 2.71
C GLY B 267 24.67 -17.60 3.10
N VAL B 268 23.77 -16.68 2.74
CA VAL B 268 22.33 -16.86 2.93
C VAL B 268 21.59 -16.62 1.63
N GLY B 269 20.33 -17.05 1.60
CA GLY B 269 19.51 -16.91 0.42
C GLY B 269 18.95 -15.51 0.32
N PRO B 270 18.48 -15.12 -0.89
CA PRO B 270 17.94 -13.77 -1.07
C PRO B 270 16.70 -13.49 -0.25
N GLN B 271 15.94 -14.54 0.06
CA GLN B 271 14.74 -14.43 0.90
C GLN B 271 14.98 -14.04 2.37
N LYS B 272 16.22 -14.21 2.88
CA LYS B 272 16.60 -13.73 4.19
C LYS B 272 16.77 -12.22 4.20
N LEU B 273 16.74 -11.59 3.05
CA LEU B 273 17.03 -10.16 2.96
C LEU B 273 15.72 -9.37 2.96
N ASN B 274 15.06 -9.32 4.12
CA ASN B 274 13.61 -9.04 4.18
C ASN B 274 13.22 -7.61 3.91
N TYR B 275 13.97 -6.67 4.43
CA TYR B 275 13.67 -5.29 4.25
C TYR B 275 14.99 -4.58 4.00
N ILE B 276 15.02 -3.73 2.98
CA ILE B 276 16.21 -3.06 2.59
C ILE B 276 16.05 -1.61 2.90
N LEU B 277 16.83 -1.15 3.85
CA LEU B 277 16.85 0.24 4.23
C LEU B 277 17.90 1.00 3.46
N GLY B 278 17.42 1.92 2.61
CA GLY B 278 18.29 2.75 1.83
C GLY B 278 18.64 4.05 2.51
N ILE B 279 19.83 4.15 3.05
CA ILE B 279 20.26 5.41 3.71
C ILE B 279 20.65 6.42 2.66
N THR B 280 20.04 7.63 2.70
CA THR B 280 20.08 8.56 1.59
C THR B 280 20.35 9.96 2.13
N LYS B 281 21.46 10.55 1.74
CA LYS B 281 21.77 11.91 2.21
C LYS B 281 20.89 12.88 1.41
N ALA B 282 20.56 14.01 2.01
CA ALA B 282 19.70 15.01 1.42
C ALA B 282 20.39 15.79 0.33
N TYR B 283 21.63 15.44 0.04
CA TYR B 283 22.38 15.98 -1.10
C TYR B 283 23.45 14.95 -1.40
N CYS B 284 24.19 15.12 -2.50
CA CYS B 284 25.08 14.09 -2.94
C CYS B 284 26.57 14.47 -2.73
N THR B 285 27.40 13.47 -2.42
CA THR B 285 28.85 13.63 -2.48
C THR B 285 29.53 12.50 -3.27
N ARG B 286 30.73 12.78 -3.77
CA ARG B 286 31.63 11.75 -4.26
C ARG B 286 33.03 12.06 -3.76
N VAL B 287 33.80 11.01 -3.56
CA VAL B 287 35.21 11.17 -3.16
C VAL B 287 35.99 10.50 -4.28
N GLY B 288 36.98 11.21 -4.82
CA GLY B 288 37.83 10.69 -5.92
C GLY B 288 37.34 11.12 -7.29
N SER B 289 37.72 10.38 -8.33
CA SER B 289 37.25 10.64 -9.69
C SER B 289 35.98 9.85 -10.00
N GLY B 290 35.29 10.30 -11.03
CA GLY B 290 34.10 9.63 -11.51
C GLY B 290 33.04 10.69 -11.73
N PRO B 291 32.23 10.50 -12.76
CA PRO B 291 31.34 11.59 -13.04
C PRO B 291 30.19 11.64 -12.02
N PHE B 292 29.54 12.79 -12.01
CA PHE B 292 28.66 13.20 -10.93
C PHE B 292 27.70 14.28 -11.50
N PRO B 293 26.55 13.84 -12.07
CA PRO B 293 25.79 14.83 -12.83
C PRO B 293 25.35 16.09 -12.07
N SER B 294 25.05 15.96 -10.77
CA SER B 294 24.45 17.06 -10.00
C SER B 294 25.50 17.83 -9.25
N GLU B 295 26.76 17.65 -9.66
CA GLU B 295 27.91 18.15 -8.93
C GLU B 295 27.87 19.65 -8.90
N LEU B 296 28.19 20.20 -7.74
CA LEU B 296 28.25 21.65 -7.56
C LEU B 296 29.67 22.12 -7.30
N TYR B 297 30.39 21.39 -6.44
CA TYR B 297 31.66 21.85 -5.92
C TYR B 297 32.66 20.74 -5.83
N ASP B 298 33.83 20.98 -6.38
CA ASP B 298 34.94 20.04 -6.30
C ASP B 298 36.19 20.90 -6.12
N ALA B 299 36.78 20.84 -4.93
CA ALA B 299 37.92 21.71 -4.62
C ALA B 299 39.00 21.65 -5.70
N ASP B 300 39.19 20.49 -6.35
CA ASP B 300 40.23 20.35 -7.40
C ASP B 300 39.74 20.57 -8.85
N ASN B 301 38.55 21.12 -9.01
CA ASN B 301 38.03 21.42 -10.34
C ASN B 301 37.60 22.89 -10.46
N PRO B 302 38.35 23.68 -11.25
CA PRO B 302 38.09 25.12 -11.32
C PRO B 302 36.75 25.48 -11.92
N SER B 303 36.16 24.61 -12.75
CA SER B 303 34.87 24.92 -13.35
C SER B 303 33.67 24.62 -12.43
N ARG B 304 33.89 23.92 -11.30
CA ARG B 304 32.82 23.56 -10.35
C ARG B 304 33.10 24.18 -8.99
N GLN B 305 32.92 25.48 -8.88
CA GLN B 305 33.23 26.17 -7.64
C GLN B 305 31.97 26.85 -7.08
N ASP B 306 30.81 26.19 -7.25
CA ASP B 306 29.55 26.81 -6.87
C ASP B 306 29.46 27.05 -5.37
N GLN B 307 29.09 28.26 -4.96
CA GLN B 307 29.07 28.62 -3.55
C GLN B 307 28.14 27.72 -2.77
N ILE B 308 26.99 27.35 -3.36
CA ILE B 308 26.09 26.41 -2.68
C ILE B 308 26.82 25.09 -2.38
N GLY B 309 27.65 24.61 -3.29
CA GLY B 309 28.42 23.39 -3.04
C GLY B 309 29.43 23.51 -1.93
N ILE B 310 30.06 24.68 -1.84
CA ILE B 310 31.00 24.97 -0.76
C ILE B 310 30.25 24.96 0.57
N THR B 311 29.03 25.48 0.55
CA THR B 311 28.19 25.53 1.71
C THR B 311 27.75 24.14 2.15
N LEU B 312 27.38 23.29 1.19
CA LEU B 312 27.10 21.87 1.47
C LEU B 312 28.30 21.20 2.15
N ALA B 313 29.48 21.37 1.58
CA ALA B 313 30.69 20.79 2.11
C ALA B 313 31.01 21.25 3.54
N ASN B 314 30.89 22.55 3.78
CA ASN B 314 31.24 23.13 5.05
C ASN B 314 30.23 22.82 6.16
N VAL B 315 28.97 23.13 5.90
CA VAL B 315 27.88 22.82 6.82
C VAL B 315 27.69 21.32 7.02
N GLY B 316 27.93 20.55 5.96
CA GLY B 316 27.84 19.09 6.03
C GLY B 316 29.07 18.42 6.62
N LYS B 317 30.07 19.23 6.92
CA LYS B 317 31.35 18.72 7.40
C LYS B 317 31.84 17.54 6.55
N GLU B 318 31.86 17.74 5.22
CA GLU B 318 32.26 16.70 4.25
C GLU B 318 33.76 16.67 4.00
N PHE B 319 34.50 16.26 5.03
CA PHE B 319 35.97 16.22 4.95
C PHE B 319 36.43 14.83 5.32
N GLY B 320 37.43 14.31 4.62
CA GLY B 320 37.96 12.97 4.92
C GLY B 320 38.37 12.78 6.38
N SER B 321 37.88 11.70 6.98
CA SER B 321 38.20 11.33 8.37
C SER B 321 39.72 11.17 8.56
N VAL B 322 40.43 10.83 7.48
CA VAL B 322 41.88 10.68 7.49
C VAL B 322 42.60 11.88 6.82
N THR B 323 42.25 12.16 5.56
CA THR B 323 42.94 13.20 4.76
C THR B 323 42.67 14.65 5.17
N GLY B 324 41.49 14.90 5.75
CA GLY B 324 41.05 16.26 6.10
C GLY B 324 40.47 17.11 4.95
N ARG B 325 40.57 16.61 3.72
CA ARG B 325 40.20 17.44 2.55
C ARG B 325 38.74 17.20 2.12
N PRO B 326 38.12 18.21 1.49
CA PRO B 326 36.68 18.17 1.22
C PRO B 326 36.29 17.18 0.16
N ARG B 327 35.12 16.58 0.33
CA ARG B 327 34.53 15.76 -0.71
C ARG B 327 33.87 16.67 -1.75
N ARG B 328 33.50 16.07 -2.88
CA ARG B 328 32.79 16.77 -3.94
C ARG B 328 31.32 16.79 -3.56
N THR B 329 30.64 17.90 -3.77
CA THR B 329 29.25 17.97 -3.35
C THR B 329 28.35 18.40 -4.48
N GLY B 330 27.06 18.09 -4.38
CA GLY B 330 26.09 18.54 -5.33
C GLY B 330 24.69 18.27 -4.84
N TRP B 331 23.70 18.61 -5.66
CA TRP B 331 22.31 18.48 -5.22
C TRP B 331 21.92 17.02 -5.18
N LEU B 332 20.92 16.68 -4.38
CA LEU B 332 20.35 15.33 -4.39
C LEU B 332 19.92 14.96 -5.77
N ASP B 333 20.30 13.75 -6.19
CA ASP B 333 19.96 13.28 -7.50
C ASP B 333 18.98 12.17 -7.39
N ALA B 334 17.72 12.48 -7.70
CA ALA B 334 16.63 11.52 -7.51
C ALA B 334 16.54 10.56 -8.70
N ALA B 335 17.18 10.91 -9.83
CA ALA B 335 17.29 10.02 -10.97
C ALA B 335 18.28 8.88 -10.62
N ALA B 336 19.35 9.24 -9.92
CA ALA B 336 20.30 8.26 -9.38
C ALA B 336 19.70 7.49 -8.23
N LEU B 337 18.93 8.17 -7.35
CA LEU B 337 18.14 7.43 -6.31
C LEU B 337 17.23 6.36 -6.93
N ARG B 338 16.55 6.75 -7.98
CA ARG B 338 15.57 5.85 -8.55
C ARG B 338 16.25 4.61 -9.11
N ARG B 339 17.40 4.78 -9.78
CA ARG B 339 18.24 3.62 -10.15
C ARG B 339 18.62 2.78 -8.96
N SER B 340 19.18 3.45 -7.95
CA SER B 340 19.57 2.78 -6.68
C SER B 340 18.45 1.97 -6.08
N ILE B 341 17.21 2.49 -6.12
CA ILE B 341 16.07 1.81 -5.56
C ILE B 341 15.83 0.53 -6.36
N GLN B 342 15.97 0.59 -7.66
CA GLN B 342 15.68 -0.61 -8.47
C GLN B 342 16.77 -1.65 -8.34
N ILE B 343 18.03 -1.22 -8.32
CA ILE B 343 19.13 -2.21 -8.30
C ILE B 343 19.27 -2.85 -6.90
N ASN B 344 18.84 -2.14 -5.85
CA ASN B 344 18.94 -2.59 -4.46
C ASN B 344 17.67 -3.25 -3.95
N GLY B 345 16.54 -3.03 -4.64
CA GLY B 345 15.22 -3.40 -4.06
C GLY B 345 14.97 -2.67 -2.74
N VAL B 346 15.31 -1.39 -2.69
CA VAL B 346 15.10 -0.59 -1.47
C VAL B 346 13.64 -0.63 -1.05
N SER B 347 13.40 -0.96 0.21
CA SER B 347 12.00 -1.06 0.75
C SER B 347 11.54 0.29 1.20
N GLY B 348 12.45 1.05 1.79
CA GLY B 348 12.18 2.40 2.16
C GLY B 348 13.45 3.16 2.43
N LEU B 349 13.35 4.48 2.36
CA LEU B 349 14.49 5.35 2.60
C LEU B 349 14.61 5.84 4.01
N CYS B 350 15.84 6.06 4.44
CA CYS B 350 16.10 6.87 5.63
C CYS B 350 16.92 8.09 5.21
N MET B 351 16.33 9.26 5.33
CA MET B 351 16.99 10.49 4.90
C MET B 351 17.87 10.98 6.00
N THR B 352 19.08 11.41 5.63
CA THR B 352 20.04 12.00 6.56
C THR B 352 20.47 13.38 6.13
N LYS B 353 20.98 14.16 7.09
CA LYS B 353 21.61 15.45 6.81
C LYS B 353 20.67 16.47 6.13
N LEU B 354 19.36 16.40 6.40
CA LEU B 354 18.40 17.41 5.92
C LEU B 354 18.79 18.80 6.41
N ASP B 355 19.37 18.86 7.63
CA ASP B 355 19.71 20.14 8.30
C ASP B 355 20.74 20.91 7.53
N VAL B 356 21.51 20.19 6.70
CA VAL B 356 22.55 20.84 5.89
C VAL B 356 21.89 21.89 4.94
N LEU B 357 20.65 21.63 4.56
CA LEU B 357 19.93 22.52 3.65
C LEU B 357 19.19 23.64 4.41
N ASP B 358 19.09 23.53 5.75
CA ASP B 358 18.30 24.49 6.50
C ASP B 358 18.88 25.87 6.16
N GLY B 359 18.03 26.86 5.95
CA GLY B 359 18.55 28.21 5.68
C GLY B 359 18.93 28.54 4.25
N LEU B 360 18.94 27.57 3.34
CA LEU B 360 19.16 27.90 1.94
C LEU B 360 17.86 28.55 1.42
N ASP B 361 18.00 29.54 0.55
CA ASP B 361 16.91 30.25 -0.07
C ASP B 361 16.04 29.32 -0.95
N GLU B 362 16.69 28.42 -1.65
CA GLU B 362 16.00 27.40 -2.42
C GLU B 362 16.87 26.16 -2.50
N VAL B 363 16.25 25.04 -2.82
CA VAL B 363 16.98 23.81 -2.98
C VAL B 363 16.59 23.18 -4.33
N LYS B 364 17.50 22.45 -4.97
CA LYS B 364 17.15 21.78 -6.20
C LYS B 364 17.17 20.25 -6.09
N LEU B 365 16.37 19.63 -6.90
CA LEU B 365 16.36 18.19 -6.98
C LEU B 365 16.62 17.80 -8.46
N CYS B 366 17.70 17.06 -8.73
CA CYS B 366 17.93 16.53 -10.06
C CYS B 366 16.94 15.38 -10.29
N VAL B 367 16.06 15.51 -11.27
CA VAL B 367 15.00 14.53 -11.44
C VAL B 367 15.16 13.69 -12.71
N GLY B 368 16.24 13.94 -13.44
CA GLY B 368 16.42 13.32 -14.72
C GLY B 368 17.59 13.97 -15.40
N TYR B 369 17.86 13.53 -16.61
CA TYR B 369 18.97 14.12 -17.38
C TYR B 369 18.63 14.36 -18.82
N LYS B 370 19.43 15.24 -19.44
CA LYS B 370 19.53 15.31 -20.88
C LYS B 370 20.85 14.66 -21.30
N ILE B 371 20.77 13.65 -22.15
CA ILE B 371 21.95 13.01 -22.72
C ILE B 371 21.79 12.84 -24.22
N ASP B 372 22.74 13.39 -24.99
CA ASP B 372 22.71 13.35 -26.46
C ASP B 372 21.36 13.87 -26.96
N GLY B 373 20.90 14.97 -26.40
CA GLY B 373 19.64 15.58 -26.81
C GLY B 373 18.35 14.87 -26.35
N GLU B 374 18.45 13.74 -25.63
CA GLU B 374 17.29 12.95 -25.24
C GLU B 374 17.07 12.99 -23.71
N ASP B 375 15.85 12.70 -23.26
CA ASP B 375 15.55 12.63 -21.83
C ASP B 375 15.92 11.26 -21.28
N ALA B 376 16.59 11.23 -20.12
CA ALA B 376 16.74 9.99 -19.33
C ALA B 376 16.31 10.21 -17.88
N ASP B 377 15.52 9.27 -17.38
CA ASP B 377 14.98 9.29 -16.02
C ASP B 377 15.71 8.39 -14.98
N LEU B 378 16.71 7.63 -15.42
CA LEU B 378 17.54 6.81 -14.50
C LEU B 378 19.00 7.08 -14.73
N LEU B 379 19.81 7.02 -13.68
CA LEU B 379 21.25 7.11 -13.91
C LEU B 379 21.63 6.07 -14.97
N PRO B 380 22.33 6.49 -16.05
CA PRO B 380 22.80 5.51 -17.01
C PRO B 380 23.96 4.65 -16.46
N ARG B 381 24.27 3.60 -17.22
CA ARG B 381 25.43 2.72 -16.98
C ARG B 381 26.77 3.29 -17.50
N GLY B 382 27.80 3.21 -16.67
CA GLY B 382 29.17 3.44 -17.14
C GLY B 382 29.54 4.91 -17.03
N ALA B 383 30.83 5.17 -16.84
CA ALA B 383 31.30 6.56 -16.72
C ALA B 383 30.99 7.41 -17.96
N ALA B 384 31.15 6.83 -19.14
CA ALA B 384 31.12 7.58 -20.38
C ALA B 384 29.77 8.28 -20.51
N GLU B 385 28.68 7.50 -20.46
CA GLU B 385 27.35 8.06 -20.57
C GLU B 385 26.98 8.96 -19.38
N VAL B 386 27.43 8.61 -18.17
CA VAL B 386 27.06 9.43 -17.00
C VAL B 386 27.78 10.80 -17.11
N ALA B 387 29.01 10.79 -17.60
CA ALA B 387 29.69 12.07 -17.87
C ALA B 387 28.97 12.95 -18.95
N ARG B 388 28.13 12.36 -19.79
CA ARG B 388 27.40 13.14 -20.84
C ARG B 388 26.05 13.71 -20.33
N CYS B 389 25.66 13.33 -19.10
CA CYS B 389 24.40 13.75 -18.53
C CYS B 389 24.45 15.18 -18.08
N GLU B 390 23.51 15.96 -18.56
CA GLU B 390 23.20 17.25 -18.01
C GLU B 390 22.00 17.07 -17.04
N PRO B 391 22.15 17.52 -15.78
CA PRO B 391 21.03 17.45 -14.85
C PRO B 391 19.83 18.32 -15.26
N VAL B 392 18.63 17.80 -15.03
CA VAL B 392 17.38 18.50 -15.15
C VAL B 392 16.85 18.71 -13.73
N TYR B 393 16.72 19.95 -13.32
CA TYR B 393 16.40 20.23 -11.93
C TYR B 393 14.98 20.64 -11.76
N GLU B 394 14.36 20.25 -10.65
CA GLU B 394 13.23 21.01 -10.14
C GLU B 394 13.70 21.85 -8.98
N THR B 395 13.09 23.02 -8.82
CA THR B 395 13.49 24.00 -7.80
C THR B 395 12.44 24.09 -6.72
N PHE B 396 12.90 24.16 -5.48
CA PHE B 396 12.00 24.26 -4.32
C PHE B 396 12.37 25.43 -3.44
N GLY B 397 11.35 26.12 -2.92
CA GLY B 397 11.58 27.10 -1.89
C GLY B 397 12.27 26.45 -0.69
N GLY B 398 13.25 27.17 -0.13
CA GLY B 398 13.91 26.70 1.08
C GLY B 398 13.11 26.91 2.36
N TRP B 399 13.67 26.53 3.49
CA TRP B 399 13.00 26.76 4.76
C TRP B 399 13.97 27.42 5.70
N LYS B 400 13.49 28.28 6.58
CA LYS B 400 14.44 28.99 7.49
C LYS B 400 14.70 28.22 8.79
N GLU B 401 13.78 27.33 9.15
CA GLU B 401 13.87 26.67 10.44
C GLU B 401 15.05 25.72 10.51
N SER B 402 15.50 25.46 11.72
CA SER B 402 16.37 24.35 12.01
C SER B 402 15.54 23.08 11.96
N THR B 403 16.05 22.04 11.32
CA THR B 403 15.36 20.78 11.34
C THR B 403 16.05 19.76 12.25
N VAL B 404 17.12 20.22 12.91
CA VAL B 404 17.88 19.40 13.84
C VAL B 404 17.01 18.94 15.01
N GLY B 405 17.00 17.63 15.24
CA GLY B 405 16.30 17.06 16.40
C GLY B 405 14.80 16.78 16.22
N ILE B 406 14.21 17.22 15.12
CA ILE B 406 12.79 17.06 14.94
C ILE B 406 12.43 15.56 14.89
N ASN B 407 11.38 15.15 15.63
CA ASN B 407 11.08 13.74 15.74
C ASN B 407 9.68 13.37 15.28
N SER B 408 9.00 14.30 14.61
CA SER B 408 7.73 14.00 13.94
C SER B 408 7.65 14.70 12.59
N TRP B 409 7.04 14.02 11.64
CA TRP B 409 6.90 14.50 10.30
C TRP B 409 6.17 15.80 10.25
N ASP B 410 5.11 15.89 11.03
CA ASP B 410 4.22 17.04 10.93
C ASP B 410 4.95 18.27 11.48
N ALA B 411 5.98 18.08 12.30
CA ALA B 411 6.75 19.24 12.88
C ALA B 411 7.78 19.83 11.93
N LEU B 412 8.06 19.14 10.84
CA LEU B 412 8.95 19.65 9.81
C LEU B 412 8.32 20.84 9.11
N PRO B 413 9.14 21.85 8.75
CA PRO B 413 8.67 22.97 7.96
C PRO B 413 8.03 22.48 6.66
N ALA B 414 6.98 23.21 6.23
CA ALA B 414 6.21 22.90 5.02
C ALA B 414 7.13 22.71 3.81
N ASN B 415 8.11 23.58 3.66
CA ASN B 415 8.96 23.51 2.46
C ASN B 415 9.93 22.30 2.48
N ALA B 416 10.23 21.77 3.67
CA ALA B 416 11.05 20.57 3.81
C ALA B 416 10.18 19.36 3.48
N ARG B 417 8.96 19.39 3.97
CA ARG B 417 8.03 18.30 3.66
C ARG B 417 7.72 18.19 2.15
N ALA B 418 7.61 19.32 1.47
CA ALA B 418 7.33 19.35 0.03
C ALA B 418 8.54 18.84 -0.76
N TYR B 419 9.73 19.18 -0.30
CA TYR B 419 10.95 18.61 -0.92
C TYR B 419 10.99 17.08 -0.75
N LEU B 420 10.72 16.57 0.46
CA LEU B 420 10.86 15.15 0.68
C LEU B 420 9.73 14.40 0.03
N THR B 421 8.55 15.02 0.03
CA THR B 421 7.44 14.46 -0.70
C THR B 421 7.83 14.23 -2.16
N ARG B 422 8.50 15.20 -2.79
CA ARG B 422 8.88 15.05 -4.19
C ARG B 422 9.93 13.96 -4.33
N VAL B 423 10.89 13.93 -3.40
CA VAL B 423 11.91 12.85 -3.41
C VAL B 423 11.22 11.46 -3.45
N GLN B 424 10.23 11.25 -2.59
CA GLN B 424 9.51 9.98 -2.55
C GLN B 424 8.85 9.62 -3.87
N GLU B 425 8.29 10.63 -4.54
CA GLU B 425 7.61 10.43 -5.80
C GLU B 425 8.57 10.03 -6.88
N VAL B 426 9.68 10.74 -6.96
CA VAL B 426 10.62 10.52 -8.05
C VAL B 426 11.34 9.20 -7.83
N ALA B 427 11.65 8.86 -6.57
CA ALA B 427 12.37 7.60 -6.25
C ALA B 427 11.49 6.38 -6.39
N GLY B 428 10.21 6.57 -6.10
CA GLY B 428 9.21 5.52 -6.20
C GLY B 428 9.11 4.62 -5.00
N VAL B 429 9.61 5.07 -3.87
CA VAL B 429 9.50 4.32 -2.61
C VAL B 429 9.36 5.30 -1.44
N PRO B 430 8.72 4.86 -0.35
CA PRO B 430 8.48 5.77 0.77
C PRO B 430 9.71 6.04 1.61
N ILE B 431 9.76 7.25 2.13
CA ILE B 431 10.61 7.53 3.19
C ILE B 431 10.06 6.87 4.46
N ASP B 432 10.82 5.95 5.04
CA ASP B 432 10.40 5.28 6.28
C ASP B 432 11.01 5.85 7.53
N MET B 433 12.07 6.62 7.37
CA MET B 433 12.75 7.23 8.50
C MET B 433 13.42 8.51 8.06
N VAL B 434 13.58 9.45 8.98
CA VAL B 434 14.42 10.62 8.78
C VAL B 434 15.27 10.75 10.03
N SER B 435 16.59 10.70 9.89
CA SER B 435 17.47 10.95 11.01
C SER B 435 17.83 12.43 11.10
N THR B 436 17.50 13.06 12.22
CA THR B 436 17.63 14.49 12.34
C THR B 436 18.70 14.94 13.31
N GLY B 437 19.47 14.00 13.85
CA GLY B 437 20.52 14.28 14.80
C GLY B 437 21.15 12.97 15.28
N PRO B 438 22.24 13.07 16.04
CA PRO B 438 23.02 11.87 16.39
C PRO B 438 22.40 10.97 17.48
N ASP B 439 21.45 11.49 18.25
CA ASP B 439 20.86 10.74 19.38
C ASP B 439 19.73 9.85 18.86
N ARG B 440 19.46 8.74 19.54
CA ARG B 440 18.47 7.76 19.04
C ARG B 440 17.09 8.41 18.84
N ASP B 441 16.79 9.38 19.69
CA ASP B 441 15.47 10.03 19.73
C ASP B 441 15.32 11.15 18.67
N GLU B 442 16.41 11.50 18.00
CA GLU B 442 16.37 12.54 16.95
C GLU B 442 16.04 11.85 15.63
N THR B 443 14.80 11.43 15.51
CA THR B 443 14.44 10.44 14.50
C THR B 443 12.97 10.51 14.22
N ILE B 444 12.63 10.77 12.97
CA ILE B 444 11.23 10.70 12.57
C ILE B 444 11.09 9.28 12.07
N LEU B 445 10.16 8.55 12.67
CA LEU B 445 9.98 7.13 12.33
C LEU B 445 8.59 6.93 11.74
N LEU B 446 8.53 6.52 10.47
CA LEU B 446 7.25 6.26 9.81
C LEU B 446 6.91 4.79 9.64
N ARG B 447 7.91 3.91 9.52
CA ARG B 447 7.71 2.45 9.48
CA ARG B 447 7.71 2.45 9.48
C ARG B 447 8.96 1.82 10.02
N HIS B 448 8.80 0.84 10.89
CA HIS B 448 9.94 0.21 11.52
C HIS B 448 10.47 -0.90 10.64
N PRO B 449 11.75 -0.79 10.23
CA PRO B 449 12.34 -1.86 9.37
C PRO B 449 12.16 -3.29 9.90
N PHE B 450 12.16 -3.47 11.23
CA PHE B 450 12.08 -4.82 11.78
C PHE B 450 10.66 -5.29 12.08
N LYS B 451 9.65 -4.48 11.76
CA LYS B 451 8.24 -4.88 11.92
C LYS B 451 7.67 -5.17 10.53
N VAL B 452 7.27 -6.42 10.28
CA VAL B 452 6.69 -6.86 9.00
C VAL B 452 5.35 -6.19 8.73
N VAL C 12 -26.28 30.43 28.45
CA VAL C 12 -26.07 29.16 27.67
C VAL C 12 -27.39 28.37 27.91
N THR C 13 -28.16 28.10 26.85
CA THR C 13 -29.45 27.35 26.94
C THR C 13 -29.26 25.84 27.18
N PRO C 14 -29.75 25.31 28.30
CA PRO C 14 -29.50 23.94 28.61
C PRO C 14 -30.02 23.00 27.49
N GLY C 15 -29.21 22.02 27.11
CA GLY C 15 -29.61 21.05 26.11
C GLY C 15 -29.46 21.51 24.66
N ARG C 16 -29.02 22.74 24.47
CA ARG C 16 -28.84 23.27 23.11
C ARG C 16 -27.52 22.77 22.57
N ASN C 17 -27.48 22.41 21.30
CA ASN C 17 -26.21 22.02 20.68
C ASN C 17 -25.86 22.87 19.47
N VAL C 18 -24.55 22.92 19.17
CA VAL C 18 -24.05 23.59 18.02
C VAL C 18 -23.34 22.60 17.11
N VAL C 19 -23.55 22.75 15.81
CA VAL C 19 -22.81 21.99 14.83
C VAL C 19 -21.90 22.95 14.14
N VAL C 20 -20.59 22.67 14.15
CA VAL C 20 -19.61 23.59 13.53
C VAL C 20 -19.08 22.91 12.25
N VAL C 21 -19.29 23.52 11.07
CA VAL C 21 -18.82 22.94 9.83
C VAL C 21 -18.09 24.00 9.04
N GLY C 22 -17.16 23.58 8.22
CA GLY C 22 -16.63 24.47 7.17
C GLY C 22 -17.63 24.63 6.01
N THR C 23 -17.84 25.87 5.58
CA THR C 23 -18.83 26.16 4.49
C THR C 23 -18.22 25.96 3.09
N GLN C 24 -16.89 25.75 3.02
CA GLN C 24 -16.19 25.74 1.77
C GLN C 24 -15.63 24.31 1.46
N TRP C 25 -14.44 24.20 0.86
CA TRP C 25 -13.86 22.89 0.57
C TRP C 25 -12.77 22.53 1.58
N GLY C 26 -12.95 22.92 2.84
CA GLY C 26 -12.07 22.52 3.92
C GLY C 26 -11.08 23.62 4.27
N ASP C 27 -10.28 23.39 5.29
CA ASP C 27 -9.23 24.30 5.72
C ASP C 27 -9.71 25.73 5.96
N GLU C 28 -10.97 25.85 6.39
CA GLU C 28 -11.53 27.16 6.68
C GLU C 28 -10.99 27.82 7.94
N GLY C 29 -10.17 27.11 8.70
CA GLY C 29 -9.54 27.65 9.88
C GLY C 29 -10.46 27.54 11.08
N LYS C 30 -10.98 26.34 11.33
CA LYS C 30 -11.94 26.13 12.37
C LYS C 30 -11.35 26.12 13.81
N GLY C 31 -10.05 25.85 13.94
CA GLY C 31 -9.40 25.56 15.23
C GLY C 31 -9.74 26.50 16.39
N LYS C 32 -9.51 27.79 16.20
CA LYS C 32 -9.72 28.75 17.30
C LYS C 32 -11.18 28.76 17.72
N ILE C 33 -12.06 28.69 16.72
CA ILE C 33 -13.50 28.74 16.99
C ILE C 33 -13.99 27.46 17.67
N VAL C 34 -13.44 26.32 17.26
CA VAL C 34 -13.86 25.04 17.90
C VAL C 34 -13.41 25.06 19.36
N ASP C 35 -12.21 25.61 19.62
CA ASP C 35 -11.72 25.80 21.01
C ASP C 35 -12.63 26.77 21.75
N TRP C 36 -12.94 27.90 21.10
CA TRP C 36 -13.89 28.91 21.66
C TRP C 36 -15.22 28.27 21.97
N LEU C 37 -15.75 27.41 21.10
CA LEU C 37 -17.08 26.81 21.42
C LEU C 37 -16.99 25.79 22.52
N THR C 38 -15.90 25.03 22.52
CA THR C 38 -15.66 23.96 23.52
C THR C 38 -15.67 24.49 24.96
N ASP C 39 -15.27 25.74 25.16
CA ASP C 39 -15.44 26.37 26.49
C ASP C 39 -16.88 26.32 27.05
N HIS C 40 -17.87 26.13 26.17
CA HIS C 40 -19.27 26.15 26.56
C HIS C 40 -19.93 24.83 26.38
N ALA C 41 -19.17 23.77 26.18
CA ALA C 41 -19.79 22.48 25.80
C ALA C 41 -19.25 21.44 26.78
N GLN C 42 -20.04 20.44 27.12
CA GLN C 42 -19.57 19.32 27.94
C GLN C 42 -19.25 18.06 27.17
N GLY C 43 -19.42 18.12 25.84
CA GLY C 43 -19.02 17.05 24.97
C GLY C 43 -18.84 17.58 23.55
N VAL C 44 -17.88 16.98 22.87
CA VAL C 44 -17.54 17.30 21.50
C VAL C 44 -17.55 15.98 20.75
N VAL C 45 -18.22 15.97 19.61
CA VAL C 45 -18.57 14.73 18.84
C VAL C 45 -18.06 14.82 17.38
N ARG C 46 -17.28 13.83 16.95
CA ARG C 46 -16.93 13.68 15.53
C ARG C 46 -17.99 12.72 14.98
N PHE C 47 -18.55 13.04 13.80
CA PHE C 47 -19.72 12.27 13.22
C PHE C 47 -19.51 11.74 11.83
N GLN C 48 -18.41 12.17 11.24
CA GLN C 48 -18.10 11.80 9.84
CA GLN C 48 -18.11 11.77 9.88
C GLN C 48 -16.61 11.90 9.57
N GLY C 49 -16.17 11.18 8.55
CA GLY C 49 -14.82 11.27 8.10
C GLY C 49 -13.87 10.33 8.82
N GLY C 50 -12.57 10.52 8.60
CA GLY C 50 -11.58 9.73 9.28
C GLY C 50 -10.49 10.56 9.90
N HIS C 51 -9.29 10.07 9.80
CA HIS C 51 -8.07 10.75 10.33
C HIS C 51 -7.57 11.79 9.34
N ASN C 52 -8.51 12.65 8.96
CA ASN C 52 -8.34 13.69 7.95
C ASN C 52 -9.05 14.95 8.37
N ALA C 53 -9.35 15.12 9.66
CA ALA C 53 -9.58 16.46 10.20
C ALA C 53 -8.21 17.10 10.29
N GLY C 54 -8.11 18.29 10.86
CA GLY C 54 -6.81 18.77 11.18
C GLY C 54 -6.98 19.90 12.13
N HIS C 55 -6.53 19.70 13.36
CA HIS C 55 -6.57 20.73 14.39
C HIS C 55 -5.15 20.83 14.83
N THR C 56 -4.54 22.00 14.58
CA THR C 56 -3.15 22.26 14.98
C THR C 56 -2.99 22.68 16.45
N LEU C 57 -1.97 22.12 17.09
CA LEU C 57 -1.56 22.46 18.44
C LEU C 57 -0.07 22.77 18.47
N ILE C 58 0.32 23.64 19.42
CA ILE C 58 1.71 23.83 19.81
C ILE C 58 1.84 23.59 21.32
N THR C 64 2.06 19.84 16.62
CA THR C 64 1.15 18.64 16.65
C THR C 64 -0.25 18.83 16.03
N ILE C 65 -0.64 17.89 15.18
CA ILE C 65 -1.91 18.01 14.46
C ILE C 65 -2.79 16.87 14.87
N LEU C 66 -3.95 17.19 15.43
CA LEU C 66 -4.97 16.18 15.74
C LEU C 66 -5.94 16.10 14.59
N ARG C 67 -6.16 14.85 14.15
CA ARG C 67 -6.95 14.56 12.98
C ARG C 67 -8.12 13.67 13.27
N LEU C 68 -8.09 12.96 14.39
CA LEU C 68 -9.15 11.97 14.70
C LEU C 68 -9.88 12.29 16.01
N ILE C 69 -9.10 12.45 17.07
CA ILE C 69 -9.64 12.71 18.37
C ILE C 69 -10.40 14.03 18.34
N PRO C 70 -11.62 14.07 18.86
CA PRO C 70 -12.29 15.35 18.86
C PRO C 70 -11.52 16.40 19.64
N SER C 71 -11.70 17.63 19.16
CA SER C 71 -10.98 18.80 19.66
C SER C 71 -11.37 19.15 21.10
N GLY C 72 -12.47 18.60 21.61
CA GLY C 72 -12.78 18.77 23.03
C GLY C 72 -11.66 18.30 24.00
N ILE C 73 -10.82 17.39 23.52
CA ILE C 73 -9.82 16.74 24.36
C ILE C 73 -8.85 17.75 24.96
N MET C 74 -8.62 18.87 24.26
CA MET C 74 -7.75 19.97 24.75
C MET C 74 -8.25 20.66 26.03
N ARG C 75 -9.57 20.59 26.30
CA ARG C 75 -10.13 21.17 27.53
C ARG C 75 -10.35 20.06 28.57
N GLU C 76 -9.69 20.16 29.72
CA GLU C 76 -9.77 19.12 30.77
C GLU C 76 -11.22 18.94 31.20
N GLY C 77 -11.66 17.69 31.35
CA GLY C 77 -13.01 17.37 31.76
C GLY C 77 -14.04 17.10 30.65
N VAL C 78 -13.86 17.66 29.45
CA VAL C 78 -14.84 17.62 28.37
C VAL C 78 -14.89 16.19 27.78
N ALA C 79 -16.08 15.63 27.64
CA ALA C 79 -16.21 14.31 27.03
C ALA C 79 -16.05 14.34 25.49
N CYS C 80 -15.24 13.44 24.92
CA CYS C 80 -15.03 13.41 23.45
C CYS C 80 -15.60 12.16 22.82
N TYR C 81 -16.47 12.31 21.82
CA TYR C 81 -17.16 11.11 21.23
C TYR C 81 -16.72 10.87 19.78
N ILE C 82 -16.41 9.62 19.44
CA ILE C 82 -16.19 9.25 18.04
C ILE C 82 -17.44 8.53 17.63
N GLY C 83 -18.26 9.21 16.84
CA GLY C 83 -19.56 8.70 16.47
C GLY C 83 -19.53 7.55 15.54
N ASN C 84 -20.68 6.94 15.35
CA ASN C 84 -20.74 5.77 14.47
C ASN C 84 -20.40 6.02 12.99
N GLY C 85 -20.53 7.28 12.56
CA GLY C 85 -20.35 7.64 11.15
C GLY C 85 -18.89 7.81 10.77
N VAL C 86 -18.00 7.73 11.75
CA VAL C 86 -16.58 7.83 11.56
C VAL C 86 -16.04 6.54 10.96
N VAL C 87 -14.99 6.64 10.16
CA VAL C 87 -14.16 5.48 9.81
C VAL C 87 -12.88 5.59 10.62
N LEU C 88 -12.60 4.56 11.40
CA LEU C 88 -11.54 4.63 12.43
C LEU C 88 -10.31 3.76 12.12
N SER C 89 -9.11 4.37 12.00
CA SER C 89 -7.88 3.57 11.95
C SER C 89 -7.35 3.46 13.39
N PRO C 90 -7.40 2.25 13.97
CA PRO C 90 -6.77 2.09 15.30
C PRO C 90 -5.33 2.67 15.44
N GLU C 91 -4.46 2.42 14.45
CA GLU C 91 -3.09 2.87 14.50
C GLU C 91 -3.03 4.40 14.59
N ALA C 92 -3.87 5.07 13.78
CA ALA C 92 -3.99 6.55 13.80
C ALA C 92 -4.47 7.03 15.17
N LEU C 93 -5.46 6.35 15.72
CA LEU C 93 -6.03 6.71 17.05
C LEU C 93 -4.95 6.64 18.14
N PHE C 94 -4.26 5.52 18.19
CA PHE C 94 -3.31 5.27 19.27
C PHE C 94 -2.08 6.08 19.09
N LYS C 95 -1.78 6.50 17.86
CA LYS C 95 -0.70 7.47 17.68
C LYS C 95 -1.07 8.85 18.33
N GLU C 96 -2.31 9.31 18.10
CA GLU C 96 -2.73 10.61 18.67
C GLU C 96 -2.84 10.60 20.20
N ILE C 97 -3.42 9.55 20.73
CA ILE C 97 -3.51 9.33 22.16
C ILE C 97 -2.11 9.39 22.83
N GLY C 98 -1.14 8.69 22.23
CA GLY C 98 0.24 8.74 22.69
C GLY C 98 0.94 10.09 22.64
N GLU C 99 0.68 10.88 21.60
CA GLU C 99 1.24 12.20 21.58
C GLU C 99 0.64 13.08 22.66
N LEU C 100 -0.67 12.93 22.86
CA LEU C 100 -1.40 13.69 23.88
C LEU C 100 -1.01 13.25 25.31
N GLU C 101 -0.86 11.95 25.54
CA GLU C 101 -0.43 11.46 26.86
C GLU C 101 1.01 11.89 27.23
N GLU C 102 1.91 11.86 26.23
CA GLU C 102 3.32 12.35 26.37
C GLU C 102 3.40 13.86 26.68
N ALA C 103 2.41 14.60 26.22
CA ALA C 103 2.26 16.04 26.56
C ALA C 103 1.51 16.25 27.87
N GLY C 104 1.11 15.14 28.52
CA GLY C 104 0.58 15.17 29.88
C GLY C 104 -0.91 15.37 30.03
N LEU C 105 -1.69 15.18 28.96
CA LEU C 105 -3.15 15.19 29.05
C LEU C 105 -3.69 13.82 29.48
N SER C 106 -4.91 13.80 29.99
CA SER C 106 -5.60 12.58 30.35
C SER C 106 -6.65 12.42 29.29
N VAL C 107 -6.59 11.34 28.54
CA VAL C 107 -7.44 11.22 27.38
C VAL C 107 -8.41 10.10 27.49
N ARG C 108 -7.93 8.91 27.84
CA ARG C 108 -8.73 7.70 27.57
C ARG C 108 -9.98 7.59 28.38
N GLU C 109 -9.97 8.10 29.60
CA GLU C 109 -11.15 7.94 30.51
C GLU C 109 -12.38 8.75 29.98
N ARG C 110 -12.16 9.75 29.14
CA ARG C 110 -13.26 10.57 28.56
C ARG C 110 -13.33 10.55 27.01
N LEU C 111 -12.78 9.50 26.41
CA LEU C 111 -12.93 9.25 25.01
C LEU C 111 -13.86 8.04 24.84
N PHE C 112 -14.95 8.25 24.11
CA PHE C 112 -16.02 7.25 23.92
C PHE C 112 -16.17 6.94 22.44
N ILE C 113 -16.01 5.68 22.05
CA ILE C 113 -15.91 5.33 20.64
C ILE C 113 -17.07 4.41 20.31
N SER C 114 -17.89 4.78 19.34
CA SER C 114 -19.08 4.02 18.99
C SER C 114 -18.76 2.55 18.65
N GLU C 115 -19.51 1.66 19.25
CA GLU C 115 -19.45 0.26 18.90
C GLU C 115 -19.66 0.05 17.39
N ALA C 116 -20.41 0.96 16.76
CA ALA C 116 -20.76 0.80 15.37
C ALA C 116 -19.83 1.53 14.42
N THR C 117 -18.89 2.34 14.95
CA THR C 117 -17.87 2.93 14.08
C THR C 117 -17.23 1.94 13.13
N THR C 118 -17.14 2.31 11.87
CA THR C 118 -16.48 1.47 10.83
C THR C 118 -14.96 1.48 10.93
N LEU C 119 -14.36 0.30 10.87
CA LEU C 119 -12.90 0.22 10.98
C LEU C 119 -12.26 0.45 9.60
N ILE C 120 -11.10 1.10 9.62
CA ILE C 120 -10.13 1.10 8.53
C ILE C 120 -9.08 -0.01 8.80
N LEU C 121 -8.94 -0.94 7.87
CA LEU C 121 -8.02 -2.07 7.99
C LEU C 121 -6.88 -1.89 7.01
N PRO C 122 -5.79 -2.68 7.15
CA PRO C 122 -4.66 -2.57 6.19
C PRO C 122 -5.04 -2.73 4.69
N TYR C 123 -6.02 -3.57 4.34
CA TYR C 123 -6.33 -3.73 2.93
C TYR C 123 -6.98 -2.46 2.35
N HIS C 124 -7.58 -1.62 3.22
CA HIS C 124 -8.17 -0.35 2.76
C HIS C 124 -7.04 0.57 2.36
N ILE C 125 -5.97 0.56 3.15
CA ILE C 125 -4.80 1.33 2.83
C ILE C 125 -4.13 0.81 1.54
N ALA C 126 -4.01 -0.52 1.39
CA ALA C 126 -3.46 -1.11 0.19
C ALA C 126 -4.31 -0.80 -1.07
N ILE C 127 -5.64 -0.79 -0.94
CA ILE C 127 -6.49 -0.42 -2.06
C ILE C 127 -6.23 1.04 -2.48
N ASP C 128 -6.14 1.96 -1.54
CA ASP C 128 -5.78 3.33 -1.89
C ASP C 128 -4.42 3.43 -2.55
N GLN C 129 -3.43 2.75 -1.99
CA GLN C 129 -2.08 2.74 -2.57
C GLN C 129 -2.03 2.21 -4.01
N ALA C 130 -2.73 1.10 -4.28
CA ALA C 130 -2.76 0.55 -5.60
C ALA C 130 -3.47 1.53 -6.55
N ARG C 131 -4.59 2.10 -6.12
CA ARG C 131 -5.29 3.08 -6.97
C ARG C 131 -4.38 4.25 -7.32
N GLU C 132 -3.67 4.81 -6.34
CA GLU C 132 -2.77 5.95 -6.61
C GLU C 132 -1.78 5.57 -7.71
N ALA C 133 -1.12 4.44 -7.52
CA ALA C 133 -0.17 3.93 -8.50
C ALA C 133 -0.95 3.26 -9.65
N GLY C 144 -8.50 9.65 1.96
CA GLY C 144 -7.23 9.03 1.58
C GLY C 144 -6.90 8.14 2.72
N ARG C 145 -5.71 7.53 2.72
CA ARG C 145 -5.31 6.82 3.87
C ARG C 145 -6.30 5.65 4.20
N GLY C 146 -6.97 5.08 3.19
CA GLY C 146 -7.91 3.95 3.43
C GLY C 146 -9.35 4.35 3.74
N ILE C 147 -9.58 5.65 3.87
CA ILE C 147 -10.91 6.20 4.23
C ILE C 147 -12.00 5.87 3.22
N GLY C 148 -11.73 6.11 1.94
CA GLY C 148 -12.71 5.80 0.86
C GLY C 148 -13.05 4.34 0.81
N PRO C 149 -12.02 3.47 0.71
CA PRO C 149 -12.29 2.01 0.74
C PRO C 149 -13.05 1.54 1.98
N ALA C 150 -12.83 2.16 3.14
CA ALA C 150 -13.62 1.78 4.35
C ALA C 150 -15.11 2.14 4.18
N TYR C 151 -15.39 3.34 3.73
CA TYR C 151 -16.79 3.73 3.39
C TYR C 151 -17.38 2.84 2.26
N GLU C 152 -16.54 2.33 1.35
CA GLU C 152 -17.04 1.41 0.28
C GLU C 152 -17.46 0.03 0.84
N ASP C 153 -16.71 -0.48 1.78
CA ASP C 153 -17.10 -1.70 2.49
C ASP C 153 -18.33 -1.48 3.35
N LYS C 154 -18.45 -0.32 3.97
CA LYS C 154 -19.67 0.00 4.73
C LYS C 154 -20.94 -0.12 3.87
N VAL C 155 -21.03 0.66 2.79
CA VAL C 155 -22.21 0.64 1.94
C VAL C 155 -22.37 -0.74 1.25
N GLY C 156 -21.26 -1.47 1.08
CA GLY C 156 -21.34 -2.81 0.54
C GLY C 156 -21.82 -3.85 1.54
N ARG C 157 -22.05 -3.42 2.77
CA ARG C 157 -22.58 -4.25 3.84
C ARG C 157 -21.65 -5.44 4.17
N ARG C 158 -20.34 -5.20 4.11
CA ARG C 158 -19.37 -6.19 4.51
C ARG C 158 -18.36 -5.66 5.49
N ALA C 159 -18.46 -4.38 5.87
CA ALA C 159 -17.51 -3.79 6.82
C ALA C 159 -17.45 -4.44 8.19
N LEU C 160 -16.23 -4.48 8.71
CA LEU C 160 -15.95 -4.80 10.08
C LEU C 160 -16.02 -3.52 10.86
N ARG C 161 -16.72 -3.58 12.00
CA ARG C 161 -16.90 -2.42 12.85
C ARG C 161 -16.23 -2.67 14.21
N VAL C 162 -16.01 -1.60 14.95
CA VAL C 162 -15.34 -1.64 16.23
C VAL C 162 -15.79 -2.80 17.12
N GLN C 163 -17.11 -3.02 17.25
CA GLN C 163 -17.62 -4.09 18.11
C GLN C 163 -17.14 -5.46 17.66
N ASP C 164 -16.77 -5.58 16.37
CA ASP C 164 -16.45 -6.86 15.79
C ASP C 164 -15.11 -7.41 16.27
N LEU C 165 -14.24 -6.53 16.79
CA LEU C 165 -12.95 -6.90 17.32
C LEU C 165 -13.05 -7.78 18.55
N PHE C 166 -14.23 -7.76 19.22
CA PHE C 166 -14.40 -8.44 20.49
C PHE C 166 -15.01 -9.86 20.38
N ASP C 167 -15.27 -10.33 19.14
CA ASP C 167 -15.40 -11.75 18.89
C ASP C 167 -14.37 -12.22 17.87
N ALA C 168 -13.27 -12.79 18.32
CA ALA C 168 -12.11 -13.02 17.45
C ALA C 168 -12.42 -14.03 16.35
N ARG C 169 -13.16 -15.09 16.69
CA ARG C 169 -13.56 -16.11 15.68
C ARG C 169 -14.34 -15.52 14.48
N THR C 170 -15.43 -14.78 14.74
CA THR C 170 -16.26 -14.23 13.64
C THR C 170 -15.60 -13.05 12.91
N PHE C 171 -14.78 -12.30 13.64
CA PHE C 171 -13.93 -11.32 13.00
C PHE C 171 -13.03 -11.95 11.95
N ALA C 172 -12.35 -13.05 12.28
CA ALA C 172 -11.52 -13.79 11.30
C ALA C 172 -12.32 -14.32 10.10
N ASP C 173 -13.52 -14.85 10.37
CA ASP C 173 -14.44 -15.34 9.32
C ASP C 173 -14.81 -14.28 8.29
N ARG C 174 -15.17 -13.10 8.75
CA ARG C 174 -15.54 -11.99 7.87
C ARG C 174 -14.34 -11.37 7.17
N LEU C 175 -13.22 -11.31 7.87
CA LEU C 175 -11.95 -10.84 7.28
C LEU C 175 -11.52 -11.75 6.15
N ARG C 176 -11.61 -13.04 6.36
CA ARG C 176 -11.31 -14.00 5.31
C ARG C 176 -12.11 -13.71 4.06
N GLU C 177 -13.43 -13.63 4.24
CA GLU C 177 -14.34 -13.30 3.12
C GLU C 177 -13.96 -12.00 2.42
N ASN C 178 -13.73 -10.94 3.20
CA ASN C 178 -13.38 -9.65 2.60
C ASN C 178 -12.11 -9.72 1.84
N LEU C 179 -11.12 -10.40 2.41
CA LEU C 179 -9.84 -10.54 1.75
C LEU C 179 -9.94 -11.36 0.47
N ASP C 180 -10.78 -12.40 0.41
CA ASP C 180 -10.97 -13.14 -0.83
C ASP C 180 -11.25 -12.16 -1.97
N PHE C 181 -12.19 -11.24 -1.72
CA PHE C 181 -12.63 -10.35 -2.75
C PHE C 181 -11.60 -9.23 -2.95
N HIS C 182 -11.18 -8.57 -1.87
CA HIS C 182 -10.23 -7.46 -2.06
C HIS C 182 -8.87 -7.85 -2.62
N ASN C 183 -8.33 -9.00 -2.20
CA ASN C 183 -7.14 -9.53 -2.83
C ASN C 183 -7.32 -9.88 -4.33
N PHE C 184 -8.49 -10.38 -4.71
CA PHE C 184 -8.75 -10.63 -6.14
C PHE C 184 -8.67 -9.32 -6.89
N VAL C 185 -9.33 -8.30 -6.36
CA VAL C 185 -9.32 -6.96 -7.00
C VAL C 185 -7.91 -6.37 -6.99
N LEU C 186 -7.21 -6.48 -5.88
CA LEU C 186 -5.87 -5.89 -5.77
C LEU C 186 -4.89 -6.54 -6.78
N THR C 187 -4.86 -7.87 -6.83
CA THR C 187 -3.84 -8.58 -7.61
C THR C 187 -4.17 -8.71 -9.10
N GLN C 188 -5.44 -8.95 -9.40
CA GLN C 188 -5.91 -9.15 -10.75
C GLN C 188 -6.46 -7.89 -11.46
N TYR C 189 -6.81 -6.83 -10.72
CA TYR C 189 -7.30 -5.59 -11.37
C TYR C 189 -6.42 -4.34 -11.18
N LEU C 190 -5.98 -4.05 -9.96
CA LEU C 190 -5.25 -2.80 -9.67
C LEU C 190 -3.76 -2.97 -9.74
N GLY C 191 -3.29 -4.18 -10.03
CA GLY C 191 -1.87 -4.46 -10.09
C GLY C 191 -1.11 -4.28 -8.79
N GLY C 192 -1.73 -4.60 -7.66
CA GLY C 192 -1.10 -4.44 -6.34
C GLY C 192 -0.87 -5.79 -5.67
N ALA C 193 -0.20 -5.79 -4.52
CA ALA C 193 0.12 -7.08 -3.85
C ALA C 193 -1.04 -7.53 -2.96
N ALA C 194 -1.22 -8.85 -2.83
CA ALA C 194 -2.23 -9.37 -1.91
C ALA C 194 -1.87 -8.90 -0.50
N VAL C 195 -2.88 -8.69 0.32
CA VAL C 195 -2.68 -8.44 1.73
C VAL C 195 -2.92 -9.77 2.45
N ASP C 196 -2.00 -10.13 3.35
CA ASP C 196 -2.00 -11.42 3.99
C ASP C 196 -3.03 -11.46 5.12
N PHE C 197 -3.82 -12.52 5.12
CA PHE C 197 -4.82 -12.72 6.14
C PHE C 197 -4.30 -12.69 7.60
N GLN C 198 -3.34 -13.56 7.94
CA GLN C 198 -2.95 -13.75 9.35
C GLN C 198 -2.30 -12.50 9.93
N ALA C 199 -1.49 -11.83 9.14
CA ALA C 199 -0.84 -10.62 9.58
C ALA C 199 -1.87 -9.53 9.86
N THR C 200 -2.90 -9.47 9.01
CA THR C 200 -3.98 -8.50 9.15
C THR C 200 -4.83 -8.85 10.37
N LEU C 201 -5.15 -10.13 10.52
CA LEU C 201 -5.88 -10.62 11.68
C LEU C 201 -5.17 -10.23 12.99
N ASP C 202 -3.86 -10.54 13.07
CA ASP C 202 -3.03 -10.22 14.25
C ASP C 202 -2.96 -8.75 14.55
N THR C 203 -2.74 -7.94 13.51
CA THR C 203 -2.66 -6.47 13.67
C THR C 203 -3.95 -5.90 14.29
N MET C 204 -5.12 -6.29 13.76
CA MET C 204 -6.38 -5.75 14.21
C MET C 204 -6.78 -6.23 15.63
N LEU C 205 -6.60 -7.52 15.90
CA LEU C 205 -6.92 -8.05 17.23
C LEU C 205 -5.98 -7.49 18.31
N GLY C 206 -4.78 -7.10 17.90
CA GLY C 206 -3.84 -6.49 18.82
C GLY C 206 -4.29 -5.16 19.37
N TYR C 207 -5.32 -4.57 18.76
CA TYR C 207 -5.92 -3.32 19.24
C TYR C 207 -7.07 -3.49 20.22
N ALA C 208 -7.67 -4.67 20.24
CA ALA C 208 -8.88 -4.94 21.05
C ALA C 208 -8.76 -4.55 22.56
N ASP C 209 -7.75 -5.05 23.23
CA ASP C 209 -7.59 -4.77 24.67
C ASP C 209 -7.44 -3.26 24.95
N ARG C 210 -6.64 -2.56 24.14
CA ARG C 210 -6.52 -1.12 24.33
C ARG C 210 -7.87 -0.39 24.01
N LEU C 211 -8.54 -0.80 22.93
CA LEU C 211 -9.83 -0.14 22.53
C LEU C 211 -10.96 -0.38 23.54
N ARG C 212 -10.94 -1.55 24.18
CA ARG C 212 -12.08 -2.02 24.99
C ARG C 212 -12.67 -0.99 25.95
N PRO C 213 -11.85 -0.41 26.85
CA PRO C 213 -12.36 0.54 27.86
C PRO C 213 -13.06 1.75 27.27
N MET C 214 -12.82 2.04 26.00
CA MET C 214 -13.33 3.27 25.40
C MET C 214 -14.58 3.05 24.59
N VAL C 215 -14.87 1.79 24.28
CA VAL C 215 -16.05 1.45 23.47
C VAL C 215 -17.36 1.75 24.23
N ALA C 216 -18.26 2.41 23.52
CA ALA C 216 -19.50 2.86 24.11
C ALA C 216 -20.71 2.90 23.18
N ASP C 217 -21.85 3.15 23.80
CA ASP C 217 -23.09 3.45 23.07
C ASP C 217 -23.16 4.96 23.04
N VAL C 218 -22.49 5.54 22.03
CA VAL C 218 -22.40 6.94 21.91
C VAL C 218 -23.80 7.56 21.72
N SER C 219 -24.66 6.90 20.96
CA SER C 219 -25.97 7.48 20.65
C SER C 219 -26.74 7.71 21.99
N ARG C 220 -26.77 6.66 22.81
CA ARG C 220 -27.45 6.67 24.11
C ARG C 220 -26.84 7.77 25.00
N ARG C 221 -25.52 7.80 25.06
CA ARG C 221 -24.80 8.73 25.94
C ARG C 221 -25.16 10.17 25.49
N LEU C 222 -25.25 10.42 24.19
CA LEU C 222 -25.57 11.79 23.74
C LEU C 222 -27.02 12.16 24.11
N TYR C 223 -27.94 11.21 23.91
CA TYR C 223 -29.28 11.38 24.39
C TYR C 223 -29.32 11.76 25.88
N GLU C 224 -28.58 11.03 26.70
CA GLU C 224 -28.56 11.27 28.14
C GLU C 224 -27.96 12.62 28.50
N GLU C 225 -26.88 13.00 27.84
CA GLU C 225 -26.25 14.25 28.08
C GLU C 225 -27.24 15.39 27.87
N ASN C 226 -27.95 15.37 26.74
CA ASN C 226 -28.96 16.43 26.44
C ASN C 226 -30.14 16.36 27.42
N HIS C 227 -30.51 15.15 27.80
CA HIS C 227 -31.59 14.98 28.77
C HIS C 227 -31.24 15.55 30.14
N ALA C 228 -29.96 15.53 30.51
CA ALA C 228 -29.44 16.17 31.72
C ALA C 228 -29.22 17.68 31.54
N GLY C 229 -29.54 18.21 30.37
CA GLY C 229 -29.38 19.63 30.07
C GLY C 229 -27.96 20.05 29.69
N ARG C 230 -27.04 19.11 29.44
CA ARG C 230 -25.69 19.49 29.01
CA ARG C 230 -25.69 19.51 29.01
C ARG C 230 -25.71 19.82 27.50
N ASN C 231 -24.68 20.54 27.07
CA ASN C 231 -24.52 21.08 25.71
C ASN C 231 -23.41 20.40 24.97
N LEU C 232 -23.68 20.15 23.70
CA LEU C 232 -22.80 19.37 22.86
C LEU C 232 -22.42 20.20 21.65
N LEU C 233 -21.21 19.92 21.19
CA LEU C 233 -20.64 20.49 20.00
C LEU C 233 -20.31 19.35 19.04
N PHE C 234 -20.90 19.42 17.86
CA PHE C 234 -20.73 18.43 16.80
C PHE C 234 -19.77 19.07 15.86
N GLU C 235 -18.60 18.45 15.77
CA GLU C 235 -17.45 19.04 15.10
C GLU C 235 -17.25 18.45 13.70
N GLY C 236 -17.42 19.28 12.67
CA GLY C 236 -17.17 18.86 11.28
C GLY C 236 -15.70 18.70 10.96
N ALA C 237 -15.41 17.72 10.12
CA ALA C 237 -14.07 17.30 9.80
C ALA C 237 -13.69 17.86 8.44
N GLN C 238 -14.59 17.82 7.47
CA GLN C 238 -14.25 18.19 6.11
C GLN C 238 -15.13 19.32 5.67
N GLY C 239 -14.70 20.07 4.68
CA GLY C 239 -15.51 21.12 4.12
C GLY C 239 -16.77 20.55 3.54
N THR C 240 -17.87 21.23 3.78
CA THR C 240 -19.15 20.75 3.43
C THR C 240 -19.36 20.75 1.93
N LEU C 241 -18.64 21.61 1.18
CA LEU C 241 -18.70 21.49 -0.29
C LEU C 241 -18.04 20.23 -0.87
N LEU C 242 -17.38 19.41 -0.04
CA LEU C 242 -16.86 18.13 -0.44
C LEU C 242 -17.92 17.02 -0.29
N ASP C 243 -19.12 17.42 0.12
CA ASP C 243 -20.20 16.44 0.37
C ASP C 243 -20.47 15.61 -0.89
N ILE C 244 -20.58 14.31 -0.72
CA ILE C 244 -20.75 13.42 -1.84
C ILE C 244 -21.99 13.70 -2.72
N ASP C 245 -23.08 14.22 -2.14
CA ASP C 245 -24.33 14.51 -2.93
C ASP C 245 -24.23 15.93 -3.52
N HIS C 246 -23.72 16.86 -2.73
CA HIS C 246 -23.81 18.30 -3.04
C HIS C 246 -22.58 18.94 -3.61
N GLY C 247 -21.43 18.30 -3.47
CA GLY C 247 -20.17 18.87 -3.96
C GLY C 247 -19.99 18.64 -5.44
N THR C 248 -18.82 18.99 -5.95
CA THR C 248 -18.58 18.86 -7.40
C THR C 248 -18.23 17.44 -7.82
N TYR C 249 -19.24 16.59 -7.81
CA TYR C 249 -19.06 15.14 -8.00
C TYR C 249 -18.36 14.93 -9.35
N PRO C 250 -17.37 14.00 -9.43
CA PRO C 250 -16.89 13.11 -8.43
C PRO C 250 -15.77 13.68 -7.55
N PHE C 251 -15.48 14.98 -7.63
CA PHE C 251 -14.40 15.58 -6.83
C PHE C 251 -14.93 15.97 -5.45
N VAL C 252 -15.26 14.95 -4.69
CA VAL C 252 -15.98 15.02 -3.41
C VAL C 252 -15.39 13.98 -2.48
N THR C 253 -15.78 14.02 -1.22
CA THR C 253 -15.35 13.01 -0.30
C THR C 253 -16.30 11.80 -0.43
N SER C 254 -15.97 10.71 0.22
CA SER C 254 -16.68 9.44 0.01
C SER C 254 -17.81 9.24 1.06
N SER C 255 -18.42 10.34 1.46
CA SER C 255 -19.51 10.34 2.45
C SER C 255 -20.23 11.70 2.43
N ASN C 256 -21.37 11.76 3.12
CA ASN C 256 -22.02 13.04 3.37
C ASN C 256 -21.34 13.76 4.54
N CYS C 257 -21.00 15.01 4.34
CA CYS C 257 -20.50 15.81 5.42
C CYS C 257 -21.21 17.14 5.64
N VAL C 258 -22.34 17.40 4.94
CA VAL C 258 -23.20 18.54 5.31
C VAL C 258 -23.66 18.37 6.78
N ALA C 259 -23.99 19.49 7.44
CA ALA C 259 -24.43 19.55 8.86
C ALA C 259 -25.45 18.49 9.25
N GLY C 260 -26.43 18.27 8.38
CA GLY C 260 -27.41 17.21 8.55
C GLY C 260 -26.84 15.85 8.87
N ALA C 261 -25.66 15.54 8.34
CA ALA C 261 -25.08 14.19 8.49
C ALA C 261 -24.63 13.92 9.97
N ALA C 262 -24.63 14.93 10.81
CA ALA C 262 -24.32 14.75 12.22
C ALA C 262 -25.39 13.92 12.85
N ALA C 263 -26.63 13.98 12.35
CA ALA C 263 -27.75 13.21 12.92
C ALA C 263 -27.56 11.70 12.78
N ALA C 264 -27.45 11.21 11.56
CA ALA C 264 -27.14 9.80 11.34
C ALA C 264 -25.77 9.42 11.92
N GLY C 265 -24.80 10.29 11.75
CA GLY C 265 -23.45 9.95 12.10
C GLY C 265 -23.15 9.80 13.57
N ALA C 266 -23.89 10.49 14.43
CA ALA C 266 -23.75 10.38 15.88
C ALA C 266 -24.92 9.64 16.56
N GLY C 267 -25.98 9.38 15.83
CA GLY C 267 -27.11 8.64 16.37
C GLY C 267 -28.09 9.51 17.12
N VAL C 268 -28.28 10.73 16.64
CA VAL C 268 -29.23 11.66 17.24
C VAL C 268 -30.19 12.15 16.18
N GLY C 269 -31.32 12.71 16.58
CA GLY C 269 -32.25 13.27 15.59
C GLY C 269 -31.90 14.65 15.13
N PRO C 270 -32.47 15.07 13.97
CA PRO C 270 -32.09 16.40 13.45
C PRO C 270 -32.43 17.55 14.39
N GLN C 271 -33.39 17.37 15.28
CA GLN C 271 -33.77 18.44 16.25
C GLN C 271 -32.68 18.79 17.28
N LYS C 272 -31.66 17.94 17.41
CA LYS C 272 -30.59 18.19 18.35
C LYS C 272 -29.54 19.09 17.74
N LEU C 273 -29.69 19.36 16.45
CA LEU C 273 -28.71 20.14 15.71
C LEU C 273 -29.22 21.59 15.65
N ASN C 274 -29.17 22.27 16.79
CA ASN C 274 -29.97 23.50 16.98
C ASN C 274 -29.45 24.67 16.26
N TYR C 275 -28.13 24.82 16.29
CA TYR C 275 -27.52 25.94 15.69
C TYR C 275 -26.34 25.45 14.83
N ILE C 276 -26.31 25.88 13.61
CA ILE C 276 -25.26 25.44 12.70
C ILE C 276 -24.39 26.62 12.42
N LEU C 277 -23.17 26.53 12.90
CA LEU C 277 -22.17 27.64 12.72
C LEU C 277 -21.36 27.35 11.45
N GLY C 278 -21.45 28.26 10.49
CA GLY C 278 -20.75 28.08 9.21
C GLY C 278 -19.40 28.75 9.18
N ILE C 279 -18.34 27.97 9.36
CA ILE C 279 -17.00 28.59 9.35
C ILE C 279 -16.60 28.90 7.89
N THR C 280 -16.24 30.16 7.64
CA THR C 280 -16.10 30.66 6.29
C THR C 280 -14.84 31.52 6.23
N LYS C 281 -13.89 31.08 5.41
CA LYS C 281 -12.66 31.76 5.17
C LYS C 281 -12.94 32.96 4.27
N ALA C 282 -12.18 34.02 4.48
CA ALA C 282 -12.35 35.31 3.77
C ALA C 282 -11.88 35.22 2.31
N TYR C 283 -11.28 34.09 1.95
CA TYR C 283 -10.98 33.76 0.55
C TYR C 283 -11.15 32.23 0.41
N CYS C 284 -10.99 31.68 -0.80
CA CYS C 284 -11.25 30.24 -0.98
C CYS C 284 -9.98 29.39 -1.29
N THR C 285 -9.99 28.14 -0.84
CA THR C 285 -8.97 27.19 -1.23
C THR C 285 -9.59 25.87 -1.64
N ARG C 286 -8.88 25.10 -2.46
CA ARG C 286 -9.17 23.69 -2.71
C ARG C 286 -7.88 22.93 -2.68
N VAL C 287 -7.95 21.65 -2.38
CA VAL C 287 -6.75 20.80 -2.43
C VAL C 287 -7.09 19.65 -3.34
N GLY C 288 -6.27 19.43 -4.36
CA GLY C 288 -6.48 18.32 -5.28
C GLY C 288 -7.44 18.76 -6.36
N SER C 289 -7.93 17.83 -7.15
CA SER C 289 -8.59 18.19 -8.38
C SER C 289 -10.03 18.61 -8.15
N GLY C 290 -10.57 19.35 -9.11
CA GLY C 290 -11.96 19.73 -9.10
C GLY C 290 -12.09 21.17 -9.52
N PRO C 291 -13.20 21.52 -10.19
CA PRO C 291 -13.38 22.90 -10.63
C PRO C 291 -13.57 23.88 -9.46
N PHE C 292 -13.19 25.14 -9.72
CA PHE C 292 -13.01 26.15 -8.69
C PHE C 292 -13.19 27.53 -9.39
N PRO C 293 -14.44 28.04 -9.43
CA PRO C 293 -14.72 29.13 -10.36
C PRO C 293 -13.88 30.40 -10.12
N SER C 294 -13.65 30.70 -8.84
CA SER C 294 -12.92 31.96 -8.42
C SER C 294 -11.42 31.75 -8.24
N GLU C 295 -10.91 30.67 -8.78
CA GLU C 295 -9.50 30.27 -8.61
C GLU C 295 -8.58 31.32 -9.16
N LEU C 296 -7.53 31.62 -8.40
CA LEU C 296 -6.46 32.55 -8.80
C LEU C 296 -5.09 31.80 -9.06
N TYR C 297 -4.75 30.89 -8.15
CA TYR C 297 -3.46 30.20 -8.14
C TYR C 297 -3.56 28.69 -7.86
N ASP C 298 -3.00 27.90 -8.79
CA ASP C 298 -2.79 26.45 -8.65
C ASP C 298 -1.37 26.11 -9.08
N ALA C 299 -0.55 25.67 -8.13
CA ALA C 299 0.89 25.48 -8.40
C ALA C 299 1.13 24.58 -9.62
N ASP C 300 0.25 23.61 -9.83
CA ASP C 300 0.32 22.66 -10.95
C ASP C 300 -0.33 23.12 -12.24
N ASN C 301 -1.06 24.23 -12.22
CA ASN C 301 -1.72 24.71 -13.43
C ASN C 301 -1.02 25.97 -13.96
N PRO C 302 -0.32 25.85 -15.11
CA PRO C 302 0.38 27.01 -15.68
C PRO C 302 -0.55 28.19 -16.02
N SER C 303 -1.82 27.92 -16.28
CA SER C 303 -2.77 28.97 -16.62
CA SER C 303 -2.76 28.99 -16.63
C SER C 303 -3.40 29.64 -15.39
N ARG C 304 -3.08 29.14 -14.18
CA ARG C 304 -3.56 29.78 -12.94
C ARG C 304 -2.39 30.18 -12.00
N GLN C 305 -1.73 31.26 -12.36
CA GLN C 305 -0.50 31.70 -11.66
C GLN C 305 -0.57 33.18 -11.23
N ASP C 306 -1.77 33.63 -10.85
CA ASP C 306 -1.98 34.99 -10.39
C ASP C 306 -1.21 35.27 -9.06
N GLN C 307 -0.37 36.30 -9.07
CA GLN C 307 0.42 36.61 -7.90
C GLN C 307 -0.44 36.83 -6.67
N ILE C 308 -1.64 37.36 -6.86
CA ILE C 308 -2.57 37.54 -5.73
C ILE C 308 -2.84 36.21 -5.04
N GLY C 309 -3.16 35.18 -5.81
CA GLY C 309 -3.43 33.86 -5.22
C GLY C 309 -2.15 33.28 -4.59
N ILE C 310 -1.00 33.58 -5.18
CA ILE C 310 0.29 33.13 -4.61
C ILE C 310 0.44 33.77 -3.24
N THR C 311 0.14 35.07 -3.18
CA THR C 311 0.22 35.81 -1.94
C THR C 311 -0.81 35.32 -0.91
N LEU C 312 -2.03 35.04 -1.34
CA LEU C 312 -3.00 34.40 -0.43
C LEU C 312 -2.41 33.12 0.22
N ALA C 313 -1.71 32.32 -0.56
CA ALA C 313 -1.19 31.03 -0.08
C ALA C 313 -0.05 31.29 0.93
N ASN C 314 0.83 32.22 0.62
CA ASN C 314 1.92 32.54 1.53
C ASN C 314 1.45 33.18 2.84
N VAL C 315 0.65 34.23 2.74
CA VAL C 315 0.27 35.00 3.93
C VAL C 315 -0.73 34.17 4.75
N GLY C 316 -1.56 33.43 4.03
CA GLY C 316 -2.51 32.55 4.64
C GLY C 316 -1.92 31.25 5.13
N LYS C 317 -0.65 31.02 4.81
CA LYS C 317 0.05 29.75 5.19
C LYS C 317 -0.72 28.50 4.74
N GLU C 318 -1.13 28.48 3.47
CA GLU C 318 -2.02 27.41 2.94
C GLU C 318 -1.16 26.32 2.35
N PHE C 319 -0.50 25.55 3.23
CA PHE C 319 0.38 24.44 2.85
C PHE C 319 -0.11 23.19 3.57
N GLY C 320 -0.30 22.13 2.81
CA GLY C 320 -0.87 20.87 3.33
C GLY C 320 -0.06 20.39 4.52
N SER C 321 -0.74 19.79 5.50
CA SER C 321 -0.10 19.44 6.75
C SER C 321 0.80 18.24 6.61
N VAL C 322 0.55 17.41 5.60
CA VAL C 322 1.42 16.32 5.32
C VAL C 322 2.45 16.66 4.25
N THR C 323 2.00 17.03 3.05
CA THR C 323 2.91 17.18 1.91
C THR C 323 3.66 18.50 1.93
N GLY C 324 3.13 19.46 2.67
CA GLY C 324 3.67 20.83 2.66
C GLY C 324 3.45 21.65 1.40
N ARG C 325 2.70 21.11 0.44
CA ARG C 325 2.52 21.74 -0.86
C ARG C 325 1.40 22.79 -0.76
N PRO C 326 1.48 23.89 -1.55
CA PRO C 326 0.45 24.95 -1.49
C PRO C 326 -0.92 24.44 -1.95
N ARG C 327 -1.95 24.81 -1.23
CA ARG C 327 -3.31 24.66 -1.72
C ARG C 327 -3.55 25.59 -2.89
N ARG C 328 -4.60 25.29 -3.62
CA ARG C 328 -5.12 26.17 -4.66
C ARG C 328 -5.85 27.32 -3.98
N THR C 329 -5.66 28.55 -4.43
CA THR C 329 -6.30 29.71 -3.80
C THR C 329 -7.11 30.52 -4.80
N GLY C 330 -8.13 31.20 -4.28
CA GLY C 330 -8.92 32.12 -5.06
C GLY C 330 -9.74 33.06 -4.21
N TRP C 331 -10.42 33.99 -4.86
CA TRP C 331 -11.28 34.93 -4.18
C TRP C 331 -12.43 34.23 -3.48
N LEU C 332 -12.95 34.88 -2.45
CA LEU C 332 -14.14 34.39 -1.78
C LEU C 332 -15.29 34.23 -2.81
N ASP C 333 -15.90 33.05 -2.84
CA ASP C 333 -17.05 32.81 -3.69
C ASP C 333 -18.37 32.80 -2.87
N ALA C 334 -19.08 33.93 -2.92
CA ALA C 334 -20.34 34.07 -2.21
C ALA C 334 -21.53 33.29 -2.85
N ALA C 335 -21.43 32.93 -4.13
CA ALA C 335 -22.47 32.09 -4.78
C ALA C 335 -22.36 30.66 -4.27
N ALA C 336 -21.11 30.21 -4.05
CA ALA C 336 -20.82 28.98 -3.39
C ALA C 336 -21.28 28.98 -1.91
N LEU C 337 -21.02 30.09 -1.21
CA LEU C 337 -21.48 30.24 0.18
C LEU C 337 -22.99 30.14 0.24
N ARG C 338 -23.67 30.84 -0.65
CA ARG C 338 -25.15 30.82 -0.67
C ARG C 338 -25.65 29.35 -0.77
N ARG C 339 -25.06 28.57 -1.66
CA ARG C 339 -25.41 27.14 -1.82
C ARG C 339 -25.16 26.41 -0.51
N SER C 340 -24.01 26.70 0.10
CA SER C 340 -23.59 26.02 1.33
C SER C 340 -24.54 26.38 2.49
N ILE C 341 -24.99 27.64 2.53
CA ILE C 341 -25.95 28.06 3.56
C ILE C 341 -27.21 27.15 3.43
N GLN C 342 -27.63 26.93 2.21
CA GLN C 342 -28.88 26.21 1.99
C GLN C 342 -28.78 24.71 2.31
N ILE C 343 -27.75 24.08 1.80
CA ILE C 343 -27.63 22.62 1.96
C ILE C 343 -27.25 22.24 3.40
N ASN C 344 -26.63 23.16 4.17
CA ASN C 344 -26.33 22.95 5.58
C ASN C 344 -27.38 23.48 6.58
N GLY C 345 -28.21 24.41 6.15
CA GLY C 345 -29.07 25.14 7.10
C GLY C 345 -28.16 25.97 8.03
N VAL C 346 -27.12 26.56 7.49
CA VAL C 346 -26.27 27.46 8.30
C VAL C 346 -27.13 28.53 9.02
N SER C 347 -26.92 28.64 10.32
CA SER C 347 -27.67 29.58 11.17
C SER C 347 -27.00 30.94 11.11
N GLY C 348 -25.68 30.93 11.15
CA GLY C 348 -24.88 32.17 11.08
C GLY C 348 -23.46 31.82 10.70
N LEU C 349 -22.76 32.80 10.10
CA LEU C 349 -21.40 32.63 9.63
C LEU C 349 -20.36 33.04 10.72
N CYS C 350 -19.23 32.31 10.77
CA CYS C 350 -18.03 32.75 11.44
C CYS C 350 -16.95 33.04 10.38
N MET C 351 -16.60 34.30 10.20
CA MET C 351 -15.56 34.65 9.21
C MET C 351 -14.16 34.42 9.79
N THR C 352 -13.27 33.84 9.01
CA THR C 352 -11.89 33.58 9.44
C THR C 352 -10.88 34.09 8.41
N LYS C 353 -9.69 34.36 8.90
CA LYS C 353 -8.55 34.79 8.07
C LYS C 353 -8.78 36.05 7.25
N LEU C 354 -9.61 36.96 7.75
CA LEU C 354 -9.74 38.29 7.15
C LEU C 354 -8.37 39.01 7.03
N ASP C 355 -7.48 38.80 8.01
CA ASP C 355 -6.19 39.50 8.07
C ASP C 355 -5.26 39.13 6.88
N VAL C 356 -5.58 38.02 6.21
CA VAL C 356 -4.84 37.63 5.01
C VAL C 356 -5.09 38.67 3.91
N LEU C 357 -6.23 39.38 3.98
CA LEU C 357 -6.55 40.45 2.98
C LEU C 357 -6.07 41.88 3.36
N ASP C 358 -5.62 42.03 4.59
CA ASP C 358 -5.17 43.37 5.13
C ASP C 358 -4.20 44.12 4.25
N GLY C 359 -3.33 43.39 3.55
CA GLY C 359 -2.29 44.03 2.75
C GLY C 359 -2.75 44.46 1.35
N LEU C 360 -3.92 43.99 0.93
CA LEU C 360 -4.33 44.11 -0.48
C LEU C 360 -4.89 45.48 -0.85
N ASP C 361 -4.44 46.02 -1.99
CA ASP C 361 -5.00 47.23 -2.64
C ASP C 361 -6.49 47.09 -2.89
N GLU C 362 -6.92 45.91 -3.34
CA GLU C 362 -8.32 45.71 -3.61
C GLU C 362 -8.65 44.24 -3.42
N VAL C 363 -9.88 43.99 -3.04
CA VAL C 363 -10.30 42.61 -2.85
C VAL C 363 -11.52 42.40 -3.75
N LYS C 364 -11.69 41.19 -4.28
CA LYS C 364 -12.82 40.88 -5.16
C LYS C 364 -13.73 39.79 -4.52
N LEU C 365 -15.02 39.89 -4.78
CA LEU C 365 -16.01 38.93 -4.26
C LEU C 365 -16.71 38.32 -5.47
N CYS C 366 -16.66 37.00 -5.62
CA CYS C 366 -17.51 36.31 -6.64
C CYS C 366 -18.96 36.23 -6.12
N VAL C 367 -19.88 36.90 -6.82
CA VAL C 367 -21.27 36.97 -6.34
C VAL C 367 -22.26 36.14 -7.16
N GLY C 368 -21.72 35.49 -8.16
CA GLY C 368 -22.49 34.64 -9.03
C GLY C 368 -21.65 34.26 -10.24
N TYR C 369 -22.31 33.63 -11.20
CA TYR C 369 -21.64 33.17 -12.40
C TYR C 369 -22.40 33.48 -13.69
N LYS C 370 -21.63 33.47 -14.79
CA LYS C 370 -22.16 33.28 -16.12
C LYS C 370 -21.87 31.86 -16.52
N ILE C 371 -22.91 31.14 -16.93
CA ILE C 371 -22.80 29.78 -17.46
C ILE C 371 -23.71 29.65 -18.69
N ASP C 372 -23.14 29.19 -19.81
CA ASP C 372 -23.84 29.06 -21.08
C ASP C 372 -24.53 30.37 -21.46
N GLY C 373 -23.86 31.48 -21.16
CA GLY C 373 -24.38 32.81 -21.45
C GLY C 373 -25.48 33.32 -20.51
N GLU C 374 -25.75 32.60 -19.44
CA GLU C 374 -26.86 32.98 -18.56
C GLU C 374 -26.41 33.08 -17.09
N ASP C 375 -27.13 33.86 -16.28
CA ASP C 375 -26.75 34.13 -14.89
C ASP C 375 -27.07 32.94 -13.98
N ALA C 376 -26.14 32.60 -13.08
CA ALA C 376 -26.41 31.59 -12.03
C ALA C 376 -26.08 32.25 -10.71
N ASP C 377 -26.95 32.17 -9.71
CA ASP C 377 -26.64 32.78 -8.41
C ASP C 377 -26.13 31.77 -7.36
N LEU C 378 -26.30 30.47 -7.63
CA LEU C 378 -25.78 29.42 -6.76
C LEU C 378 -24.77 28.51 -7.48
N LEU C 379 -23.80 27.99 -6.73
CA LEU C 379 -22.86 26.96 -7.26
C LEU C 379 -23.69 25.83 -7.90
N PRO C 380 -23.44 25.52 -9.18
CA PRO C 380 -24.20 24.38 -9.80
C PRO C 380 -23.82 23.02 -9.19
N ARG C 381 -24.53 21.93 -9.53
CA ARG C 381 -24.15 20.60 -9.03
C ARG C 381 -23.23 19.93 -10.05
N GLY C 382 -22.18 19.29 -9.54
CA GLY C 382 -21.37 18.35 -10.32
C GLY C 382 -20.25 19.05 -11.08
N ALA C 383 -19.16 18.32 -11.36
CA ALA C 383 -17.96 18.91 -11.95
C ALA C 383 -18.20 19.66 -13.29
N ALA C 384 -18.98 19.07 -14.19
CA ALA C 384 -19.15 19.65 -15.54
C ALA C 384 -19.74 21.08 -15.51
N GLU C 385 -20.86 21.28 -14.81
CA GLU C 385 -21.50 22.61 -14.81
C GLU C 385 -20.63 23.65 -14.07
N VAL C 386 -20.05 23.27 -12.95
CA VAL C 386 -19.14 24.19 -12.19
C VAL C 386 -17.92 24.58 -13.03
N ALA C 387 -17.37 23.62 -13.75
CA ALA C 387 -16.27 23.90 -14.67
C ALA C 387 -16.63 24.92 -15.77
N ARG C 388 -17.91 25.07 -16.11
CA ARG C 388 -18.32 26.05 -17.15
C ARG C 388 -18.66 27.46 -16.59
N CYS C 389 -18.63 27.60 -15.28
CA CYS C 389 -18.95 28.88 -14.62
C CYS C 389 -17.78 29.85 -14.75
N GLU C 390 -18.04 31.04 -15.28
CA GLU C 390 -17.13 32.18 -15.09
C GLU C 390 -17.65 33.04 -13.95
N PRO C 391 -16.76 33.38 -13.02
CA PRO C 391 -17.15 34.21 -11.89
C PRO C 391 -17.57 35.60 -12.31
N VAL C 392 -18.56 36.15 -11.61
CA VAL C 392 -18.93 37.55 -11.71
C VAL C 392 -18.45 38.20 -10.39
N TYR C 393 -17.55 39.16 -10.53
CA TYR C 393 -16.90 39.80 -9.38
C TYR C 393 -17.46 41.15 -9.05
N GLU C 394 -17.53 41.46 -7.76
CA GLU C 394 -17.60 42.84 -7.29
C GLU C 394 -16.26 43.16 -6.65
N THR C 395 -15.81 44.38 -6.86
CA THR C 395 -14.48 44.77 -6.44
C THR C 395 -14.64 45.70 -5.27
N PHE C 396 -13.85 45.48 -4.23
CA PHE C 396 -13.84 46.33 -3.04
C PHE C 396 -12.47 46.96 -2.79
N GLY C 397 -12.47 48.26 -2.47
CA GLY C 397 -11.25 48.93 -2.04
C GLY C 397 -10.67 48.23 -0.82
N GLY C 398 -9.36 47.99 -0.84
CA GLY C 398 -8.71 47.33 0.28
C GLY C 398 -8.51 48.33 1.40
N TRP C 399 -8.31 47.83 2.61
CA TRP C 399 -8.13 48.68 3.78
C TRP C 399 -6.67 48.92 4.11
N LYS C 400 -5.75 48.01 3.76
CA LYS C 400 -4.30 48.29 3.93
C LYS C 400 -4.00 48.69 5.39
N GLU C 401 -4.51 47.90 6.31
CA GLU C 401 -4.51 48.20 7.74
C GLU C 401 -4.68 46.85 8.45
N SER C 402 -4.06 46.66 9.61
CA SER C 402 -4.19 45.38 10.31
C SER C 402 -5.59 45.23 10.87
N THR C 403 -6.16 44.04 10.76
CA THR C 403 -7.40 43.74 11.45
C THR C 403 -7.19 42.63 12.50
N VAL C 404 -5.93 42.32 12.80
CA VAL C 404 -5.56 41.30 13.79
C VAL C 404 -6.05 41.76 15.17
N GLY C 405 -6.85 40.92 15.87
CA GLY C 405 -7.28 41.21 17.26
C GLY C 405 -8.48 42.15 17.48
N ILE C 406 -9.00 42.75 16.41
CA ILE C 406 -10.16 43.62 16.50
C ILE C 406 -11.30 42.80 17.11
N ASN C 407 -11.96 43.37 18.14
CA ASN C 407 -13.04 42.65 18.85
C ASN C 407 -14.37 43.39 18.89
N SER C 408 -14.60 44.25 17.92
CA SER C 408 -15.87 44.94 17.79
C SER C 408 -16.04 45.29 16.32
N TRP C 409 -17.25 45.07 15.81
CA TRP C 409 -17.61 45.42 14.44
C TRP C 409 -17.23 46.82 14.05
N ASP C 410 -17.56 47.78 14.92
CA ASP C 410 -17.35 49.19 14.61
C ASP C 410 -15.87 49.56 14.51
N ALA C 411 -14.98 48.79 15.15
CA ALA C 411 -13.55 49.07 15.09
C ALA C 411 -12.89 48.49 13.81
N LEU C 412 -13.59 47.61 13.09
CA LEU C 412 -13.11 47.23 11.76
C LEU C 412 -13.00 48.47 10.87
N PRO C 413 -11.94 48.55 10.03
CA PRO C 413 -11.84 49.56 8.96
C PRO C 413 -13.11 49.60 8.12
N ALA C 414 -13.49 50.81 7.68
CA ALA C 414 -14.65 51.02 6.81
C ALA C 414 -14.67 50.07 5.61
N ASN C 415 -13.52 49.83 5.00
CA ASN C 415 -13.49 49.01 3.79
C ASN C 415 -13.60 47.51 4.08
N ALA C 416 -13.23 47.10 5.28
CA ALA C 416 -13.42 45.70 5.70
C ALA C 416 -14.88 45.45 6.08
N ARG C 417 -15.49 46.42 6.74
CA ARG C 417 -16.90 46.33 7.07
C ARG C 417 -17.75 46.25 5.80
N ALA C 418 -17.34 46.99 4.77
CA ALA C 418 -18.05 47.03 3.47
C ALA C 418 -17.98 45.67 2.75
N TYR C 419 -16.79 45.13 2.68
CA TYR C 419 -16.59 43.76 2.16
C TYR C 419 -17.48 42.72 2.85
N LEU C 420 -17.33 42.62 4.18
CA LEU C 420 -18.13 41.68 4.98
C LEU C 420 -19.65 41.92 4.96
N THR C 421 -20.08 43.17 4.87
CA THR C 421 -21.51 43.47 4.80
C THR C 421 -22.08 42.88 3.52
N ARG C 422 -21.33 42.99 2.43
CA ARG C 422 -21.79 42.45 1.17
C ARG C 422 -21.81 40.92 1.14
N VAL C 423 -20.83 40.27 1.78
CA VAL C 423 -20.78 38.82 1.93
C VAL C 423 -22.03 38.36 2.67
N GLN C 424 -22.28 39.00 3.80
CA GLN C 424 -23.48 38.76 4.60
C GLN C 424 -24.76 38.90 3.75
N GLU C 425 -24.86 39.98 3.00
CA GLU C 425 -26.02 40.19 2.11
C GLU C 425 -26.23 39.08 1.09
N VAL C 426 -25.15 38.68 0.41
CA VAL C 426 -25.23 37.69 -0.65
C VAL C 426 -25.52 36.31 -0.06
N ALA C 427 -25.00 36.09 1.16
CA ALA C 427 -25.12 34.81 1.85
C ALA C 427 -26.56 34.58 2.30
N GLY C 428 -27.19 35.61 2.83
CA GLY C 428 -28.59 35.58 3.24
C GLY C 428 -28.72 35.21 4.69
N VAL C 429 -27.61 35.04 5.41
CA VAL C 429 -27.68 34.83 6.85
C VAL C 429 -26.67 35.76 7.52
N PRO C 430 -26.80 35.93 8.83
CA PRO C 430 -25.93 36.89 9.49
C PRO C 430 -24.52 36.38 9.73
N ILE C 431 -23.58 37.33 9.81
CA ILE C 431 -22.28 37.02 10.34
C ILE C 431 -22.44 37.13 11.85
N ASP C 432 -22.34 36.00 12.55
CA ASP C 432 -22.52 35.94 14.02
C ASP C 432 -21.19 36.06 14.75
N MET C 433 -20.11 35.77 14.05
CA MET C 433 -18.75 35.87 14.62
C MET C 433 -17.71 36.22 13.57
N VAL C 434 -16.71 37.01 13.94
CA VAL C 434 -15.47 37.13 13.16
C VAL C 434 -14.31 36.76 14.04
N SER C 435 -13.54 35.75 13.65
CA SER C 435 -12.33 35.41 14.39
C SER C 435 -11.16 36.25 13.86
N THR C 436 -10.61 37.11 14.69
CA THR C 436 -9.55 38.02 14.19
C THR C 436 -8.17 37.67 14.68
N GLY C 437 -8.00 36.44 15.13
CA GLY C 437 -6.80 36.06 15.85
C GLY C 437 -6.91 34.71 16.53
N PRO C 438 -5.75 34.17 16.96
CA PRO C 438 -5.72 32.81 17.53
C PRO C 438 -6.18 32.72 19.00
N ASP C 439 -6.37 33.85 19.66
CA ASP C 439 -6.79 33.84 21.08
C ASP C 439 -8.28 34.03 21.25
N ARG C 440 -8.76 33.56 22.40
CA ARG C 440 -10.20 33.49 22.66
C ARG C 440 -10.84 34.87 22.51
N ASP C 441 -10.16 35.91 22.98
CA ASP C 441 -10.70 37.28 23.01
C ASP C 441 -10.47 38.09 21.71
N GLU C 442 -9.72 37.54 20.75
CA GLU C 442 -9.61 38.11 19.37
C GLU C 442 -10.80 37.68 18.50
N THR C 443 -11.95 38.24 18.82
CA THR C 443 -13.23 37.75 18.30
C THR C 443 -14.23 38.86 18.39
N ILE C 444 -14.91 39.11 17.28
CA ILE C 444 -16.14 39.90 17.27
C ILE C 444 -17.31 38.93 17.44
N LEU C 445 -18.08 39.08 18.52
CA LEU C 445 -19.23 38.20 18.78
C LEU C 445 -20.53 38.99 18.57
N LEU C 446 -21.29 38.59 17.55
CA LEU C 446 -22.56 39.27 17.28
C LEU C 446 -23.74 38.51 17.82
N ARG C 447 -23.67 37.19 17.75
CA ARG C 447 -24.64 36.36 18.41
C ARG C 447 -23.92 35.13 18.96
N HIS C 448 -24.32 34.71 20.13
CA HIS C 448 -23.70 33.54 20.76
C HIS C 448 -24.34 32.27 20.32
N PRO C 449 -23.55 31.35 19.75
CA PRO C 449 -24.17 30.10 19.21
C PRO C 449 -24.97 29.26 20.20
N PHE C 450 -24.55 29.27 21.46
CA PHE C 450 -25.19 28.45 22.51
C PHE C 450 -26.32 29.12 23.29
N LYS C 451 -26.78 30.30 22.84
CA LYS C 451 -27.93 30.98 23.45
C LYS C 451 -29.10 31.05 22.44
N VAL C 452 -30.20 30.33 22.71
CA VAL C 452 -31.43 30.47 21.94
C VAL C 452 -31.61 31.91 21.52
N VAL D 12 -1.40 -18.35 -10.74
CA VAL D 12 0.00 -17.89 -10.99
C VAL D 12 0.00 -16.45 -10.47
N THR D 13 0.83 -16.16 -9.46
CA THR D 13 0.79 -14.88 -8.75
C THR D 13 1.48 -13.73 -9.57
N PRO D 14 0.75 -12.64 -9.84
CA PRO D 14 1.31 -11.59 -10.64
C PRO D 14 2.54 -10.98 -10.01
N GLY D 15 3.59 -10.88 -10.81
CA GLY D 15 4.80 -10.23 -10.37
C GLY D 15 5.70 -11.15 -9.60
N ARG D 16 5.28 -12.39 -9.38
CA ARG D 16 6.13 -13.35 -8.68
C ARG D 16 7.17 -13.96 -9.63
N ASN D 17 8.41 -14.12 -9.16
CA ASN D 17 9.46 -14.69 -9.99
C ASN D 17 10.04 -15.94 -9.35
N VAL D 18 10.61 -16.78 -10.21
CA VAL D 18 11.26 -18.00 -9.80
C VAL D 18 12.69 -17.94 -10.23
N VAL D 19 13.59 -18.41 -9.36
CA VAL D 19 14.98 -18.60 -9.73
C VAL D 19 15.25 -20.08 -9.78
N VAL D 20 15.78 -20.56 -10.90
CA VAL D 20 16.03 -22.01 -11.05
C VAL D 20 17.52 -22.24 -11.08
N VAL D 21 18.04 -23.00 -10.13
CA VAL D 21 19.48 -23.26 -10.08
C VAL D 21 19.71 -24.72 -9.90
N GLY D 22 20.84 -25.22 -10.37
CA GLY D 22 21.31 -26.53 -9.90
C GLY D 22 21.87 -26.47 -8.49
N THR D 23 21.53 -27.44 -7.65
CA THR D 23 22.02 -27.46 -6.27
C THR D 23 23.38 -28.10 -6.08
N GLN D 24 23.93 -28.65 -7.17
CA GLN D 24 25.05 -29.53 -7.09
C GLN D 24 26.18 -28.91 -7.92
N TRP D 25 27.03 -29.71 -8.57
CA TRP D 25 28.11 -29.16 -9.37
C TRP D 25 27.79 -29.18 -10.85
N GLY D 26 26.56 -28.91 -11.22
CA GLY D 26 26.17 -28.83 -12.63
C GLY D 26 25.47 -30.05 -13.20
N ASP D 27 25.00 -29.92 -14.44
CA ASP D 27 24.48 -31.03 -15.19
C ASP D 27 23.41 -31.72 -14.39
N GLU D 28 22.69 -30.97 -13.56
CA GLU D 28 21.60 -31.56 -12.78
C GLU D 28 20.38 -31.93 -13.61
N GLY D 29 20.30 -31.46 -14.85
CA GLY D 29 19.24 -31.89 -15.78
C GLY D 29 18.10 -30.90 -15.76
N LYS D 30 18.43 -29.62 -15.90
CA LYS D 30 17.46 -28.55 -15.70
C LYS D 30 16.55 -28.31 -16.92
N GLY D 31 17.03 -28.66 -18.11
CA GLY D 31 16.31 -28.44 -19.39
C GLY D 31 14.78 -28.61 -19.37
N LYS D 32 14.31 -29.80 -19.07
CA LYS D 32 12.87 -30.07 -19.07
C LYS D 32 12.14 -29.12 -18.12
N ILE D 33 12.68 -28.91 -16.92
CA ILE D 33 12.02 -28.06 -15.91
C ILE D 33 12.12 -26.58 -16.28
N VAL D 34 13.24 -26.17 -16.86
CA VAL D 34 13.34 -24.78 -17.38
C VAL D 34 12.24 -24.54 -18.42
N ASP D 35 12.00 -25.54 -19.28
CA ASP D 35 10.96 -25.43 -20.31
C ASP D 35 9.58 -25.38 -19.65
N TRP D 36 9.37 -26.25 -18.65
CA TRP D 36 8.10 -26.27 -17.85
C TRP D 36 7.80 -24.97 -17.16
N LEU D 37 8.80 -24.41 -16.52
CA LEU D 37 8.63 -23.10 -15.88
C LEU D 37 8.36 -22.00 -16.91
N THR D 38 9.07 -22.05 -18.03
CA THR D 38 8.91 -21.05 -19.10
C THR D 38 7.46 -20.98 -19.63
N ASP D 39 6.70 -22.08 -19.52
CA ASP D 39 5.27 -22.01 -19.86
C ASP D 39 4.54 -20.93 -19.07
N HIS D 40 5.09 -20.51 -17.92
CA HIS D 40 4.38 -19.56 -17.03
C HIS D 40 5.11 -18.25 -16.88
N ALA D 41 6.13 -18.01 -17.68
CA ALA D 41 6.92 -16.79 -17.52
C ALA D 41 6.75 -15.95 -18.79
N GLN D 42 6.89 -14.66 -18.67
CA GLN D 42 6.99 -13.78 -19.83
C GLN D 42 8.40 -13.31 -20.13
N GLY D 43 9.33 -13.68 -19.25
CA GLY D 43 10.70 -13.30 -19.42
C GLY D 43 11.60 -14.31 -18.77
N VAL D 44 12.69 -14.63 -19.44
CA VAL D 44 13.67 -15.56 -18.91
C VAL D 44 15.02 -14.87 -18.97
N VAL D 45 15.80 -14.94 -17.91
CA VAL D 45 16.96 -14.05 -17.66
C VAL D 45 18.21 -14.84 -17.27
N ARG D 46 19.30 -14.71 -18.03
CA ARG D 46 20.61 -15.21 -17.58
C ARG D 46 21.22 -14.09 -16.79
N PHE D 47 21.86 -14.45 -15.67
CA PHE D 47 22.43 -13.45 -14.69
C PHE D 47 23.89 -13.65 -14.38
N GLN D 48 24.41 -14.79 -14.81
CA GLN D 48 25.78 -15.17 -14.52
C GLN D 48 26.30 -16.14 -15.56
N GLY D 49 27.61 -16.22 -15.67
CA GLY D 49 28.23 -17.22 -16.47
C GLY D 49 28.49 -16.69 -17.88
N GLY D 50 29.01 -17.56 -18.73
CA GLY D 50 29.15 -17.24 -20.14
C GLY D 50 28.43 -18.26 -20.99
N HIS D 51 29.12 -18.72 -22.04
CA HIS D 51 28.58 -19.69 -23.01
C HIS D 51 28.94 -21.08 -22.57
N ASN D 52 28.44 -21.37 -21.36
CA ASN D 52 28.75 -22.57 -20.59
C ASN D 52 27.52 -23.05 -19.84
N ALA D 53 26.33 -22.55 -20.21
CA ALA D 53 25.10 -23.26 -19.88
C ALA D 53 25.04 -24.45 -20.86
N GLY D 54 24.00 -25.26 -20.79
CA GLY D 54 23.90 -26.38 -21.69
C GLY D 54 22.47 -26.78 -21.72
N HIS D 55 21.69 -26.19 -22.62
CA HIS D 55 20.31 -26.61 -22.85
C HIS D 55 20.29 -27.31 -24.16
N THR D 56 20.00 -28.61 -24.17
CA THR D 56 19.81 -29.36 -25.42
C THR D 56 18.46 -28.99 -26.04
N LEU D 57 18.44 -28.69 -27.33
CA LEU D 57 17.22 -28.14 -27.99
C LEU D 57 16.99 -28.79 -29.36
N THR D 64 21.06 -29.62 -31.36
CA THR D 64 21.48 -28.25 -30.99
C THR D 64 21.61 -28.08 -29.49
N ILE D 65 22.71 -27.46 -29.03
CA ILE D 65 22.90 -27.16 -27.63
C ILE D 65 23.04 -25.64 -27.50
N LEU D 66 22.11 -25.03 -26.77
CA LEU D 66 22.21 -23.60 -26.42
C LEU D 66 22.94 -23.39 -25.11
N ARG D 67 23.95 -22.53 -25.15
CA ARG D 67 24.80 -22.26 -24.00
C ARG D 67 24.73 -20.82 -23.54
N LEU D 68 24.18 -19.92 -24.33
CA LEU D 68 24.25 -18.49 -24.01
C LEU D 68 22.89 -17.84 -24.01
N ILE D 69 22.13 -18.11 -25.06
CA ILE D 69 20.82 -17.55 -25.23
C ILE D 69 19.88 -18.16 -24.20
N PRO D 70 19.13 -17.34 -23.50
CA PRO D 70 18.29 -17.98 -22.51
C PRO D 70 17.29 -18.94 -23.15
N SER D 71 16.88 -19.88 -22.32
CA SER D 71 16.04 -21.01 -22.75
C SER D 71 14.61 -20.57 -23.06
N GLY D 72 14.18 -19.43 -22.54
CA GLY D 72 12.92 -18.83 -23.00
C GLY D 72 12.76 -18.72 -24.53
N ILE D 73 13.85 -18.66 -25.26
CA ILE D 73 13.80 -18.39 -26.69
C ILE D 73 13.04 -19.53 -27.40
N MET D 74 13.03 -20.72 -26.79
CA MET D 74 12.27 -21.91 -27.30
C MET D 74 10.74 -21.72 -27.35
N ARG D 75 10.18 -20.82 -26.55
CA ARG D 75 8.73 -20.54 -26.57
C ARG D 75 8.47 -19.19 -27.25
N GLU D 76 7.63 -19.20 -28.30
CA GLU D 76 7.32 -17.99 -29.10
C GLU D 76 6.78 -16.89 -28.20
N GLY D 77 7.19 -15.65 -28.44
CA GLY D 77 6.73 -14.52 -27.61
C GLY D 77 7.59 -14.14 -26.39
N VAL D 78 8.21 -15.10 -25.69
CA VAL D 78 8.88 -14.88 -24.42
C VAL D 78 10.12 -13.97 -24.63
N ALA D 79 10.21 -12.86 -23.89
CA ALA D 79 11.44 -12.07 -23.85
C ALA D 79 12.60 -12.79 -23.15
N CYS D 80 13.81 -12.66 -23.71
CA CYS D 80 15.01 -13.31 -23.18
C CYS D 80 16.01 -12.24 -22.85
N TYR D 81 16.53 -12.29 -21.63
CA TYR D 81 17.45 -11.24 -21.20
C TYR D 81 18.83 -11.81 -20.88
N ILE D 82 19.87 -11.13 -21.39
CA ILE D 82 21.23 -11.44 -20.98
C ILE D 82 21.67 -10.32 -20.05
N GLY D 83 21.81 -10.67 -18.79
CA GLY D 83 21.92 -9.68 -17.76
C GLY D 83 23.31 -9.16 -17.69
N ASN D 84 23.49 -8.09 -16.95
CA ASN D 84 24.84 -7.46 -16.81
C ASN D 84 25.90 -8.35 -16.21
N GLY D 85 25.49 -9.35 -15.43
CA GLY D 85 26.44 -10.26 -14.80
C GLY D 85 27.03 -11.36 -15.66
N VAL D 86 26.53 -11.50 -16.89
CA VAL D 86 27.06 -12.44 -17.87
C VAL D 86 28.38 -11.92 -18.46
N VAL D 87 29.22 -12.83 -18.89
CA VAL D 87 30.34 -12.49 -19.79
C VAL D 87 30.01 -13.02 -21.17
N LEU D 88 30.03 -12.12 -22.15
CA LEU D 88 29.44 -12.33 -23.47
C LEU D 88 30.51 -12.40 -24.59
N SER D 89 30.60 -13.57 -25.22
CA SER D 89 31.40 -13.73 -26.45
C SER D 89 30.49 -13.46 -27.65
N PRO D 90 30.70 -12.33 -28.36
CA PRO D 90 29.81 -12.09 -29.50
C PRO D 90 29.80 -13.23 -30.53
N GLU D 91 30.94 -13.90 -30.74
CA GLU D 91 31.02 -14.98 -31.72
C GLU D 91 30.08 -16.12 -31.32
N ALA D 92 30.16 -16.51 -30.05
CA ALA D 92 29.28 -17.54 -29.51
C ALA D 92 27.83 -17.12 -29.65
N LEU D 93 27.52 -15.86 -29.36
CA LEU D 93 26.14 -15.37 -29.46
C LEU D 93 25.60 -15.55 -30.91
N PHE D 94 26.34 -15.07 -31.89
CA PHE D 94 25.79 -15.03 -33.22
C PHE D 94 25.77 -16.40 -33.81
N LYS D 95 26.67 -17.26 -33.35
CA LYS D 95 26.60 -18.67 -33.72
C LYS D 95 25.25 -19.26 -33.33
N GLU D 96 24.84 -19.06 -32.07
CA GLU D 96 23.55 -19.59 -31.59
C GLU D 96 22.36 -18.91 -32.26
N ILE D 97 22.44 -17.60 -32.46
CA ILE D 97 21.41 -16.88 -33.23
C ILE D 97 21.23 -17.46 -34.64
N GLY D 98 22.35 -17.71 -35.33
CA GLY D 98 22.31 -18.38 -36.61
C GLY D 98 21.68 -19.78 -36.63
N GLU D 99 22.03 -20.63 -35.67
CA GLU D 99 21.43 -21.95 -35.66
C GLU D 99 19.93 -21.80 -35.47
N LEU D 100 19.54 -20.96 -34.53
CA LEU D 100 18.13 -20.77 -34.22
C LEU D 100 17.39 -20.14 -35.41
N GLU D 101 18.05 -19.21 -36.12
CA GLU D 101 17.43 -18.59 -37.31
C GLU D 101 17.35 -19.59 -38.49
N GLU D 102 18.41 -20.36 -38.71
CA GLU D 102 18.37 -21.48 -39.68
C GLU D 102 17.24 -22.49 -39.42
N ALA D 103 16.82 -22.61 -38.16
CA ALA D 103 15.76 -23.54 -37.76
C ALA D 103 14.36 -22.92 -37.74
N GLY D 104 14.26 -21.62 -38.07
CA GLY D 104 12.96 -20.95 -38.23
C GLY D 104 12.44 -20.19 -37.02
N LEU D 105 13.24 -20.08 -35.95
CA LEU D 105 12.81 -19.33 -34.80
C LEU D 105 12.99 -17.83 -35.07
N SER D 106 12.25 -17.03 -34.31
CA SER D 106 12.34 -15.58 -34.32
C SER D 106 13.03 -15.20 -33.07
N VAL D 107 14.24 -14.67 -33.17
CA VAL D 107 15.08 -14.49 -32.01
C VAL D 107 15.36 -13.06 -31.64
N ARG D 108 15.86 -12.27 -32.58
CA ARG D 108 16.53 -11.04 -32.19
C ARG D 108 15.59 -10.03 -31.61
N GLU D 109 14.38 -9.93 -32.15
CA GLU D 109 13.38 -8.93 -31.72
C GLU D 109 13.10 -9.03 -30.20
N ARG D 110 13.31 -10.20 -29.63
CA ARG D 110 13.02 -10.41 -28.22
C ARG D 110 14.22 -10.86 -27.39
N LEU D 111 15.41 -10.58 -27.89
CA LEU D 111 16.61 -10.78 -27.15
C LEU D 111 17.12 -9.42 -26.66
N PHE D 112 17.33 -9.30 -25.37
CA PHE D 112 17.78 -8.00 -24.81
C PHE D 112 19.05 -8.22 -24.04
N ILE D 113 20.11 -7.53 -24.43
CA ILE D 113 21.45 -7.71 -23.89
C ILE D 113 21.87 -6.47 -23.12
N SER D 114 22.27 -6.62 -21.87
CA SER D 114 22.60 -5.46 -21.02
C SER D 114 23.75 -4.61 -21.58
N GLU D 115 23.54 -3.30 -21.55
CA GLU D 115 24.60 -2.33 -21.83
C GLU D 115 25.87 -2.66 -21.06
N ALA D 116 25.70 -3.18 -19.84
CA ALA D 116 26.79 -3.40 -18.91
C ALA D 116 27.42 -4.80 -18.92
N THR D 117 26.84 -5.76 -19.67
CA THR D 117 27.46 -7.07 -19.85
C THR D 117 28.91 -6.96 -20.23
N THR D 118 29.74 -7.72 -19.54
CA THR D 118 31.16 -7.83 -19.85
C THR D 118 31.45 -8.64 -21.11
N LEU D 119 32.34 -8.14 -21.94
CA LEU D 119 32.68 -8.81 -23.18
C LEU D 119 33.81 -9.80 -22.93
N ILE D 120 33.72 -10.96 -23.58
CA ILE D 120 34.87 -11.86 -23.84
C ILE D 120 35.54 -11.50 -25.16
N LEU D 121 36.83 -11.16 -25.12
CA LEU D 121 37.59 -10.73 -26.28
C LEU D 121 38.58 -11.82 -26.64
N PRO D 122 39.19 -11.73 -27.85
CA PRO D 122 40.22 -12.70 -28.24
C PRO D 122 41.36 -12.94 -27.24
N TYR D 123 41.84 -11.91 -26.57
CA TYR D 123 42.96 -12.13 -25.64
C TYR D 123 42.55 -12.95 -24.41
N HIS D 124 41.25 -12.93 -24.06
CA HIS D 124 40.73 -13.77 -23.00
C HIS D 124 40.82 -15.20 -23.37
N ILE D 125 40.47 -15.52 -24.61
CA ILE D 125 40.62 -16.87 -25.11
C ILE D 125 42.10 -17.30 -25.14
N ALA D 126 42.99 -16.41 -25.60
CA ALA D 126 44.40 -16.70 -25.68
C ALA D 126 45.06 -16.92 -24.29
N ILE D 127 44.58 -16.20 -23.27
CA ILE D 127 45.08 -16.38 -21.91
C ILE D 127 44.63 -17.76 -21.40
N ASP D 128 43.36 -18.14 -21.58
CA ASP D 128 42.97 -19.54 -21.24
C ASP D 128 43.86 -20.54 -22.00
N GLN D 129 43.99 -20.37 -23.31
CA GLN D 129 44.85 -21.25 -24.15
C GLN D 129 46.27 -21.42 -23.59
N ALA D 130 46.90 -20.31 -23.22
CA ALA D 130 48.27 -20.34 -22.72
C ALA D 130 48.33 -21.02 -21.34
N ARG D 131 47.40 -20.68 -20.45
CA ARG D 131 47.33 -21.35 -19.15
C ARG D 131 47.19 -22.84 -19.32
N GLU D 132 46.30 -23.26 -20.23
CA GLU D 132 46.08 -24.70 -20.54
C GLU D 132 47.43 -25.38 -20.91
N ALA D 133 48.30 -24.67 -21.65
CA ALA D 133 49.57 -25.22 -22.16
C ALA D 133 50.77 -25.16 -21.18
N ARG D 134 50.82 -24.16 -20.31
CA ARG D 134 51.97 -24.05 -19.37
C ARG D 134 51.56 -24.58 -18.00
N ARG D 145 37.39 -21.12 -22.44
CA ARG D 145 36.61 -20.39 -23.37
C ARG D 145 36.77 -18.85 -23.14
N GLY D 146 37.71 -18.45 -22.27
CA GLY D 146 37.90 -17.00 -21.97
C GLY D 146 36.99 -16.38 -20.90
N ILE D 147 36.13 -17.18 -20.33
CA ILE D 147 35.20 -16.74 -19.25
C ILE D 147 35.92 -16.21 -17.99
N GLY D 148 36.89 -16.96 -17.49
CA GLY D 148 37.66 -16.58 -16.31
C GLY D 148 38.39 -15.28 -16.50
N PRO D 149 39.19 -15.20 -17.59
CA PRO D 149 39.94 -13.96 -17.84
C PRO D 149 39.04 -12.74 -18.03
N ALA D 150 37.86 -12.91 -18.63
CA ALA D 150 36.90 -11.82 -18.75
C ALA D 150 36.42 -11.35 -17.35
N TYR D 151 35.96 -12.26 -16.51
CA TYR D 151 35.66 -11.92 -15.07
C TYR D 151 36.91 -11.31 -14.33
N GLU D 152 38.11 -11.75 -14.68
CA GLU D 152 39.35 -11.16 -14.12
C GLU D 152 39.52 -9.68 -14.54
N ASP D 153 39.22 -9.38 -15.79
CA ASP D 153 39.26 -7.98 -16.26
C ASP D 153 38.17 -7.15 -15.61
N LYS D 154 37.00 -7.72 -15.43
CA LYS D 154 35.91 -7.04 -14.71
C LYS D 154 36.36 -6.55 -13.33
N VAL D 155 36.82 -7.47 -12.49
CA VAL D 155 37.18 -7.14 -11.13
C VAL D 155 38.40 -6.19 -11.12
N GLY D 156 39.27 -6.32 -12.12
CA GLY D 156 40.39 -5.41 -12.23
C GLY D 156 40.00 -4.05 -12.75
N ARG D 157 38.70 -3.87 -13.11
CA ARG D 157 38.18 -2.56 -13.48
C ARG D 157 38.84 -2.03 -14.79
N ARG D 158 39.15 -2.95 -15.69
CA ARG D 158 39.65 -2.60 -17.01
C ARG D 158 38.77 -3.22 -18.12
N ALA D 159 37.68 -3.89 -17.76
CA ALA D 159 36.92 -4.65 -18.73
C ALA D 159 36.22 -3.75 -19.74
N LEU D 160 36.25 -4.19 -21.00
CA LEU D 160 35.39 -3.67 -22.03
C LEU D 160 34.02 -4.30 -21.90
N ARG D 161 32.98 -3.47 -21.97
CA ARG D 161 31.60 -3.96 -21.84
C ARG D 161 30.84 -3.71 -23.14
N VAL D 162 29.64 -4.31 -23.29
CA VAL D 162 28.87 -4.23 -24.52
C VAL D 162 28.73 -2.76 -25.00
N GLN D 163 28.40 -1.84 -24.10
CA GLN D 163 28.15 -0.45 -24.49
C GLN D 163 29.39 0.22 -25.09
N ASP D 164 30.56 -0.29 -24.73
CA ASP D 164 31.80 0.29 -25.16
C ASP D 164 32.08 0.11 -26.68
N LEU D 165 31.43 -0.88 -27.30
CA LEU D 165 31.51 -1.11 -28.75
C LEU D 165 31.07 0.08 -29.61
N PHE D 166 30.25 0.96 -29.02
CA PHE D 166 29.57 2.00 -29.76
C PHE D 166 30.31 3.35 -29.63
N ASP D 167 31.49 3.34 -28.99
CA ASP D 167 32.48 4.39 -29.22
C ASP D 167 33.82 3.79 -29.66
N ALA D 168 34.05 3.75 -30.98
CA ALA D 168 35.20 3.05 -31.54
C ALA D 168 36.52 3.71 -31.13
N ARG D 169 36.54 5.03 -31.02
CA ARG D 169 37.73 5.77 -30.52
C ARG D 169 38.17 5.27 -29.14
N THR D 170 37.24 5.31 -28.17
CA THR D 170 37.57 5.02 -26.79
C THR D 170 37.71 3.51 -26.54
N PHE D 171 36.90 2.71 -27.24
CA PHE D 171 37.13 1.28 -27.29
C PHE D 171 38.58 0.98 -27.63
N ALA D 172 39.11 1.62 -28.69
CA ALA D 172 40.49 1.35 -29.14
C ALA D 172 41.53 1.73 -28.09
N ASP D 173 41.29 2.88 -27.42
CA ASP D 173 42.16 3.37 -26.34
C ASP D 173 42.26 2.42 -25.14
N ARG D 174 41.12 1.92 -24.67
CA ARG D 174 41.08 0.97 -23.57
C ARG D 174 41.65 -0.38 -23.97
N LEU D 175 41.31 -0.87 -25.16
CA LEU D 175 41.88 -2.11 -25.72
C LEU D 175 43.40 -2.03 -25.81
N ARG D 176 43.91 -0.91 -26.29
CA ARG D 176 45.34 -0.73 -26.41
C ARG D 176 45.97 -0.98 -25.05
N GLU D 177 45.44 -0.32 -24.04
CA GLU D 177 45.98 -0.44 -22.68
C GLU D 177 45.83 -1.88 -22.16
N ASN D 178 44.68 -2.49 -22.41
CA ASN D 178 44.48 -3.87 -21.98
C ASN D 178 45.50 -4.81 -22.61
N LEU D 179 45.81 -4.60 -23.89
CA LEU D 179 46.79 -5.46 -24.59
C LEU D 179 48.21 -5.19 -24.14
N ASP D 180 48.57 -3.94 -23.83
CA ASP D 180 49.90 -3.67 -23.29
C ASP D 180 50.19 -4.64 -22.15
N PHE D 181 49.23 -4.78 -21.23
CA PHE D 181 49.40 -5.61 -20.05
C PHE D 181 49.29 -7.10 -20.39
N HIS D 182 48.20 -7.49 -20.99
CA HIS D 182 47.97 -8.92 -21.26
C HIS D 182 49.00 -9.53 -22.20
N ASN D 183 49.42 -8.79 -23.21
CA ASN D 183 50.52 -9.26 -24.09
C ASN D 183 51.87 -9.38 -23.35
N PHE D 184 52.12 -8.50 -22.38
CA PHE D 184 53.30 -8.69 -21.53
C PHE D 184 53.24 -10.02 -20.78
N VAL D 185 52.10 -10.26 -20.12
CA VAL D 185 51.87 -11.49 -19.39
C VAL D 185 51.89 -12.72 -20.30
N LEU D 186 51.13 -12.66 -21.39
CA LEU D 186 51.07 -13.77 -22.33
C LEU D 186 52.48 -14.17 -22.83
N THR D 187 53.33 -13.20 -23.16
CA THR D 187 54.60 -13.48 -23.89
C THR D 187 55.79 -13.67 -22.95
N GLN D 188 55.79 -12.88 -21.86
CA GLN D 188 56.87 -12.93 -20.88
C GLN D 188 56.62 -13.86 -19.68
N TYR D 189 55.36 -14.18 -19.38
CA TYR D 189 55.03 -15.06 -18.26
C TYR D 189 54.40 -16.40 -18.64
N LEU D 190 53.42 -16.40 -19.53
CA LEU D 190 52.71 -17.64 -19.84
C LEU D 190 53.33 -18.44 -20.98
N GLY D 191 54.36 -17.91 -21.64
CA GLY D 191 54.89 -18.58 -22.81
C GLY D 191 53.91 -18.69 -23.98
N GLY D 192 53.13 -17.65 -24.19
CA GLY D 192 52.17 -17.61 -25.26
C GLY D 192 52.58 -16.60 -26.30
N ALA D 193 51.73 -16.43 -27.31
CA ALA D 193 51.96 -15.44 -28.38
C ALA D 193 51.13 -14.18 -28.13
N ALA D 194 51.64 -13.03 -28.60
CA ALA D 194 50.94 -11.78 -28.43
C ALA D 194 49.71 -11.74 -29.34
N VAL D 195 48.63 -11.23 -28.82
CA VAL D 195 47.43 -10.95 -29.59
C VAL D 195 47.52 -9.54 -30.20
N ASP D 196 47.19 -9.45 -31.48
CA ASP D 196 47.41 -8.24 -32.26
C ASP D 196 46.28 -7.26 -32.04
N PHE D 197 46.65 -6.01 -31.82
CA PHE D 197 45.71 -4.94 -31.54
C PHE D 197 44.67 -4.74 -32.66
N GLN D 198 45.15 -4.41 -33.85
CA GLN D 198 44.27 -3.98 -34.93
C GLN D 198 43.29 -5.08 -35.36
N ALA D 199 43.77 -6.32 -35.37
CA ALA D 199 42.91 -7.47 -35.67
C ALA D 199 41.80 -7.65 -34.59
N THR D 200 42.18 -7.51 -33.33
CA THR D 200 41.22 -7.58 -32.21
C THR D 200 40.20 -6.44 -32.35
N LEU D 201 40.67 -5.24 -32.63
CA LEU D 201 39.82 -4.07 -32.77
C LEU D 201 38.80 -4.27 -33.90
N ASP D 202 39.29 -4.65 -35.08
CA ASP D 202 38.44 -4.96 -36.24
C ASP D 202 37.40 -6.03 -35.95
N THR D 203 37.84 -7.11 -35.32
CA THR D 203 36.96 -8.24 -34.96
C THR D 203 35.83 -7.79 -34.02
N MET D 204 36.16 -7.01 -33.00
CA MET D 204 35.15 -6.63 -31.97
C MET D 204 34.17 -5.59 -32.53
N LEU D 205 34.70 -4.54 -33.16
CA LEU D 205 33.83 -3.51 -33.76
C LEU D 205 32.96 -4.07 -34.89
N GLY D 206 33.41 -5.17 -35.48
CA GLY D 206 32.62 -5.87 -36.48
C GLY D 206 31.30 -6.38 -35.97
N TYR D 207 31.14 -6.49 -34.65
CA TYR D 207 29.89 -6.95 -34.05
C TYR D 207 28.92 -5.84 -33.67
N ALA D 208 29.38 -4.61 -33.68
CA ALA D 208 28.56 -3.50 -33.17
C ALA D 208 27.22 -3.36 -33.91
N ASP D 209 27.23 -3.35 -35.24
CA ASP D 209 25.96 -3.10 -35.95
C ASP D 209 24.94 -4.23 -35.67
N ARG D 210 25.42 -5.48 -35.62
CA ARG D 210 24.55 -6.63 -35.34
C ARG D 210 24.02 -6.61 -33.89
N LEU D 211 24.88 -6.26 -32.95
CA LEU D 211 24.53 -6.17 -31.54
C LEU D 211 23.59 -4.97 -31.26
N ARG D 212 23.81 -3.85 -31.94
CA ARG D 212 23.10 -2.59 -31.62
C ARG D 212 21.60 -2.75 -31.27
N PRO D 213 20.78 -3.35 -32.16
CA PRO D 213 19.31 -3.48 -31.92
C PRO D 213 18.90 -4.25 -30.67
N MET D 214 19.80 -5.08 -30.13
CA MET D 214 19.48 -5.90 -28.97
C MET D 214 19.87 -5.29 -27.65
N VAL D 215 20.73 -4.29 -27.69
CA VAL D 215 21.29 -3.71 -26.48
C VAL D 215 20.18 -2.99 -25.73
N ALA D 216 20.14 -3.24 -24.44
CA ALA D 216 19.02 -2.72 -23.62
C ALA D 216 19.41 -2.38 -22.19
N ASP D 217 18.51 -1.67 -21.53
CA ASP D 217 18.59 -1.49 -20.09
C ASP D 217 17.79 -2.61 -19.46
N VAL D 218 18.43 -3.75 -19.25
CA VAL D 218 17.76 -4.97 -18.78
C VAL D 218 17.19 -4.75 -17.37
N SER D 219 17.95 -4.11 -16.51
CA SER D 219 17.49 -3.82 -15.12
C SER D 219 16.16 -3.08 -15.12
N ARG D 220 16.12 -2.02 -15.89
CA ARG D 220 14.90 -1.20 -16.03
C ARG D 220 13.74 -2.00 -16.57
N ARG D 221 13.99 -2.77 -17.62
CA ARG D 221 12.97 -3.58 -18.31
C ARG D 221 12.40 -4.64 -17.36
N LEU D 222 13.28 -5.28 -16.55
CA LEU D 222 12.85 -6.23 -15.54
C LEU D 222 12.00 -5.59 -14.40
N TYR D 223 12.37 -4.38 -13.98
CA TYR D 223 11.55 -3.65 -13.04
C TYR D 223 10.18 -3.38 -13.66
N GLU D 224 10.14 -2.95 -14.91
CA GLU D 224 8.84 -2.67 -15.58
C GLU D 224 7.99 -3.91 -15.80
N GLU D 225 8.61 -5.02 -16.22
CA GLU D 225 7.90 -6.28 -16.42
C GLU D 225 7.15 -6.66 -15.11
N ASN D 226 7.86 -6.63 -13.98
CA ASN D 226 7.22 -6.97 -12.70
C ASN D 226 6.14 -5.94 -12.32
N HIS D 227 6.40 -4.67 -12.62
CA HIS D 227 5.44 -3.61 -12.29
C HIS D 227 4.15 -3.77 -13.05
N ALA D 228 4.22 -4.36 -14.25
CA ALA D 228 3.01 -4.71 -15.04
C ALA D 228 2.37 -6.05 -14.63
N GLY D 229 3.01 -6.73 -13.67
CA GLY D 229 2.50 -7.97 -13.10
C GLY D 229 2.96 -9.19 -13.86
N ARG D 230 3.96 -9.04 -14.74
CA ARG D 230 4.50 -10.20 -15.43
C ARG D 230 5.48 -10.96 -14.56
N ASN D 231 5.69 -12.21 -14.96
CA ASN D 231 6.43 -13.21 -14.22
C ASN D 231 7.73 -13.53 -14.91
N LEU D 232 8.80 -13.57 -14.12
CA LEU D 232 10.11 -13.81 -14.67
C LEU D 232 10.72 -15.07 -14.08
N LEU D 233 11.48 -15.72 -14.95
CA LEU D 233 12.35 -16.83 -14.63
C LEU D 233 13.80 -16.43 -14.71
N PHE D 234 14.50 -16.60 -13.62
CA PHE D 234 15.96 -16.42 -13.56
C PHE D 234 16.61 -17.76 -13.65
N GLU D 235 17.31 -17.97 -14.77
CA GLU D 235 17.82 -19.30 -15.12
C GLU D 235 19.32 -19.39 -14.83
N GLY D 236 19.68 -20.17 -13.81
CA GLY D 236 21.07 -20.46 -13.51
C GLY D 236 21.75 -21.31 -14.60
N ALA D 237 23.03 -21.02 -14.80
CA ALA D 237 23.84 -21.72 -15.77
C ALA D 237 24.71 -22.79 -15.09
N GLN D 238 25.46 -22.42 -14.05
CA GLN D 238 26.43 -23.31 -13.43
C GLN D 238 25.86 -23.87 -12.15
N GLY D 239 26.26 -25.08 -11.80
CA GLY D 239 25.89 -25.64 -10.52
C GLY D 239 26.31 -24.74 -9.41
N THR D 240 25.46 -24.59 -8.40
CA THR D 240 25.70 -23.62 -7.35
C THR D 240 26.83 -24.01 -6.41
N LEU D 241 27.17 -25.28 -6.35
CA LEU D 241 28.38 -25.64 -5.59
C LEU D 241 29.70 -25.29 -6.29
N LEU D 242 29.66 -24.76 -7.52
CA LEU D 242 30.85 -24.14 -8.15
C LEU D 242 31.01 -22.66 -7.80
N ASP D 243 30.15 -22.20 -6.90
CA ASP D 243 30.19 -20.81 -6.47
C ASP D 243 31.56 -20.43 -5.90
N ILE D 244 32.08 -19.30 -6.34
CA ILE D 244 33.41 -18.90 -5.95
C ILE D 244 33.60 -18.80 -4.43
N ASP D 245 32.54 -18.49 -3.70
CA ASP D 245 32.63 -18.29 -2.21
C ASP D 245 32.41 -19.59 -1.50
N HIS D 246 31.45 -20.36 -1.98
CA HIS D 246 30.93 -21.47 -1.21
C HIS D 246 31.32 -22.84 -1.67
N GLY D 247 31.94 -22.95 -2.85
CA GLY D 247 32.34 -24.21 -3.38
C GLY D 247 33.74 -24.58 -2.93
N THR D 248 34.28 -25.66 -3.49
CA THR D 248 35.53 -26.22 -3.00
C THR D 248 36.72 -25.50 -3.58
N TYR D 249 36.89 -24.28 -3.12
CA TYR D 249 37.85 -23.34 -3.68
C TYR D 249 39.23 -23.97 -3.58
N PRO D 250 40.10 -23.82 -4.62
CA PRO D 250 39.94 -23.10 -5.88
C PRO D 250 39.19 -23.86 -7.01
N PHE D 251 38.63 -25.03 -6.74
CA PHE D 251 37.91 -25.81 -7.79
C PHE D 251 36.46 -25.34 -7.88
N VAL D 252 36.36 -24.10 -8.35
CA VAL D 252 35.11 -23.33 -8.40
C VAL D 252 35.10 -22.56 -9.70
N THR D 253 33.95 -22.02 -10.08
CA THR D 253 33.93 -21.10 -11.21
C THR D 253 34.36 -19.69 -10.76
N SER D 254 34.62 -18.83 -11.73
CA SER D 254 35.27 -17.53 -11.49
C SER D 254 34.24 -16.42 -11.18
N SER D 255 33.11 -16.79 -10.57
CA SER D 255 32.06 -15.85 -10.16
C SER D 255 31.15 -16.48 -9.10
N ASN D 256 30.30 -15.66 -8.49
CA ASN D 256 29.20 -16.16 -7.70
C ASN D 256 28.06 -16.69 -8.60
N CYS D 257 27.53 -17.87 -8.25
CA CYS D 257 26.41 -18.44 -8.96
C CYS D 257 25.29 -19.00 -8.07
N VAL D 258 25.41 -18.84 -6.74
CA VAL D 258 24.30 -19.12 -5.81
C VAL D 258 23.12 -18.20 -6.25
N ALA D 259 21.91 -18.58 -5.86
CA ALA D 259 20.64 -17.99 -6.35
C ALA D 259 20.54 -16.47 -6.11
N GLY D 260 21.15 -16.01 -5.01
CA GLY D 260 21.30 -14.58 -4.68
C GLY D 260 22.08 -13.71 -5.66
N ALA D 261 22.97 -14.36 -6.41
CA ALA D 261 23.66 -13.75 -7.54
C ALA D 261 22.74 -13.22 -8.63
N ALA D 262 21.52 -13.72 -8.76
CA ALA D 262 20.58 -13.18 -9.78
C ALA D 262 20.29 -11.70 -9.54
N ALA D 263 20.43 -11.24 -8.30
CA ALA D 263 20.06 -9.85 -7.97
C ALA D 263 21.01 -8.89 -8.63
N ALA D 264 22.26 -8.91 -8.18
CA ALA D 264 23.31 -8.08 -8.77
C ALA D 264 23.45 -8.36 -10.29
N GLY D 265 23.34 -9.63 -10.64
CA GLY D 265 23.58 -10.06 -12.02
C GLY D 265 22.57 -9.62 -13.03
N ALA D 266 21.34 -9.34 -12.59
CA ALA D 266 20.26 -8.85 -13.48
C ALA D 266 19.83 -7.40 -13.19
N GLY D 267 20.32 -6.82 -12.10
CA GLY D 267 19.97 -5.43 -11.76
C GLY D 267 18.62 -5.36 -11.05
N VAL D 268 18.30 -6.38 -10.25
CA VAL D 268 17.10 -6.38 -9.45
C VAL D 268 17.44 -6.59 -8.00
N GLY D 269 16.51 -6.24 -7.10
CA GLY D 269 16.73 -6.45 -5.68
C GLY D 269 16.46 -7.88 -5.24
N PRO D 270 16.98 -8.27 -4.07
CA PRO D 270 16.74 -9.66 -3.66
C PRO D 270 15.28 -10.03 -3.43
N GLN D 271 14.40 -9.05 -3.25
CA GLN D 271 12.98 -9.30 -2.96
C GLN D 271 12.25 -9.79 -4.22
N LYS D 272 12.89 -9.69 -5.39
CA LYS D 272 12.28 -10.17 -6.64
C LYS D 272 12.54 -11.66 -6.84
N LEU D 273 13.35 -12.25 -5.97
CA LEU D 273 13.78 -13.65 -6.12
C LEU D 273 12.87 -14.49 -5.20
N ASN D 274 11.61 -14.61 -5.60
CA ASN D 274 10.55 -15.09 -4.66
C ASN D 274 10.63 -16.53 -4.32
N TYR D 275 10.89 -17.37 -5.32
CA TYR D 275 10.85 -18.81 -5.12
C TYR D 275 12.09 -19.39 -5.80
N ILE D 276 12.94 -20.05 -5.02
CA ILE D 276 14.17 -20.64 -5.54
C ILE D 276 13.92 -22.15 -5.68
N LEU D 277 13.86 -22.61 -6.92
CA LEU D 277 13.71 -24.03 -7.23
C LEU D 277 15.10 -24.67 -7.34
N GLY D 278 15.40 -25.60 -6.45
CA GLY D 278 16.70 -26.30 -6.50
C GLY D 278 16.67 -27.60 -7.31
N ILE D 279 17.18 -27.57 -8.52
CA ILE D 279 17.20 -28.82 -9.35
C ILE D 279 18.30 -29.74 -8.85
N THR D 280 17.95 -30.98 -8.53
CA THR D 280 18.81 -31.86 -7.77
C THR D 280 18.73 -33.22 -8.43
N LYS D 281 19.82 -33.63 -9.06
CA LYS D 281 19.93 -34.97 -9.61
C LYS D 281 19.95 -36.04 -8.50
N ALA D 282 19.40 -37.21 -8.81
CA ALA D 282 19.24 -38.29 -7.85
C ALA D 282 20.56 -38.98 -7.48
N TYR D 283 21.65 -38.61 -8.14
CA TYR D 283 23.02 -39.01 -7.77
C TYR D 283 23.89 -37.79 -8.12
N CYS D 284 25.19 -37.85 -7.88
CA CYS D 284 26.03 -36.67 -8.07
C CYS D 284 27.05 -36.83 -9.18
N THR D 285 27.34 -35.76 -9.88
CA THR D 285 28.44 -35.72 -10.82
C THR D 285 29.36 -34.50 -10.57
N ARG D 286 30.63 -34.63 -10.99
CA ARG D 286 31.54 -33.49 -11.12
C ARG D 286 32.30 -33.61 -12.44
N VAL D 287 32.81 -32.49 -12.94
CA VAL D 287 33.62 -32.47 -14.17
C VAL D 287 34.88 -31.66 -13.90
N GLY D 288 36.05 -32.22 -14.15
CA GLY D 288 37.26 -31.49 -13.81
C GLY D 288 37.66 -31.80 -12.38
N SER D 289 38.66 -31.11 -11.88
CA SER D 289 39.24 -31.54 -10.63
C SER D 289 38.40 -31.02 -9.51
N GLY D 290 38.60 -31.62 -8.35
CA GLY D 290 38.08 -31.11 -7.12
C GLY D 290 37.57 -32.26 -6.28
N PRO D 291 37.70 -32.15 -4.96
CA PRO D 291 37.22 -33.21 -4.07
C PRO D 291 35.72 -33.46 -4.18
N PHE D 292 35.34 -34.72 -3.94
CA PHE D 292 34.03 -35.23 -4.24
C PHE D 292 33.79 -36.39 -3.24
N PRO D 293 33.22 -36.07 -2.05
CA PRO D 293 33.15 -37.08 -0.99
C PRO D 293 32.51 -38.40 -1.38
N SER D 294 31.39 -38.35 -2.11
CA SER D 294 30.60 -39.54 -2.43
C SER D 294 30.97 -40.20 -3.75
N GLU D 295 32.14 -39.85 -4.27
CA GLU D 295 32.56 -40.24 -5.62
C GLU D 295 32.69 -41.74 -5.76
N LEU D 296 32.19 -42.26 -6.86
CA LEU D 296 32.27 -43.70 -7.18
C LEU D 296 33.23 -43.99 -8.36
N TYR D 297 33.13 -43.16 -9.40
CA TYR D 297 33.87 -43.34 -10.66
C TYR D 297 34.45 -42.04 -11.21
N ASP D 298 35.75 -42.09 -11.53
CA ASP D 298 36.45 -41.07 -12.25
C ASP D 298 37.35 -41.80 -13.27
N ALA D 299 37.10 -41.56 -14.55
CA ALA D 299 37.80 -42.31 -15.59
C ALA D 299 39.33 -42.12 -15.49
N ASP D 300 39.76 -40.97 -14.95
CA ASP D 300 41.19 -40.66 -14.87
C ASP D 300 41.85 -41.05 -13.54
N ASN D 301 41.07 -41.59 -12.61
CA ASN D 301 41.56 -41.96 -11.29
C ASN D 301 41.45 -43.48 -11.12
N PRO D 302 42.59 -44.19 -11.16
CA PRO D 302 42.52 -45.65 -11.04
C PRO D 302 41.93 -46.15 -9.70
N SER D 303 41.91 -45.30 -8.67
CA SER D 303 41.32 -45.64 -7.36
C SER D 303 39.80 -45.44 -7.24
N ARG D 304 39.19 -44.83 -8.27
CA ARG D 304 37.75 -44.61 -8.27
CA ARG D 304 37.74 -44.61 -8.26
C ARG D 304 37.17 -45.18 -9.56
N GLN D 305 37.01 -46.51 -9.56
CA GLN D 305 36.58 -47.27 -10.74
C GLN D 305 35.42 -48.24 -10.40
N ASP D 306 34.63 -47.87 -9.39
CA ASP D 306 33.48 -48.64 -8.94
C ASP D 306 32.45 -48.82 -10.07
N GLN D 307 32.17 -50.08 -10.42
CA GLN D 307 31.24 -50.36 -11.50
C GLN D 307 29.88 -49.65 -11.35
N ILE D 308 29.44 -49.39 -10.12
CA ILE D 308 28.16 -48.66 -9.93
C ILE D 308 28.26 -47.27 -10.56
N GLY D 309 29.38 -46.60 -10.36
CA GLY D 309 29.57 -45.27 -10.92
C GLY D 309 29.75 -45.27 -12.44
N ILE D 310 30.34 -46.36 -12.97
CA ILE D 310 30.39 -46.56 -14.42
C ILE D 310 28.97 -46.69 -14.98
N THR D 311 28.12 -47.41 -14.27
CA THR D 311 26.74 -47.67 -14.70
C THR D 311 25.89 -46.39 -14.59
N LEU D 312 26.13 -45.58 -13.55
CA LEU D 312 25.51 -44.25 -13.47
C LEU D 312 25.90 -43.35 -14.68
N ALA D 313 27.17 -43.38 -15.07
CA ALA D 313 27.61 -42.54 -16.20
C ALA D 313 26.91 -43.00 -17.48
N ASN D 314 26.96 -44.31 -17.76
CA ASN D 314 26.30 -44.87 -18.92
C ASN D 314 24.79 -44.64 -18.95
N VAL D 315 24.08 -45.05 -17.91
CA VAL D 315 22.62 -45.01 -17.94
C VAL D 315 22.13 -43.56 -17.87
N GLY D 316 22.82 -42.73 -17.11
CA GLY D 316 22.51 -41.33 -17.04
C GLY D 316 23.12 -40.49 -18.15
N LYS D 317 23.78 -41.13 -19.12
CA LYS D 317 24.39 -40.44 -20.30
C LYS D 317 25.19 -39.20 -19.89
N GLU D 318 26.10 -39.41 -18.94
CA GLU D 318 26.89 -38.35 -18.34
C GLU D 318 28.17 -38.17 -19.12
N PHE D 319 28.02 -37.62 -20.30
CA PHE D 319 29.16 -37.42 -21.20
C PHE D 319 29.17 -35.98 -21.61
N GLY D 320 30.34 -35.39 -21.53
CA GLY D 320 30.49 -33.95 -21.82
C GLY D 320 29.99 -33.61 -23.21
N SER D 321 29.38 -32.43 -23.32
CA SER D 321 28.72 -32.04 -24.55
C SER D 321 29.74 -31.68 -25.63
N VAL D 322 30.96 -31.32 -25.23
CA VAL D 322 32.01 -30.98 -26.19
C VAL D 322 32.93 -32.17 -26.33
N THR D 323 33.52 -32.60 -25.21
CA THR D 323 34.57 -33.64 -25.25
C THR D 323 34.03 -35.07 -25.46
N GLY D 324 32.79 -35.31 -25.08
CA GLY D 324 32.23 -36.66 -25.03
C GLY D 324 32.72 -37.53 -23.88
N ARG D 325 33.58 -36.99 -23.01
CA ARG D 325 34.20 -37.80 -21.97
C ARG D 325 33.28 -37.92 -20.77
N PRO D 326 33.29 -39.08 -20.09
CA PRO D 326 32.38 -39.31 -18.97
C PRO D 326 32.69 -38.37 -17.80
N ARG D 327 31.65 -37.84 -17.20
CA ARG D 327 31.78 -37.09 -15.95
C ARG D 327 32.14 -38.05 -14.81
N ARG D 328 32.67 -37.47 -13.75
CA ARG D 328 32.82 -38.18 -12.50
C ARG D 328 31.43 -38.40 -11.87
N THR D 329 31.16 -39.62 -11.40
CA THR D 329 29.86 -39.96 -10.82
C THR D 329 29.99 -40.44 -9.38
N GLY D 330 28.93 -40.29 -8.62
CA GLY D 330 28.91 -40.78 -7.25
C GLY D 330 27.48 -40.80 -6.74
N TRP D 331 27.33 -41.31 -5.51
CA TRP D 331 26.04 -41.30 -4.84
C TRP D 331 25.62 -39.90 -4.53
N LEU D 332 24.30 -39.71 -4.37
CA LEU D 332 23.76 -38.44 -3.92
C LEU D 332 24.30 -38.10 -2.56
N ASP D 333 24.77 -36.87 -2.41
CA ASP D 333 25.28 -36.40 -1.17
C ASP D 333 24.31 -35.37 -0.58
N ALA D 334 23.49 -35.82 0.38
CA ALA D 334 22.49 -34.97 1.03
C ALA D 334 23.11 -33.94 1.99
N ALA D 335 24.35 -34.18 2.42
CA ALA D 335 25.10 -33.22 3.26
C ALA D 335 25.55 -32.02 2.41
N ALA D 336 25.98 -32.27 1.17
CA ALA D 336 26.22 -31.18 0.21
C ALA D 336 24.90 -30.48 -0.16
N LEU D 337 23.82 -31.23 -0.26
CA LEU D 337 22.52 -30.68 -0.54
C LEU D 337 22.06 -29.74 0.56
N ARG D 338 22.25 -30.16 1.83
CA ARG D 338 21.90 -29.28 2.99
C ARG D 338 22.64 -27.95 2.91
N ARG D 339 23.93 -28.00 2.61
CA ARG D 339 24.71 -26.78 2.45
C ARG D 339 24.11 -25.89 1.35
N SER D 340 23.80 -26.55 0.25
CA SER D 340 23.30 -25.87 -0.94
C SER D 340 21.94 -25.20 -0.66
N ILE D 341 21.07 -25.91 0.05
CA ILE D 341 19.81 -25.32 0.48
C ILE D 341 20.05 -23.97 1.23
N GLN D 342 21.02 -23.98 2.13
CA GLN D 342 21.27 -22.85 3.02
C GLN D 342 21.88 -21.70 2.29
N ILE D 343 22.89 -21.97 1.45
CA ILE D 343 23.57 -20.87 0.75
C ILE D 343 22.73 -20.29 -0.42
N ASN D 344 21.79 -21.06 -0.95
CA ASN D 344 20.93 -20.63 -2.01
C ASN D 344 19.58 -20.08 -1.52
N GLY D 345 19.20 -20.35 -0.27
CA GLY D 345 17.82 -20.13 0.17
C GLY D 345 16.85 -20.98 -0.67
N VAL D 346 17.22 -22.19 -1.02
CA VAL D 346 16.31 -23.02 -1.83
C VAL D 346 14.91 -23.12 -1.15
N SER D 347 13.86 -22.89 -1.93
CA SER D 347 12.51 -22.98 -1.42
C SER D 347 12.00 -24.40 -1.49
N GLY D 348 12.28 -25.07 -2.59
CA GLY D 348 11.82 -26.43 -2.79
C GLY D 348 12.71 -27.11 -3.78
N LEU D 349 12.77 -28.43 -3.69
CA LEU D 349 13.64 -29.19 -4.55
C LEU D 349 12.84 -29.76 -5.70
N CYS D 350 13.53 -29.88 -6.83
CA CYS D 350 13.02 -30.62 -7.98
C CYS D 350 13.93 -31.80 -8.30
N MET D 351 13.49 -33.02 -8.00
CA MET D 351 14.31 -34.20 -8.27
C MET D 351 14.30 -34.65 -9.78
N THR D 352 15.50 -34.89 -10.31
CA THR D 352 15.67 -35.35 -11.68
C THR D 352 16.48 -36.63 -11.72
N LYS D 353 16.23 -37.43 -12.77
CA LYS D 353 17.06 -38.57 -13.11
C LYS D 353 16.97 -39.70 -12.10
N LEU D 354 15.89 -39.73 -11.35
CA LEU D 354 15.62 -40.84 -10.46
C LEU D 354 15.66 -42.20 -11.23
N ASP D 355 15.20 -42.21 -12.49
CA ASP D 355 15.08 -43.47 -13.25
C ASP D 355 16.43 -44.09 -13.56
N VAL D 356 17.49 -43.31 -13.43
CA VAL D 356 18.84 -43.87 -13.60
C VAL D 356 19.12 -44.91 -12.48
N LEU D 357 18.38 -44.81 -11.38
CA LEU D 357 18.54 -45.71 -10.24
C LEU D 357 17.59 -46.91 -10.28
N ASP D 358 16.76 -46.97 -11.32
CA ASP D 358 15.67 -47.95 -11.39
C ASP D 358 16.17 -49.37 -11.39
N GLY D 359 17.29 -49.62 -12.06
CA GLY D 359 17.83 -50.98 -12.18
C GLY D 359 18.57 -51.49 -10.96
N LEU D 360 18.88 -50.60 -9.99
CA LEU D 360 19.82 -50.94 -8.90
C LEU D 360 19.23 -51.78 -7.76
N ASP D 361 20.05 -52.71 -7.26
CA ASP D 361 19.67 -53.60 -6.16
C ASP D 361 19.52 -52.81 -4.86
N GLU D 362 20.45 -51.87 -4.63
CA GLU D 362 20.35 -50.94 -3.51
C GLU D 362 20.89 -49.60 -3.94
N VAL D 363 20.57 -48.58 -3.17
CA VAL D 363 21.08 -47.23 -3.41
C VAL D 363 21.56 -46.64 -2.10
N LYS D 364 22.62 -45.83 -2.16
CA LYS D 364 23.19 -45.23 -0.96
C LYS D 364 23.03 -43.71 -0.99
N LEU D 365 22.78 -43.14 0.19
CA LEU D 365 22.70 -41.69 0.37
C LEU D 365 23.79 -41.22 1.32
N CYS D 366 24.64 -40.29 0.91
CA CYS D 366 25.62 -39.74 1.85
C CYS D 366 24.91 -38.69 2.70
N VAL D 367 24.85 -38.89 4.01
CA VAL D 367 24.01 -38.01 4.87
C VAL D 367 24.83 -37.15 5.79
N GLY D 368 26.14 -37.34 5.70
CA GLY D 368 27.09 -36.58 6.48
C GLY D 368 28.47 -37.09 6.26
N TYR D 369 29.42 -36.59 7.05
CA TYR D 369 30.80 -37.00 6.92
C TYR D 369 31.51 -37.27 8.24
N LYS D 370 32.61 -38.03 8.14
CA LYS D 370 33.63 -38.09 9.19
C LYS D 370 34.84 -37.32 8.69
N ILE D 371 35.27 -36.34 9.48
CA ILE D 371 36.41 -35.51 9.17
C ILE D 371 37.23 -35.30 10.45
N ASP D 372 38.51 -35.65 10.37
CA ASP D 372 39.40 -35.63 11.51
C ASP D 372 38.77 -36.35 12.70
N GLY D 373 38.14 -37.50 12.43
CA GLY D 373 37.47 -38.27 13.46
C GLY D 373 36.17 -37.70 14.04
N GLU D 374 35.69 -36.57 13.54
CA GLU D 374 34.46 -35.95 14.05
C GLU D 374 33.36 -35.99 12.98
N ASP D 375 32.09 -35.85 13.42
CA ASP D 375 30.93 -35.77 12.54
C ASP D 375 30.78 -34.36 11.91
N ALA D 376 30.40 -34.30 10.63
CA ALA D 376 30.04 -33.03 9.98
C ALA D 376 28.76 -33.29 9.22
N ASP D 377 27.76 -32.43 9.36
CA ASP D 377 26.49 -32.66 8.64
C ASP D 377 26.31 -31.77 7.41
N LEU D 378 27.21 -30.79 7.23
CA LEU D 378 27.25 -29.92 6.03
C LEU D 378 28.60 -30.04 5.32
N LEU D 379 28.57 -29.99 3.98
CA LEU D 379 29.81 -29.91 3.16
C LEU D 379 30.69 -28.78 3.67
N PRO D 380 31.95 -29.09 4.02
CA PRO D 380 32.87 -28.04 4.46
C PRO D 380 33.16 -26.99 3.39
N ARG D 381 33.81 -25.91 3.79
CA ARG D 381 34.32 -24.92 2.84
C ARG D 381 35.70 -25.31 2.38
N GLY D 382 35.95 -25.17 1.09
CA GLY D 382 37.31 -25.28 0.56
C GLY D 382 37.76 -26.69 0.24
N ALA D 383 38.72 -26.80 -0.69
CA ALA D 383 39.14 -28.11 -1.21
C ALA D 383 39.80 -29.01 -0.17
N ALA D 384 40.68 -28.47 0.65
CA ALA D 384 41.44 -29.34 1.58
C ALA D 384 40.51 -30.10 2.58
N GLU D 385 39.57 -29.37 3.19
CA GLU D 385 38.69 -29.98 4.20
C GLU D 385 37.70 -30.97 3.55
N VAL D 386 37.12 -30.58 2.42
CA VAL D 386 36.24 -31.51 1.64
C VAL D 386 37.00 -32.78 1.25
N ALA D 387 38.26 -32.61 0.89
CA ALA D 387 39.10 -33.76 0.55
C ALA D 387 39.34 -34.71 1.75
N ARG D 388 39.19 -34.22 2.99
CA ARG D 388 39.35 -35.12 4.17
C ARG D 388 38.04 -35.76 4.63
N CYS D 389 36.93 -35.36 4.04
CA CYS D 389 35.62 -35.97 4.36
C CYS D 389 35.50 -37.40 3.88
N GLU D 390 35.13 -38.30 4.78
CA GLU D 390 34.71 -39.64 4.38
C GLU D 390 33.20 -39.70 4.52
N PRO D 391 32.51 -40.15 3.47
CA PRO D 391 31.06 -40.15 3.50
C PRO D 391 30.51 -41.11 4.51
N VAL D 392 29.45 -40.69 5.18
CA VAL D 392 28.63 -41.58 6.00
C VAL D 392 27.35 -41.87 5.22
N TYR D 393 27.14 -43.13 4.90
CA TYR D 393 26.02 -43.54 4.05
C TYR D 393 24.88 -44.19 4.81
N GLU D 394 23.65 -43.87 4.41
CA GLU D 394 22.51 -44.74 4.66
C GLU D 394 22.17 -45.53 3.40
N THR D 395 21.80 -46.79 3.58
CA THR D 395 21.58 -47.70 2.46
C THR D 395 20.11 -47.98 2.30
N PHE D 396 19.62 -47.92 1.06
CA PHE D 396 18.20 -48.12 0.76
C PHE D 396 18.01 -49.28 -0.20
N GLY D 397 17.06 -50.15 0.10
CA GLY D 397 16.62 -51.18 -0.85
C GLY D 397 16.19 -50.52 -2.16
N GLY D 398 16.56 -51.12 -3.28
CA GLY D 398 16.14 -50.61 -4.57
C GLY D 398 14.72 -51.08 -4.88
N TRP D 399 14.14 -50.50 -5.93
CA TRP D 399 12.77 -50.80 -6.30
C TRP D 399 12.67 -51.66 -7.53
N LYS D 400 13.58 -51.50 -8.49
CA LYS D 400 13.54 -52.35 -9.69
C LYS D 400 12.30 -52.17 -10.59
N GLU D 401 11.37 -51.25 -10.27
CA GLU D 401 10.31 -50.81 -11.22
C GLU D 401 10.88 -49.68 -12.07
N SER D 402 10.42 -49.55 -13.31
CA SER D 402 10.67 -48.29 -14.02
C SER D 402 9.89 -47.17 -13.31
N THR D 403 10.51 -46.01 -13.16
CA THR D 403 9.83 -44.83 -12.60
C THR D 403 9.66 -43.74 -13.68
N VAL D 404 9.96 -44.09 -14.94
CA VAL D 404 9.79 -43.21 -16.10
C VAL D 404 8.31 -42.81 -16.25
N GLY D 405 8.01 -41.51 -16.26
CA GLY D 405 6.66 -41.03 -16.55
C GLY D 405 5.60 -41.10 -15.44
N ILE D 406 5.98 -41.48 -14.22
CA ILE D 406 5.07 -41.41 -13.08
C ILE D 406 4.74 -39.97 -12.78
N ASN D 407 3.47 -39.66 -12.52
CA ASN D 407 3.02 -38.26 -12.37
C ASN D 407 2.23 -37.99 -11.08
N SER D 408 2.37 -38.89 -10.11
CA SER D 408 1.83 -38.66 -8.76
C SER D 408 2.79 -39.27 -7.78
N TRP D 409 2.80 -38.76 -6.56
CA TRP D 409 3.73 -39.26 -5.54
C TRP D 409 3.40 -40.66 -5.13
N ASP D 410 2.11 -40.94 -4.96
CA ASP D 410 1.68 -42.23 -4.46
C ASP D 410 1.92 -43.36 -5.45
N ALA D 411 2.03 -43.03 -6.74
CA ALA D 411 2.30 -44.04 -7.77
C ALA D 411 3.79 -44.48 -7.83
N LEU D 412 4.69 -43.70 -7.21
CA LEU D 412 6.10 -44.13 -7.06
C LEU D 412 6.21 -45.35 -6.17
N PRO D 413 7.20 -46.22 -6.44
CA PRO D 413 7.43 -47.41 -5.61
C PRO D 413 7.77 -47.04 -4.18
N ALA D 414 7.36 -47.89 -3.23
CA ALA D 414 7.65 -47.70 -1.80
C ALA D 414 9.13 -47.37 -1.57
N ASN D 415 10.02 -48.14 -2.18
CA ASN D 415 11.45 -47.95 -1.95
C ASN D 415 12.02 -46.67 -2.58
N ALA D 416 11.39 -46.16 -3.64
CA ALA D 416 11.75 -44.85 -4.21
C ALA D 416 11.28 -43.75 -3.28
N ARG D 417 10.04 -43.88 -2.81
CA ARG D 417 9.47 -42.91 -1.89
C ARG D 417 10.31 -42.80 -0.62
N ALA D 418 10.80 -43.93 -0.14
CA ALA D 418 11.60 -43.99 1.09
C ALA D 418 12.94 -43.30 0.89
N TYR D 419 13.53 -43.49 -0.29
CA TYR D 419 14.78 -42.79 -0.65
C TYR D 419 14.52 -41.30 -0.65
N LEU D 420 13.54 -40.88 -1.44
CA LEU D 420 13.28 -39.46 -1.62
C LEU D 420 12.82 -38.78 -0.33
N THR D 421 12.03 -39.48 0.49
CA THR D 421 11.56 -38.97 1.78
C THR D 421 12.75 -38.61 2.65
N ARG D 422 13.78 -39.48 2.65
CA ARG D 422 14.99 -39.27 3.44
C ARG D 422 15.84 -38.13 2.88
N VAL D 423 15.87 -38.00 1.56
CA VAL D 423 16.53 -36.86 0.92
C VAL D 423 15.89 -35.56 1.43
N GLN D 424 14.57 -35.52 1.44
CA GLN D 424 13.83 -34.38 2.02
C GLN D 424 14.21 -34.01 3.45
N GLU D 425 14.19 -35.03 4.31
CA GLU D 425 14.46 -34.85 5.71
C GLU D 425 15.80 -34.23 5.90
N VAL D 426 16.82 -34.85 5.30
CA VAL D 426 18.18 -34.41 5.47
C VAL D 426 18.36 -33.00 4.88
N ALA D 427 17.65 -32.73 3.79
CA ALA D 427 17.73 -31.44 3.08
C ALA D 427 17.16 -30.32 3.93
N GLY D 428 15.99 -30.56 4.51
CA GLY D 428 15.33 -29.59 5.34
C GLY D 428 14.35 -28.70 4.58
N VAL D 429 14.06 -29.03 3.33
CA VAL D 429 13.04 -28.30 2.57
C VAL D 429 12.30 -29.32 1.78
N PRO D 430 11.07 -29.00 1.35
CA PRO D 430 10.27 -29.99 0.65
C PRO D 430 10.74 -30.30 -0.75
N ILE D 431 10.40 -31.50 -1.22
CA ILE D 431 10.46 -31.85 -2.62
C ILE D 431 9.17 -31.32 -3.27
N ASP D 432 9.29 -30.28 -4.08
CA ASP D 432 8.13 -29.65 -4.71
C ASP D 432 7.82 -30.25 -6.09
N MET D 433 8.80 -30.89 -6.70
CA MET D 433 8.60 -31.49 -8.02
C MET D 433 9.51 -32.67 -8.22
N VAL D 434 9.03 -33.62 -9.00
CA VAL D 434 9.89 -34.68 -9.53
C VAL D 434 9.68 -34.80 -11.03
N SER D 435 10.72 -34.52 -11.81
CA SER D 435 10.66 -34.76 -13.25
C SER D 435 10.94 -36.25 -13.54
N THR D 436 9.93 -36.94 -14.04
CA THR D 436 10.07 -38.40 -14.37
C THR D 436 10.32 -38.75 -15.85
N GLY D 437 10.58 -37.73 -16.65
CA GLY D 437 10.87 -37.92 -18.06
C GLY D 437 10.87 -36.60 -18.78
N PRO D 438 11.11 -36.63 -20.11
CA PRO D 438 11.34 -35.41 -20.87
C PRO D 438 10.09 -34.59 -21.27
N ASP D 439 8.88 -35.15 -21.18
CA ASP D 439 7.68 -34.36 -21.50
C ASP D 439 7.11 -33.59 -20.33
N ARG D 440 6.43 -32.49 -20.65
CA ARG D 440 5.83 -31.62 -19.61
C ARG D 440 4.99 -32.44 -18.62
N ASP D 441 4.26 -33.42 -19.15
CA ASP D 441 3.37 -34.27 -18.36
C ASP D 441 4.07 -35.24 -17.40
N GLU D 442 5.33 -35.58 -17.66
CA GLU D 442 6.04 -36.55 -16.81
C GLU D 442 6.65 -35.83 -15.60
N THR D 443 5.76 -35.38 -14.72
CA THR D 443 6.10 -34.50 -13.63
C THR D 443 5.18 -34.86 -12.46
N ILE D 444 5.74 -34.97 -11.27
CA ILE D 444 4.94 -35.02 -10.03
C ILE D 444 4.96 -33.59 -9.53
N LEU D 445 3.80 -32.92 -9.44
CA LEU D 445 3.78 -31.55 -8.98
C LEU D 445 3.19 -31.40 -7.55
N LEU D 446 4.05 -31.11 -6.60
CA LEU D 446 3.63 -31.00 -5.21
C LEU D 446 3.38 -29.54 -4.83
N ARG D 447 4.09 -28.63 -5.45
CA ARG D 447 3.83 -27.23 -5.21
C ARG D 447 4.25 -26.49 -6.43
N HIS D 448 3.44 -25.52 -6.84
CA HIS D 448 3.74 -24.75 -8.05
C HIS D 448 4.62 -23.57 -7.75
N PRO D 449 5.82 -23.52 -8.37
CA PRO D 449 6.71 -22.41 -8.01
C PRO D 449 6.17 -21.00 -8.21
N PHE D 450 5.26 -20.82 -9.16
CA PHE D 450 4.76 -19.49 -9.50
C PHE D 450 3.48 -19.12 -8.76
N LYS D 451 2.99 -19.99 -7.89
CA LYS D 451 1.80 -19.70 -7.07
C LYS D 451 2.27 -19.57 -5.62
N VAL D 452 2.18 -18.39 -5.02
CA VAL D 452 2.50 -18.27 -3.60
C VAL D 452 1.67 -19.24 -2.78
#